data_2N72
#
_entry.id   2N72
#
_entity_poly.entity_id   1
_entity_poly.type   'polypeptide(L)'
_entity_poly.pdbx_seq_one_letter_code
;MQQKQQIMAALNSQTAVQFQQYAAQQYPGNYEQQQILIRQLQEQHYQQYMQQLYQVQLAQQQAALQKQQ
;
_entity_poly.pdbx_strand_id   A
#
# COMPACT_ATOMS: atom_id res chain seq x y z
N MET A 1 13.17 -16.29 -1.25
CA MET A 1 12.81 -15.59 0.01
C MET A 1 11.61 -14.64 -0.12
N GLN A 2 10.77 -14.62 0.92
CA GLN A 2 9.57 -13.79 0.92
C GLN A 2 9.87 -12.33 1.23
N GLN A 3 9.82 -11.49 0.21
CA GLN A 3 10.18 -10.08 0.34
C GLN A 3 9.00 -9.14 0.60
N LYS A 4 7.85 -9.71 0.96
CA LYS A 4 6.63 -8.93 1.16
C LYS A 4 6.73 -7.73 2.11
N GLN A 5 7.33 -7.92 3.28
CA GLN A 5 7.36 -6.85 4.28
C GLN A 5 8.21 -5.64 3.88
N GLN A 6 9.16 -5.82 2.96
CA GLN A 6 9.98 -4.70 2.48
C GLN A 6 9.10 -3.65 1.81
N ILE A 7 8.09 -4.13 1.11
CA ILE A 7 7.17 -3.27 0.38
C ILE A 7 6.36 -2.45 1.39
N MET A 8 5.98 -3.08 2.51
CA MET A 8 5.23 -2.38 3.55
C MET A 8 6.07 -1.27 4.18
N ALA A 9 7.36 -1.53 4.36
CA ALA A 9 8.26 -0.54 4.93
C ALA A 9 8.42 0.65 3.97
N ALA A 10 8.52 0.37 2.68
CA ALA A 10 8.65 1.42 1.67
C ALA A 10 7.37 2.27 1.65
N LEU A 11 6.23 1.61 1.63
CA LEU A 11 4.94 2.28 1.60
C LEU A 11 4.74 3.12 2.86
N ASN A 12 5.27 2.65 3.97
CA ASN A 12 5.18 3.38 5.23
C ASN A 12 5.78 4.77 5.08
N SER A 13 7.00 4.82 4.56
CA SER A 13 7.68 6.10 4.37
C SER A 13 6.98 6.98 3.35
N GLN A 14 6.45 6.36 2.29
CA GLN A 14 5.80 7.10 1.20
C GLN A 14 4.45 7.71 1.62
N THR A 15 3.77 7.09 2.57
CA THR A 15 2.43 7.52 2.95
C THR A 15 2.38 8.12 4.35
N ALA A 16 3.53 8.27 4.99
CA ALA A 16 3.59 8.71 6.39
C ALA A 16 2.84 10.01 6.66
N VAL A 17 3.33 11.13 6.12
CA VAL A 17 2.68 12.42 6.39
C VAL A 17 1.33 12.50 5.66
N GLN A 18 1.21 11.77 4.56
CA GLN A 18 -0.03 11.74 3.77
C GLN A 18 -1.18 11.23 4.63
N PHE A 19 -0.97 10.12 5.32
CA PHE A 19 -2.00 9.56 6.17
C PHE A 19 -2.06 10.27 7.52
N GLN A 20 -0.96 10.87 7.94
CA GLN A 20 -0.95 11.61 9.21
C GLN A 20 -1.92 12.77 9.19
N GLN A 21 -1.96 13.49 8.06
CA GLN A 21 -2.87 14.63 7.93
C GLN A 21 -4.32 14.16 8.04
N TYR A 22 -4.62 13.02 7.45
CA TYR A 22 -5.96 12.45 7.53
C TYR A 22 -6.29 11.96 8.93
N ALA A 23 -5.34 11.27 9.56
CA ALA A 23 -5.55 10.73 10.89
C ALA A 23 -5.85 11.81 11.91
N ALA A 24 -5.19 12.96 11.75
CA ALA A 24 -5.39 14.09 12.65
C ALA A 24 -6.81 14.67 12.52
N GLN A 25 -7.42 14.50 11.35
CA GLN A 25 -8.78 14.98 11.12
C GLN A 25 -9.79 14.05 11.79
N GLN A 26 -9.42 12.78 11.92
CA GLN A 26 -10.31 11.77 12.48
C GLN A 26 -10.21 11.63 13.99
N TYR A 27 -8.98 11.62 14.49
CA TYR A 27 -8.71 11.51 15.93
C TYR A 27 -7.88 12.71 16.39
N PRO A 28 -8.46 13.92 16.36
CA PRO A 28 -7.61 15.05 16.76
C PRO A 28 -7.27 15.00 18.24
N GLY A 29 -6.03 15.38 18.56
CA GLY A 29 -5.58 15.35 19.95
C GLY A 29 -5.10 13.99 20.44
N ASN A 30 -5.43 12.92 19.72
CA ASN A 30 -5.03 11.57 20.15
C ASN A 30 -3.96 11.03 19.22
N TYR A 31 -2.72 11.40 19.50
CA TYR A 31 -1.58 10.93 18.71
C TYR A 31 -1.54 9.42 18.65
N GLU A 32 -1.80 8.77 19.78
CA GLU A 32 -1.81 7.31 19.84
C GLU A 32 -2.81 6.69 18.85
N GLN A 33 -4.03 7.21 18.81
CA GLN A 33 -5.06 6.68 17.93
C GLN A 33 -4.79 7.03 16.50
N GLN A 34 -4.20 8.19 16.27
CA GLN A 34 -3.81 8.59 14.93
C GLN A 34 -2.84 7.56 14.36
N GLN A 35 -1.95 7.04 15.20
CA GLN A 35 -0.95 6.08 14.73
C GLN A 35 -1.59 4.74 14.40
N ILE A 36 -2.54 4.32 15.23
CA ILE A 36 -3.26 3.05 15.02
C ILE A 36 -4.03 3.13 13.70
N LEU A 37 -4.66 4.27 13.45
CA LEU A 37 -5.44 4.45 12.23
C LEU A 37 -4.53 4.35 11.01
N ILE A 38 -3.43 5.09 11.01
CA ILE A 38 -2.47 5.06 9.90
C ILE A 38 -1.97 3.65 9.63
N ARG A 39 -1.73 2.88 10.69
CA ARG A 39 -1.29 1.50 10.55
C ARG A 39 -2.29 0.69 9.72
N GLN A 40 -3.57 0.86 9.98
CA GLN A 40 -4.60 0.13 9.24
C GLN A 40 -4.77 0.67 7.81
N LEU A 41 -4.59 1.98 7.63
CA LEU A 41 -4.71 2.58 6.29
C LEU A 41 -3.63 1.99 5.38
N GLN A 42 -2.44 1.80 5.93
CA GLN A 42 -1.32 1.24 5.17
C GLN A 42 -1.58 -0.22 4.82
N GLU A 43 -2.22 -0.96 5.71
CA GLU A 43 -2.52 -2.37 5.47
C GLU A 43 -3.58 -2.50 4.36
N GLN A 44 -4.58 -1.64 4.39
CA GLN A 44 -5.63 -1.67 3.37
C GLN A 44 -5.05 -1.22 2.03
N HIS A 45 -4.15 -0.25 2.07
CA HIS A 45 -3.46 0.20 0.86
C HIS A 45 -2.63 -0.96 0.27
N TYR A 46 -2.10 -1.82 1.12
CA TYR A 46 -1.33 -2.97 0.66
C TYR A 46 -2.18 -3.92 -0.18
N GLN A 47 -3.46 -4.04 0.16
CA GLN A 47 -4.36 -4.89 -0.60
C GLN A 47 -4.55 -4.31 -2.00
N GLN A 48 -4.72 -2.99 -2.07
CA GLN A 48 -4.86 -2.30 -3.35
C GLN A 48 -3.57 -2.44 -4.17
N TYR A 49 -2.44 -2.32 -3.50
CA TYR A 49 -1.14 -2.43 -4.13
C TYR A 49 -0.98 -3.82 -4.76
N MET A 50 -1.45 -4.85 -4.08
CA MET A 50 -1.36 -6.21 -4.60
C MET A 50 -2.26 -6.41 -5.82
N GLN A 51 -3.44 -5.81 -5.79
CA GLN A 51 -4.35 -5.89 -6.93
C GLN A 51 -3.77 -5.16 -8.12
N GLN A 52 -3.11 -4.04 -7.88
CA GLN A 52 -2.46 -3.29 -8.94
C GLN A 52 -1.35 -4.12 -9.56
N LEU A 53 -0.56 -4.79 -8.73
CA LEU A 53 0.57 -5.59 -9.23
C LEU A 53 0.10 -6.76 -10.09
N TYR A 54 -1.08 -7.28 -9.84
CA TYR A 54 -1.63 -8.35 -10.68
C TYR A 54 -1.88 -7.83 -12.10
N GLN A 55 -2.36 -6.59 -12.22
CA GLN A 55 -2.62 -6.01 -13.53
C GLN A 55 -1.30 -5.68 -14.23
N VAL A 56 -0.32 -5.26 -13.45
CA VAL A 56 1.02 -4.93 -13.97
C VAL A 56 1.67 -6.21 -14.51
N GLN A 57 1.47 -7.31 -13.80
CA GLN A 57 1.99 -8.61 -14.25
C GLN A 57 1.43 -8.94 -15.62
N LEU A 58 0.12 -8.82 -15.79
CA LEU A 58 -0.51 -9.10 -17.06
C LEU A 58 -0.07 -8.13 -18.16
N ALA A 59 0.14 -6.87 -17.80
CA ALA A 59 0.62 -5.87 -18.75
C ALA A 59 1.97 -6.28 -19.32
N GLN A 60 2.85 -6.75 -18.45
CA GLN A 60 4.16 -7.18 -18.90
C GLN A 60 4.06 -8.46 -19.72
N GLN A 61 3.13 -9.34 -19.38
CA GLN A 61 2.96 -10.58 -20.14
C GLN A 61 2.49 -10.29 -21.57
N GLN A 62 1.51 -9.41 -21.75
CA GLN A 62 1.01 -9.11 -23.08
C GLN A 62 2.08 -8.38 -23.90
N ALA A 63 2.93 -7.61 -23.24
CA ALA A 63 4.01 -6.89 -23.92
C ALA A 63 5.02 -7.87 -24.53
N ALA A 64 5.16 -9.03 -23.91
CA ALA A 64 6.08 -10.05 -24.40
C ALA A 64 5.41 -10.98 -25.42
N LEU A 65 4.08 -11.04 -25.40
CA LEU A 65 3.33 -11.97 -26.25
C LEU A 65 2.93 -11.35 -27.58
N GLN A 66 2.50 -10.08 -27.54
CA GLN A 66 2.09 -9.32 -28.73
C GLN A 66 1.15 -10.08 -29.68
N LYS A 67 0.26 -10.88 -29.10
CA LYS A 67 -0.70 -11.66 -29.90
C LYS A 67 -2.03 -10.92 -30.01
N GLN A 68 -1.96 -9.61 -29.87
CA GLN A 68 -3.07 -8.71 -29.95
C GLN A 68 -2.39 -7.46 -30.48
N GLN A 69 -3.21 -6.55 -31.01
CA GLN A 69 -2.82 -5.25 -31.60
C GLN A 69 -2.21 -5.39 -33.00
N MET A 1 12.80 -9.32 -3.23
CA MET A 1 11.98 -10.36 -3.89
C MET A 1 10.97 -11.08 -3.00
N GLN A 2 11.48 -11.70 -1.92
CA GLN A 2 10.65 -12.43 -0.95
C GLN A 2 10.37 -11.59 0.29
N GLN A 3 11.07 -10.48 0.39
CA GLN A 3 11.02 -9.63 1.58
C GLN A 3 9.81 -8.69 1.58
N LYS A 4 8.64 -9.25 1.90
CA LYS A 4 7.36 -8.49 1.93
C LYS A 4 7.43 -7.16 2.71
N GLN A 5 8.18 -7.16 3.80
CA GLN A 5 8.26 -6.00 4.67
C GLN A 5 9.00 -4.82 4.04
N GLN A 6 9.93 -5.08 3.12
CA GLN A 6 10.65 -4.00 2.44
C GLN A 6 9.66 -3.15 1.65
N ILE A 7 8.72 -3.84 1.02
CA ILE A 7 7.75 -3.21 0.16
C ILE A 7 6.82 -2.36 1.03
N MET A 8 6.41 -2.91 2.16
CA MET A 8 5.56 -2.16 3.10
C MET A 8 6.30 -0.93 3.63
N ALA A 9 7.58 -1.07 3.93
CA ALA A 9 8.35 0.08 4.45
C ALA A 9 8.41 1.21 3.41
N ALA A 10 8.58 0.84 2.15
CA ALA A 10 8.61 1.84 1.08
C ALA A 10 7.24 2.52 0.91
N LEU A 11 6.17 1.74 0.93
CA LEU A 11 4.81 2.28 0.81
C LEU A 11 4.49 3.18 2.00
N ASN A 12 4.92 2.76 3.18
CA ASN A 12 4.68 3.55 4.39
C ASN A 12 5.39 4.88 4.28
N SER A 13 6.57 4.90 3.68
CA SER A 13 7.32 6.16 3.55
C SER A 13 6.59 7.14 2.62
N GLN A 14 5.91 6.62 1.60
CA GLN A 14 5.20 7.47 0.63
C GLN A 14 3.92 8.06 1.23
N THR A 15 3.36 7.38 2.23
CA THR A 15 2.05 7.75 2.77
C THR A 15 2.10 8.28 4.21
N ALA A 16 3.28 8.27 4.80
CA ALA A 16 3.44 8.64 6.21
C ALA A 16 2.76 9.97 6.57
N VAL A 17 3.18 11.06 5.96
CA VAL A 17 2.60 12.37 6.27
C VAL A 17 1.21 12.54 5.65
N GLN A 18 0.97 11.87 4.54
CA GLN A 18 -0.32 12.00 3.84
C GLN A 18 -1.45 11.47 4.71
N PHE A 19 -1.26 10.28 5.27
CA PHE A 19 -2.25 9.66 6.13
C PHE A 19 -2.26 10.35 7.50
N GLN A 20 -1.15 10.97 7.88
CA GLN A 20 -1.07 11.68 9.14
C GLN A 20 -2.05 12.85 9.20
N GLN A 21 -2.18 13.59 8.09
CA GLN A 21 -3.12 14.72 8.08
C GLN A 21 -4.55 14.22 8.23
N TYR A 22 -4.87 13.12 7.56
CA TYR A 22 -6.20 12.52 7.66
C TYR A 22 -6.44 11.99 9.08
N ALA A 23 -5.43 11.37 9.65
CA ALA A 23 -5.56 10.83 11.00
C ALA A 23 -5.76 11.94 12.01
N ALA A 24 -5.09 13.08 11.82
CA ALA A 24 -5.22 14.21 12.72
C ALA A 24 -6.61 14.81 12.61
N GLN A 25 -7.22 14.72 11.44
CA GLN A 25 -8.56 15.23 11.22
C GLN A 25 -9.61 14.37 11.94
N GLN A 26 -9.29 13.11 12.10
CA GLN A 26 -10.20 12.13 12.70
C GLN A 26 -10.02 12.00 14.22
N TYR A 27 -8.77 11.92 14.64
CA TYR A 27 -8.44 11.80 16.07
C TYR A 27 -7.52 12.93 16.51
N PRO A 28 -8.02 14.18 16.52
CA PRO A 28 -7.10 15.25 16.91
C PRO A 28 -6.72 15.16 18.39
N GLY A 29 -5.46 15.47 18.69
CA GLY A 29 -4.96 15.42 20.07
C GLY A 29 -4.56 14.04 20.55
N ASN A 30 -4.91 12.98 19.81
CA ASN A 30 -4.59 11.62 20.22
C ASN A 30 -3.59 10.98 19.27
N TYR A 31 -2.30 11.21 19.53
CA TYR A 31 -1.23 10.65 18.70
C TYR A 31 -1.34 9.14 18.57
N GLU A 32 -1.62 8.44 19.66
CA GLU A 32 -1.72 6.99 19.60
C GLU A 32 -2.85 6.49 18.70
N GLN A 33 -4.01 7.12 18.79
CA GLN A 33 -5.16 6.73 17.96
C GLN A 33 -4.90 7.07 16.52
N GLN A 34 -4.23 8.18 16.29
CA GLN A 34 -3.85 8.57 14.94
C GLN A 34 -2.96 7.47 14.33
N GLN A 35 -2.12 6.86 15.15
CA GLN A 35 -1.19 5.83 14.64
C GLN A 35 -1.93 4.53 14.35
N ILE A 36 -2.91 4.20 15.17
CA ILE A 36 -3.71 2.99 14.98
C ILE A 36 -4.41 3.09 13.62
N LEU A 37 -4.99 4.25 13.34
CA LEU A 37 -5.69 4.46 12.08
C LEU A 37 -4.74 4.33 10.89
N ILE A 38 -3.63 5.03 10.94
CA ILE A 38 -2.64 4.99 9.85
C ILE A 38 -2.16 3.57 9.55
N ARG A 39 -1.89 2.77 10.57
CA ARG A 39 -1.44 1.38 10.34
C ARG A 39 -2.52 0.59 9.61
N GLN A 40 -3.78 0.79 9.96
CA GLN A 40 -4.88 0.09 9.33
C GLN A 40 -4.97 0.47 7.84
N LEU A 41 -4.76 1.75 7.55
CA LEU A 41 -4.82 2.23 6.16
C LEU A 41 -3.71 1.61 5.32
N GLN A 42 -2.51 1.53 5.90
CA GLN A 42 -1.33 1.03 5.19
C GLN A 42 -1.44 -0.46 4.90
N GLU A 43 -2.05 -1.21 5.81
CA GLU A 43 -2.27 -2.64 5.61
C GLU A 43 -3.21 -2.87 4.41
N GLN A 44 -4.26 -2.09 4.32
CA GLN A 44 -5.19 -2.20 3.20
C GLN A 44 -4.55 -1.72 1.88
N HIS A 45 -3.72 -0.70 1.96
CA HIS A 45 -3.02 -0.18 0.78
C HIS A 45 -2.06 -1.24 0.21
N TYR A 46 -1.48 -2.04 1.09
CA TYR A 46 -0.58 -3.11 0.65
C TYR A 46 -1.29 -4.12 -0.25
N GLN A 47 -2.55 -4.38 0.01
CA GLN A 47 -3.34 -5.30 -0.82
C GLN A 47 -3.43 -4.81 -2.26
N GLN A 48 -3.60 -3.50 -2.45
CA GLN A 48 -3.70 -2.95 -3.80
C GLN A 48 -2.38 -3.18 -4.55
N TYR A 49 -1.27 -2.96 -3.87
CA TYR A 49 0.04 -3.17 -4.49
C TYR A 49 0.25 -4.64 -4.86
N MET A 50 -0.18 -5.54 -3.99
CA MET A 50 -0.03 -6.97 -4.25
C MET A 50 -0.82 -7.40 -5.48
N GLN A 51 -2.02 -6.86 -5.63
CA GLN A 51 -2.85 -7.17 -6.81
C GLN A 51 -2.28 -6.50 -8.07
N GLN A 52 -1.70 -5.33 -7.91
CA GLN A 52 -1.10 -4.62 -9.04
C GLN A 52 0.07 -5.41 -9.58
N LEU A 53 0.89 -5.99 -8.70
CA LEU A 53 2.06 -6.76 -9.14
C LEU A 53 1.66 -7.95 -10.01
N TYR A 54 0.51 -8.53 -9.77
CA TYR A 54 0.01 -9.64 -10.58
C TYR A 54 -0.27 -9.15 -12.01
N GLN A 55 -0.83 -7.96 -12.15
CA GLN A 55 -1.12 -7.41 -13.48
C GLN A 55 0.18 -7.06 -14.19
N VAL A 56 1.16 -6.57 -13.44
CA VAL A 56 2.47 -6.22 -13.99
C VAL A 56 3.19 -7.49 -14.44
N GLN A 57 3.03 -8.57 -13.68
CA GLN A 57 3.63 -9.84 -14.05
C GLN A 57 3.07 -10.30 -15.38
N LEU A 58 1.76 -10.21 -15.54
CA LEU A 58 1.13 -10.63 -16.79
C LEU A 58 1.53 -9.72 -17.96
N ALA A 59 1.76 -8.44 -17.66
CA ALA A 59 2.19 -7.50 -18.69
C ALA A 59 3.55 -7.93 -19.22
N GLN A 60 4.43 -8.33 -18.32
CA GLN A 60 5.76 -8.78 -18.71
C GLN A 60 5.67 -10.07 -19.51
N GLN A 61 4.77 -10.95 -19.09
CA GLN A 61 4.57 -12.23 -19.80
C GLN A 61 4.08 -12.02 -21.23
N GLN A 62 3.07 -11.18 -21.42
CA GLN A 62 2.52 -10.99 -22.77
C GLN A 62 3.53 -10.28 -23.68
N ALA A 63 4.40 -9.47 -23.09
CA ALA A 63 5.43 -8.76 -23.86
C ALA A 63 6.39 -9.77 -24.49
N ALA A 64 6.68 -10.84 -23.78
CA ALA A 64 7.58 -11.89 -24.25
C ALA A 64 6.88 -12.87 -25.21
N LEU A 65 5.57 -13.01 -25.05
CA LEU A 65 4.80 -13.99 -25.81
C LEU A 65 4.39 -13.48 -27.18
N GLN A 66 3.85 -12.26 -27.20
CA GLN A 66 3.34 -11.62 -28.43
C GLN A 66 2.42 -12.52 -29.24
N LYS A 67 1.58 -13.29 -28.58
CA LYS A 67 0.67 -14.25 -29.25
C LYS A 67 -0.70 -13.68 -29.60
N GLN A 68 -0.82 -12.35 -29.62
CA GLN A 68 -2.08 -11.72 -30.00
C GLN A 68 -2.03 -11.42 -31.50
N GLN A 69 -2.35 -12.43 -32.31
CA GLN A 69 -2.42 -12.30 -33.78
C GLN A 69 -3.83 -11.93 -34.22
N MET A 1 6.34 -14.44 1.25
CA MET A 1 7.48 -15.22 0.67
C MET A 1 8.63 -14.37 0.17
N GLN A 2 8.31 -13.07 0.00
CA GLN A 2 9.27 -12.05 -0.43
C GLN A 2 9.38 -10.93 0.61
N GLN A 3 9.36 -11.34 1.88
CA GLN A 3 9.47 -10.44 3.04
C GLN A 3 8.56 -9.20 2.92
N LYS A 4 7.25 -9.43 2.93
CA LYS A 4 6.26 -8.36 2.75
C LYS A 4 6.46 -7.11 3.61
N GLN A 5 7.01 -7.28 4.80
CA GLN A 5 7.25 -6.15 5.69
C GLN A 5 8.23 -5.12 5.10
N GLN A 6 9.13 -5.55 4.23
CA GLN A 6 10.07 -4.63 3.57
C GLN A 6 9.30 -3.68 2.66
N ILE A 7 8.35 -4.24 1.94
CA ILE A 7 7.55 -3.48 0.98
C ILE A 7 6.66 -2.53 1.76
N MET A 8 6.09 -3.01 2.86
CA MET A 8 5.24 -2.17 3.70
C MET A 8 6.04 -0.99 4.25
N ALA A 9 7.27 -1.21 4.69
CA ALA A 9 8.10 -0.12 5.22
C ALA A 9 8.35 0.95 4.14
N ALA A 10 8.58 0.51 2.91
CA ALA A 10 8.81 1.45 1.81
C ALA A 10 7.54 2.27 1.53
N LEU A 11 6.40 1.60 1.47
CA LEU A 11 5.11 2.27 1.20
C LEU A 11 4.77 3.25 2.32
N ASN A 12 5.03 2.84 3.55
CA ASN A 12 4.72 3.66 4.72
C ASN A 12 5.48 4.96 4.68
N SER A 13 6.70 4.93 4.15
CA SER A 13 7.53 6.13 4.06
C SER A 13 6.97 7.14 3.07
N GLN A 14 6.29 6.66 2.03
CA GLN A 14 5.74 7.55 1.01
C GLN A 14 4.49 8.28 1.51
N THR A 15 3.68 7.57 2.27
CA THR A 15 2.37 8.09 2.69
C THR A 15 2.37 8.67 4.10
N ALA A 16 3.48 8.58 4.81
CA ALA A 16 3.56 8.95 6.22
C ALA A 16 2.80 10.22 6.63
N VAL A 17 3.27 11.37 6.18
CA VAL A 17 2.67 12.64 6.61
C VAL A 17 1.27 12.84 6.00
N GLN A 18 1.04 12.29 4.82
CA GLN A 18 -0.26 12.47 4.16
C GLN A 18 -1.35 11.72 4.95
N PHE A 19 -1.02 10.50 5.38
CA PHE A 19 -1.94 9.72 6.18
C PHE A 19 -2.06 10.33 7.56
N GLN A 20 -1.00 10.98 8.04
CA GLN A 20 -1.05 11.65 9.35
C GLN A 20 -2.05 12.82 9.32
N GLN A 21 -2.11 13.54 8.21
CA GLN A 21 -3.07 14.65 8.09
C GLN A 21 -4.49 14.10 8.15
N TYR A 22 -4.73 12.98 7.48
CA TYR A 22 -6.05 12.35 7.53
C TYR A 22 -6.34 11.84 8.93
N ALA A 23 -5.36 11.21 9.56
CA ALA A 23 -5.54 10.65 10.89
C ALA A 23 -5.87 11.75 11.91
N ALA A 24 -5.24 12.90 11.77
CA ALA A 24 -5.49 14.03 12.66
C ALA A 24 -6.88 14.62 12.43
N GLN A 25 -7.44 14.42 11.24
CA GLN A 25 -8.78 14.91 10.94
C GLN A 25 -9.84 14.00 11.60
N GLN A 26 -9.43 12.80 11.96
CA GLN A 26 -10.33 11.83 12.59
C GLN A 26 -10.15 11.78 14.10
N TYR A 27 -8.90 11.71 14.54
CA TYR A 27 -8.56 11.67 15.96
C TYR A 27 -7.63 12.83 16.34
N PRO A 28 -8.14 14.07 16.34
CA PRO A 28 -7.20 15.16 16.63
C PRO A 28 -6.66 15.11 18.05
N GLY A 29 -5.38 15.44 18.19
CA GLY A 29 -4.74 15.41 19.50
C GLY A 29 -4.28 14.05 19.97
N ASN A 30 -4.96 12.99 19.55
CA ASN A 30 -4.63 11.64 20.03
C ASN A 30 -3.62 10.98 19.13
N TYR A 31 -2.34 11.22 19.42
CA TYR A 31 -1.25 10.66 18.64
C TYR A 31 -1.34 9.14 18.53
N GLU A 32 -1.60 8.46 19.63
CA GLU A 32 -1.67 7.00 19.61
C GLU A 32 -2.77 6.50 18.68
N GLN A 33 -3.97 7.08 18.77
CA GLN A 33 -5.09 6.66 17.93
C GLN A 33 -4.80 6.99 16.47
N GLN A 34 -4.18 8.13 16.25
CA GLN A 34 -3.78 8.53 14.91
C GLN A 34 -2.88 7.47 14.32
N GLN A 35 -2.00 6.91 15.13
CA GLN A 35 -1.03 5.93 14.63
C GLN A 35 -1.69 4.59 14.34
N ILE A 36 -2.67 4.22 15.15
CA ILE A 36 -3.43 3.00 14.93
C ILE A 36 -4.11 3.10 13.58
N LEU A 37 -4.76 4.24 13.34
CA LEU A 37 -5.49 4.47 12.10
C LEU A 37 -4.56 4.44 10.89
N ILE A 38 -3.43 5.12 10.97
CA ILE A 38 -2.46 5.14 9.87
C ILE A 38 -2.01 3.73 9.53
N ARG A 39 -1.76 2.88 10.52
CA ARG A 39 -1.37 1.50 10.24
C ARG A 39 -2.49 0.72 9.58
N GLN A 40 -3.74 0.98 9.96
CA GLN A 40 -4.89 0.32 9.32
C GLN A 40 -4.98 0.75 7.86
N LEU A 41 -4.74 2.02 7.57
CA LEU A 41 -4.77 2.51 6.19
C LEU A 41 -3.70 1.81 5.39
N GLN A 42 -2.50 1.74 5.96
CA GLN A 42 -1.36 1.13 5.28
C GLN A 42 -1.56 -0.35 5.03
N GLU A 43 -2.23 -1.04 5.96
CA GLU A 43 -2.54 -2.46 5.76
C GLU A 43 -3.53 -2.64 4.62
N GLN A 44 -4.61 -1.84 4.64
CA GLN A 44 -5.61 -1.93 3.58
C GLN A 44 -5.02 -1.56 2.21
N HIS A 45 -4.18 -0.53 2.20
CA HIS A 45 -3.55 -0.11 0.96
C HIS A 45 -2.47 -1.10 0.51
N TYR A 46 -2.00 -1.98 1.39
CA TYR A 46 -1.07 -3.03 0.95
C TYR A 46 -1.83 -4.01 0.06
N GLN A 47 -3.08 -4.26 0.39
CA GLN A 47 -3.91 -5.15 -0.43
C GLN A 47 -4.10 -4.49 -1.80
N GLN A 48 -4.36 -3.19 -1.80
CA GLN A 48 -4.50 -2.42 -3.04
C GLN A 48 -3.21 -2.47 -3.86
N TYR A 49 -2.07 -2.36 -3.18
CA TYR A 49 -0.77 -2.40 -3.85
C TYR A 49 -0.54 -3.75 -4.51
N MET A 50 -1.00 -4.82 -3.88
CA MET A 50 -0.88 -6.15 -4.46
C MET A 50 -1.73 -6.27 -5.72
N GLN A 51 -2.92 -5.69 -5.70
CA GLN A 51 -3.79 -5.68 -6.87
C GLN A 51 -3.16 -4.83 -7.98
N GLN A 52 -2.56 -3.71 -7.60
CA GLN A 52 -1.91 -2.83 -8.56
C GLN A 52 -0.73 -3.54 -9.22
N LEU A 53 0.05 -4.27 -8.45
CA LEU A 53 1.20 -4.99 -8.99
C LEU A 53 0.77 -6.05 -10.00
N TYR A 54 -0.41 -6.61 -9.83
CA TYR A 54 -0.95 -7.56 -10.80
C TYR A 54 -1.24 -6.86 -12.13
N GLN A 55 -1.74 -5.63 -12.07
CA GLN A 55 -2.01 -4.84 -13.28
C GLN A 55 -0.69 -4.51 -13.97
N VAL A 56 0.33 -4.22 -13.18
CA VAL A 56 1.65 -3.90 -13.74
C VAL A 56 2.21 -5.14 -14.40
N GLN A 57 2.05 -6.29 -13.75
CA GLN A 57 2.52 -7.55 -14.30
C GLN A 57 1.88 -7.84 -15.65
N LEU A 58 0.57 -7.75 -15.72
CA LEU A 58 -0.14 -8.08 -16.95
C LEU A 58 0.12 -7.05 -18.04
N ALA A 59 0.41 -5.82 -17.63
CA ALA A 59 0.77 -4.78 -18.59
C ALA A 59 2.05 -5.21 -19.30
N GLN A 60 2.99 -5.73 -18.54
CA GLN A 60 4.26 -6.17 -19.12
C GLN A 60 4.02 -7.36 -20.05
N GLN A 61 3.06 -8.21 -19.71
CA GLN A 61 2.73 -9.36 -20.56
C GLN A 61 2.26 -8.88 -21.94
N GLN A 62 1.30 -7.96 -21.98
CA GLN A 62 0.79 -7.49 -23.28
C GLN A 62 1.85 -6.71 -24.04
N ALA A 63 2.72 -5.99 -23.33
CA ALA A 63 3.78 -5.23 -23.96
C ALA A 63 4.77 -6.16 -24.67
N ALA A 64 4.98 -7.34 -24.11
CA ALA A 64 5.88 -8.33 -24.70
C ALA A 64 5.21 -9.10 -25.85
N LEU A 65 3.88 -9.15 -25.84
CA LEU A 65 3.14 -9.95 -26.81
C LEU A 65 2.77 -9.17 -28.06
N GLN A 66 2.30 -7.95 -27.89
CA GLN A 66 1.88 -7.06 -29.00
C GLN A 66 0.88 -7.74 -29.97
N LYS A 67 0.03 -8.61 -29.45
CA LYS A 67 -0.94 -9.35 -30.30
C LYS A 67 -2.35 -8.76 -30.24
N GLN A 68 -2.46 -7.53 -29.75
CA GLN A 68 -3.76 -6.87 -29.63
C GLN A 68 -3.86 -5.75 -30.67
N GLN A 69 -4.05 -6.19 -31.93
CA GLN A 69 -4.19 -5.29 -33.11
C GLN A 69 -3.02 -4.29 -33.24
N MET A 1 10.12 -14.60 -2.07
CA MET A 1 8.72 -14.35 -2.51
C MET A 1 7.82 -13.99 -1.34
N GLN A 2 8.33 -14.37 -0.15
CA GLN A 2 7.60 -14.21 1.10
C GLN A 2 7.89 -12.86 1.79
N GLN A 3 8.82 -12.10 1.24
CA GLN A 3 9.19 -10.81 1.82
C GLN A 3 8.13 -9.78 1.49
N LYS A 4 7.47 -9.26 2.51
CA LYS A 4 6.43 -8.24 2.31
C LYS A 4 6.75 -6.89 2.94
N GLN A 5 7.40 -6.85 4.11
CA GLN A 5 7.71 -5.57 4.77
C GLN A 5 8.61 -4.69 3.91
N GLN A 6 9.48 -5.29 3.11
CA GLN A 6 10.34 -4.55 2.20
C GLN A 6 9.52 -3.65 1.26
N ILE A 7 8.40 -4.17 0.80
CA ILE A 7 7.53 -3.45 -0.13
C ILE A 7 6.72 -2.41 0.66
N MET A 8 6.21 -2.83 1.81
CA MET A 8 5.37 -1.96 2.64
C MET A 8 6.12 -0.72 3.11
N ALA A 9 7.40 -0.86 3.45
CA ALA A 9 8.20 0.25 3.89
C ALA A 9 8.28 1.35 2.82
N ALA A 10 8.44 0.93 1.57
CA ALA A 10 8.54 1.88 0.46
C ALA A 10 7.24 2.63 0.24
N LEU A 11 6.11 1.94 0.35
CA LEU A 11 4.80 2.57 0.20
C LEU A 11 4.54 3.54 1.37
N ASN A 12 4.94 3.14 2.56
CA ASN A 12 4.73 3.93 3.77
C ASN A 12 5.41 5.29 3.63
N SER A 13 6.55 5.33 2.97
CA SER A 13 7.28 6.58 2.79
C SER A 13 6.48 7.60 1.97
N GLN A 14 5.87 7.15 0.89
CA GLN A 14 5.15 8.03 -0.02
C GLN A 14 3.87 8.59 0.63
N THR A 15 3.27 7.81 1.52
CA THR A 15 1.98 8.18 2.13
C THR A 15 2.12 8.69 3.55
N ALA A 16 3.35 8.84 4.02
CA ALA A 16 3.61 9.15 5.44
C ALA A 16 2.84 10.36 5.97
N VAL A 17 3.20 11.54 5.51
CA VAL A 17 2.59 12.77 6.00
C VAL A 17 1.15 12.89 5.52
N GLN A 18 0.85 12.27 4.39
CA GLN A 18 -0.51 12.27 3.84
C GLN A 18 -1.47 11.59 4.81
N PHE A 19 -1.13 10.40 5.27
CA PHE A 19 -1.98 9.67 6.20
C PHE A 19 -1.92 10.31 7.57
N GLN A 20 -0.81 10.95 7.92
CA GLN A 20 -0.69 11.62 9.21
C GLN A 20 -1.68 12.78 9.33
N GLN A 21 -1.84 13.57 8.27
CA GLN A 21 -2.79 14.68 8.28
C GLN A 21 -4.20 14.13 8.31
N TYR A 22 -4.44 13.07 7.54
CA TYR A 22 -5.76 12.43 7.54
C TYR A 22 -6.14 11.92 8.93
N ALA A 23 -5.20 11.31 9.63
CA ALA A 23 -5.46 10.76 10.94
C ALA A 23 -5.75 11.85 11.96
N ALA A 24 -5.08 12.98 11.83
CA ALA A 24 -5.34 14.12 12.71
C ALA A 24 -6.74 14.67 12.44
N GLN A 25 -7.22 14.49 11.22
CA GLN A 25 -8.54 14.98 10.81
C GLN A 25 -9.63 14.00 11.26
N GLN A 26 -9.24 12.86 11.80
CA GLN A 26 -10.21 11.89 12.34
C GLN A 26 -10.18 11.80 13.86
N TYR A 27 -8.98 11.69 14.43
CA TYR A 27 -8.82 11.61 15.88
C TYR A 27 -7.95 12.76 16.38
N PRO A 28 -8.47 14.00 16.36
CA PRO A 28 -7.60 15.08 16.83
C PRO A 28 -7.33 14.99 18.34
N GLY A 29 -6.10 15.30 18.73
CA GLY A 29 -5.70 15.23 20.11
C GLY A 29 -5.25 13.86 20.58
N ASN A 30 -5.54 12.80 19.83
CA ASN A 30 -5.18 11.44 20.23
C ASN A 30 -4.09 10.86 19.37
N TYR A 31 -2.85 11.14 19.73
CA TYR A 31 -1.70 10.63 18.98
C TYR A 31 -1.72 9.11 18.84
N GLU A 32 -2.02 8.42 19.92
CA GLU A 32 -2.05 6.94 19.88
C GLU A 32 -3.06 6.43 18.86
N GLN A 33 -4.27 6.98 18.85
CA GLN A 33 -5.30 6.52 17.91
C GLN A 33 -4.94 6.92 16.49
N GLN A 34 -4.32 8.08 16.34
CA GLN A 34 -3.87 8.51 15.02
C GLN A 34 -2.91 7.47 14.44
N GLN A 35 -2.06 6.90 15.29
CA GLN A 35 -1.07 5.93 14.81
C GLN A 35 -1.73 4.61 14.44
N ILE A 36 -2.72 4.21 15.22
CA ILE A 36 -3.49 2.99 14.98
C ILE A 36 -4.21 3.10 13.64
N LEU A 37 -4.81 4.26 13.40
CA LEU A 37 -5.52 4.49 12.14
C LEU A 37 -4.57 4.40 10.95
N ILE A 38 -3.44 5.07 11.02
CA ILE A 38 -2.45 5.04 9.94
C ILE A 38 -2.00 3.60 9.71
N ARG A 39 -1.80 2.83 10.77
CA ARG A 39 -1.42 1.41 10.64
C ARG A 39 -2.46 0.65 9.81
N GLN A 40 -3.74 0.86 10.06
CA GLN A 40 -4.78 0.25 9.25
C GLN A 40 -4.76 0.76 7.80
N LEU A 41 -4.56 2.06 7.62
CA LEU A 41 -4.56 2.63 6.28
C LEU A 41 -3.44 2.01 5.43
N GLN A 42 -2.26 1.87 6.01
CA GLN A 42 -1.12 1.31 5.29
C GLN A 42 -1.35 -0.16 4.93
N GLU A 43 -1.95 -0.92 5.84
CA GLU A 43 -2.21 -2.33 5.58
C GLU A 43 -3.26 -2.46 4.46
N GLN A 44 -4.27 -1.60 4.47
CA GLN A 44 -5.30 -1.64 3.44
C GLN A 44 -4.79 -1.24 2.07
N HIS A 45 -3.97 -0.19 2.02
CA HIS A 45 -3.42 0.26 0.73
C HIS A 45 -2.46 -0.78 0.16
N TYR A 46 -1.81 -1.54 1.03
CA TYR A 46 -0.95 -2.63 0.59
C TYR A 46 -1.73 -3.71 -0.15
N GLN A 47 -2.99 -3.94 0.20
CA GLN A 47 -3.79 -4.97 -0.46
C GLN A 47 -4.03 -4.60 -1.93
N GLN A 48 -4.22 -3.32 -2.21
CA GLN A 48 -4.37 -2.84 -3.58
C GLN A 48 -3.12 -3.15 -4.40
N TYR A 49 -1.96 -3.01 -3.78
CA TYR A 49 -0.69 -3.31 -4.44
C TYR A 49 -0.61 -4.81 -4.75
N MET A 50 -1.05 -5.64 -3.80
CA MET A 50 -1.06 -7.07 -4.03
C MET A 50 -2.04 -7.46 -5.14
N GLN A 51 -3.19 -6.80 -5.17
CA GLN A 51 -4.19 -7.07 -6.21
C GLN A 51 -3.67 -6.67 -7.58
N GLN A 52 -2.99 -5.54 -7.67
CA GLN A 52 -2.44 -5.11 -8.94
C GLN A 52 -1.43 -6.14 -9.44
N LEU A 53 -0.58 -6.62 -8.55
CA LEU A 53 0.42 -7.62 -8.91
C LEU A 53 -0.22 -8.93 -9.39
N TYR A 54 -1.41 -9.23 -8.91
CA TYR A 54 -2.12 -10.43 -9.33
C TYR A 54 -2.57 -10.30 -10.79
N GLN A 55 -2.98 -9.10 -11.18
CA GLN A 55 -3.38 -8.85 -12.58
C GLN A 55 -2.16 -8.91 -13.49
N VAL A 56 -1.04 -8.43 -12.98
CA VAL A 56 0.21 -8.44 -13.72
C VAL A 56 0.69 -9.88 -13.90
N GLN A 57 0.55 -10.71 -12.86
CA GLN A 57 0.87 -12.12 -12.96
C GLN A 57 0.01 -12.80 -14.02
N LEU A 58 -1.28 -12.52 -14.02
CA LEU A 58 -2.16 -13.12 -15.00
C LEU A 58 -1.84 -12.66 -16.42
N ALA A 59 -1.43 -11.41 -16.58
CA ALA A 59 -1.09 -10.86 -17.89
C ALA A 59 0.08 -11.66 -18.51
N GLN A 60 1.02 -12.05 -17.68
CA GLN A 60 2.15 -12.82 -18.14
C GLN A 60 1.68 -14.23 -18.54
N GLN A 61 0.74 -14.78 -17.80
CA GLN A 61 0.17 -16.10 -18.17
C GLN A 61 -0.59 -15.99 -19.49
N GLN A 62 -1.33 -14.91 -19.68
CA GLN A 62 -2.08 -14.70 -20.91
C GLN A 62 -1.16 -14.66 -22.11
N ALA A 63 -0.01 -14.04 -21.94
CA ALA A 63 0.95 -13.88 -23.01
C ALA A 63 1.45 -15.23 -23.53
N ALA A 64 1.54 -16.19 -22.62
CA ALA A 64 2.01 -17.53 -22.97
C ALA A 64 0.88 -18.46 -23.43
N LEU A 65 -0.32 -18.26 -22.90
CA LEU A 65 -1.43 -19.17 -23.16
C LEU A 65 -2.14 -18.82 -24.44
N GLN A 66 -2.36 -17.51 -24.63
CA GLN A 66 -3.08 -16.96 -25.77
C GLN A 66 -4.37 -17.74 -26.09
N LYS A 67 -5.05 -18.17 -25.03
CA LYS A 67 -6.27 -18.96 -25.16
C LYS A 67 -7.47 -18.00 -25.32
N GLN A 68 -7.58 -17.44 -26.51
CA GLN A 68 -8.62 -16.47 -26.84
C GLN A 68 -9.55 -17.02 -27.92
N GLN A 69 -9.73 -18.35 -27.91
CA GLN A 69 -10.61 -19.13 -28.84
C GLN A 69 -10.17 -19.05 -30.32
N MET A 1 5.50 -15.20 0.23
CA MET A 1 5.06 -14.37 1.38
C MET A 1 6.20 -13.58 1.97
N GLN A 2 7.39 -14.03 1.56
CA GLN A 2 8.65 -13.42 1.95
C GLN A 2 8.76 -12.05 1.28
N GLN A 3 9.61 -11.19 1.85
CA GLN A 3 9.87 -9.83 1.34
C GLN A 3 8.67 -8.86 1.35
N LYS A 4 7.52 -9.33 1.82
CA LYS A 4 6.31 -8.49 1.98
C LYS A 4 6.61 -7.20 2.74
N GLN A 5 7.37 -7.34 3.82
CA GLN A 5 7.70 -6.20 4.69
C GLN A 5 8.46 -5.09 3.95
N GLN A 6 9.32 -5.46 3.01
CA GLN A 6 10.12 -4.48 2.27
C GLN A 6 9.23 -3.59 1.42
N ILE A 7 8.23 -4.20 0.80
CA ILE A 7 7.31 -3.46 -0.06
C ILE A 7 6.47 -2.53 0.80
N MET A 8 6.05 -3.03 1.96
CA MET A 8 5.25 -2.22 2.88
C MET A 8 6.06 -1.02 3.37
N ALA A 9 7.35 -1.22 3.61
CA ALA A 9 8.20 -0.13 4.10
C ALA A 9 8.26 1.00 3.05
N ALA A 10 8.26 0.64 1.78
CA ALA A 10 8.26 1.64 0.72
C ALA A 10 6.95 2.44 0.74
N LEU A 11 5.83 1.76 0.90
CA LEU A 11 4.53 2.44 0.97
C LEU A 11 4.45 3.32 2.21
N ASN A 12 5.01 2.85 3.33
CA ASN A 12 4.99 3.61 4.57
C ASN A 12 5.79 4.90 4.40
N SER A 13 6.90 4.82 3.69
CA SER A 13 7.73 5.99 3.45
C SER A 13 6.98 7.04 2.63
N GLN A 14 6.24 6.58 1.63
CA GLN A 14 5.47 7.48 0.76
C GLN A 14 4.28 8.12 1.47
N THR A 15 3.62 7.36 2.34
CA THR A 15 2.34 7.80 2.90
C THR A 15 2.37 8.26 4.35
N ALA A 16 3.51 8.22 5.02
CA ALA A 16 3.60 8.58 6.45
C ALA A 16 2.93 9.93 6.79
N VAL A 17 3.49 11.03 6.32
CA VAL A 17 2.95 12.35 6.64
C VAL A 17 1.60 12.57 5.94
N GLN A 18 1.41 11.92 4.80
CA GLN A 18 0.17 12.05 4.04
C GLN A 18 -1.01 11.52 4.86
N PHE A 19 -0.85 10.35 5.43
CA PHE A 19 -1.90 9.73 6.23
C PHE A 19 -1.98 10.38 7.59
N GLN A 20 -0.91 11.00 8.05
CA GLN A 20 -0.94 11.71 9.34
C GLN A 20 -1.94 12.85 9.32
N GLN A 21 -2.05 13.55 8.19
CA GLN A 21 -3.00 14.66 8.08
C GLN A 21 -4.43 14.13 8.18
N TYR A 22 -4.69 13.01 7.52
CA TYR A 22 -6.01 12.38 7.58
C TYR A 22 -6.29 11.84 8.97
N ALA A 23 -5.29 11.25 9.61
CA ALA A 23 -5.48 10.68 10.94
C ALA A 23 -5.82 11.78 11.94
N ALA A 24 -5.19 12.93 11.80
CA ALA A 24 -5.46 14.06 12.68
C ALA A 24 -6.87 14.63 12.43
N GLN A 25 -7.39 14.44 11.23
CA GLN A 25 -8.73 14.90 10.88
C GLN A 25 -9.79 13.99 11.50
N GLN A 26 -9.41 12.76 11.81
CA GLN A 26 -10.32 11.77 12.40
C GLN A 26 -10.21 11.69 13.91
N TYR A 27 -8.99 11.63 14.41
CA TYR A 27 -8.72 11.53 15.85
C TYR A 27 -7.85 12.72 16.29
N PRO A 28 -8.40 13.94 16.29
CA PRO A 28 -7.51 15.06 16.62
C PRO A 28 -7.01 15.03 18.06
N GLY A 29 -5.74 15.35 18.25
CA GLY A 29 -5.14 15.33 19.58
C GLY A 29 -4.72 13.95 20.07
N ASN A 30 -5.33 12.89 19.57
CA ASN A 30 -5.04 11.55 20.03
C ASN A 30 -3.92 10.94 19.21
N TYR A 31 -2.69 11.25 19.58
CA TYR A 31 -1.53 10.74 18.85
C TYR A 31 -1.56 9.22 18.74
N GLU A 32 -1.85 8.53 19.83
CA GLU A 32 -1.89 7.07 19.80
C GLU A 32 -2.91 6.54 18.79
N GLN A 33 -4.11 7.09 18.77
CA GLN A 33 -5.16 6.61 17.88
C GLN A 33 -4.88 6.99 16.45
N GLN A 34 -4.26 8.14 16.27
CA GLN A 34 -3.84 8.57 14.94
C GLN A 34 -2.91 7.51 14.37
N GLN A 35 -2.07 6.93 15.21
CA GLN A 35 -1.09 5.94 14.72
C GLN A 35 -1.77 4.60 14.43
N ILE A 36 -2.72 4.23 15.26
CA ILE A 36 -3.49 2.99 15.04
C ILE A 36 -4.25 3.10 13.72
N LEU A 37 -4.78 4.28 13.43
CA LEU A 37 -5.50 4.49 12.18
C LEU A 37 -4.54 4.38 10.98
N ILE A 38 -3.43 5.10 11.01
CA ILE A 38 -2.43 5.06 9.93
C ILE A 38 -1.95 3.63 9.70
N ARG A 39 -1.75 2.87 10.77
CA ARG A 39 -1.35 1.47 10.66
C ARG A 39 -2.33 0.66 9.82
N GLN A 40 -3.62 0.91 10.00
CA GLN A 40 -4.65 0.23 9.22
C GLN A 40 -4.69 0.73 7.78
N LEU A 41 -4.55 2.04 7.59
CA LEU A 41 -4.59 2.64 6.25
C LEU A 41 -3.47 2.07 5.39
N GLN A 42 -2.30 1.91 5.97
CA GLN A 42 -1.14 1.40 5.24
C GLN A 42 -1.31 -0.07 4.87
N GLU A 43 -1.96 -0.85 5.72
CA GLU A 43 -2.23 -2.26 5.37
C GLU A 43 -3.29 -2.32 4.27
N GLN A 44 -4.32 -1.50 4.37
CA GLN A 44 -5.36 -1.47 3.34
C GLN A 44 -4.75 -1.07 2.00
N HIS A 45 -3.86 -0.08 2.03
CA HIS A 45 -3.16 0.36 0.83
C HIS A 45 -2.32 -0.78 0.26
N TYR A 46 -1.69 -1.56 1.14
CA TYR A 46 -0.91 -2.71 0.69
C TYR A 46 -1.80 -3.78 0.04
N GLN A 47 -2.98 -4.03 0.59
CA GLN A 47 -3.88 -5.02 -0.01
C GLN A 47 -4.30 -4.54 -1.40
N GLN A 48 -4.57 -3.27 -1.55
CA GLN A 48 -4.94 -2.70 -2.85
C GLN A 48 -3.76 -2.84 -3.82
N TYR A 49 -2.55 -2.58 -3.34
CA TYR A 49 -1.34 -2.72 -4.14
C TYR A 49 -1.15 -4.15 -4.62
N MET A 50 -1.44 -5.11 -3.76
CA MET A 50 -1.31 -6.51 -4.13
C MET A 50 -2.32 -6.92 -5.19
N GLN A 51 -3.54 -6.42 -5.06
CA GLN A 51 -4.58 -6.70 -6.05
C GLN A 51 -4.21 -6.05 -7.38
N GLN A 52 -3.64 -4.85 -7.32
CA GLN A 52 -3.23 -4.15 -8.54
C GLN A 52 -2.12 -4.91 -9.25
N LEU A 53 -1.12 -5.37 -8.51
CA LEU A 53 0.01 -6.10 -9.11
C LEU A 53 -0.43 -7.38 -9.80
N TYR A 54 -1.47 -8.01 -9.28
CA TYR A 54 -2.03 -9.22 -9.92
C TYR A 54 -2.57 -8.89 -11.31
N GLN A 55 -3.20 -7.73 -11.45
CA GLN A 55 -3.74 -7.30 -12.74
C GLN A 55 -2.62 -6.97 -13.71
N VAL A 56 -1.54 -6.41 -13.20
CA VAL A 56 -0.39 -6.07 -14.03
C VAL A 56 0.27 -7.35 -14.51
N GLN A 57 0.37 -8.33 -13.62
CA GLN A 57 0.92 -9.63 -13.96
C GLN A 57 0.16 -10.28 -15.10
N LEU A 58 -1.15 -10.36 -14.95
CA LEU A 58 -1.99 -11.04 -15.93
C LEU A 58 -2.08 -10.26 -17.23
N ALA A 59 -1.93 -8.96 -17.16
CA ALA A 59 -1.94 -8.12 -18.35
C ALA A 59 -0.83 -8.57 -19.29
N GLN A 60 0.33 -8.87 -18.71
CA GLN A 60 1.46 -9.28 -19.52
C GLN A 60 1.16 -10.64 -20.17
N GLN A 61 0.46 -11.50 -19.43
CA GLN A 61 0.10 -12.82 -19.93
C GLN A 61 -0.85 -12.74 -21.12
N GLN A 62 -1.89 -11.93 -21.03
CA GLN A 62 -2.87 -11.86 -22.12
C GLN A 62 -2.24 -11.25 -23.37
N ALA A 63 -1.28 -10.35 -23.20
CA ALA A 63 -0.58 -9.75 -24.33
C ALA A 63 0.25 -10.79 -25.09
N ALA A 64 0.75 -11.79 -24.37
CA ALA A 64 1.55 -12.86 -24.99
C ALA A 64 0.66 -13.97 -25.59
N LEU A 65 -0.51 -14.18 -24.99
CA LEU A 65 -1.39 -15.28 -25.38
C LEU A 65 -2.32 -14.89 -26.52
N GLN A 66 -2.86 -13.69 -26.44
CA GLN A 66 -3.78 -13.14 -27.46
C GLN A 66 -4.91 -14.12 -27.79
N LYS A 67 -5.38 -14.82 -26.76
CA LYS A 67 -6.40 -15.86 -26.92
C LYS A 67 -7.63 -15.54 -26.07
N GLN A 68 -7.87 -14.25 -25.88
CA GLN A 68 -8.98 -13.75 -25.06
C GLN A 68 -10.34 -13.81 -25.79
N GLN A 69 -10.73 -15.03 -26.14
CA GLN A 69 -12.00 -15.36 -26.83
C GLN A 69 -12.22 -14.53 -28.11
N MET A 1 13.59 -16.36 -1.46
CA MET A 1 12.20 -15.87 -1.39
C MET A 1 12.02 -14.35 -1.51
N GLN A 2 10.79 -13.95 -1.88
CA GLN A 2 10.43 -12.54 -1.92
C GLN A 2 9.97 -12.10 -0.52
N GLN A 3 10.54 -11.02 -0.02
CA GLN A 3 10.21 -10.55 1.32
C GLN A 3 9.16 -9.47 1.29
N LYS A 4 7.92 -9.86 1.59
CA LYS A 4 6.78 -8.92 1.58
C LYS A 4 6.98 -7.70 2.46
N GLN A 5 7.70 -7.86 3.57
CA GLN A 5 7.92 -6.76 4.49
C GLN A 5 8.73 -5.60 3.90
N GLN A 6 9.55 -5.86 2.89
CA GLN A 6 10.33 -4.79 2.24
C GLN A 6 9.38 -3.84 1.52
N ILE A 7 8.38 -4.41 0.86
CA ILE A 7 7.43 -3.66 0.11
C ILE A 7 6.58 -2.78 1.04
N MET A 8 6.22 -3.35 2.19
CA MET A 8 5.44 -2.63 3.19
C MET A 8 6.26 -1.46 3.74
N ALA A 9 7.55 -1.69 3.97
CA ALA A 9 8.41 -0.63 4.49
C ALA A 9 8.47 0.57 3.53
N ALA A 10 8.56 0.27 2.23
CA ALA A 10 8.63 1.30 1.22
C ALA A 10 7.33 2.13 1.18
N LEU A 11 6.21 1.42 1.16
CA LEU A 11 4.91 2.09 1.07
C LEU A 11 4.65 2.91 2.32
N ASN A 12 5.14 2.45 3.46
CA ASN A 12 4.90 3.17 4.71
C ASN A 12 5.61 4.53 4.69
N SER A 13 6.80 4.59 4.10
CA SER A 13 7.53 5.85 3.98
C SER A 13 6.79 6.85 3.08
N GLN A 14 6.17 6.35 2.03
CA GLN A 14 5.45 7.21 1.09
C GLN A 14 4.16 7.77 1.67
N THR A 15 3.64 7.12 2.69
CA THR A 15 2.33 7.47 3.24
C THR A 15 2.41 8.00 4.67
N ALA A 16 3.62 8.09 5.21
CA ALA A 16 3.84 8.51 6.59
C ALA A 16 3.14 9.80 6.95
N VAL A 17 3.54 10.90 6.34
CA VAL A 17 2.93 12.20 6.65
C VAL A 17 1.57 12.33 5.94
N GLN A 18 1.40 11.64 4.83
CA GLN A 18 0.17 11.73 4.04
C GLN A 18 -1.03 11.25 4.84
N PHE A 19 -0.89 10.11 5.49
CA PHE A 19 -2.00 9.56 6.25
C PHE A 19 -2.07 10.24 7.61
N GLN A 20 -0.99 10.86 8.06
CA GLN A 20 -1.01 11.56 9.34
C GLN A 20 -1.97 12.75 9.30
N GLN A 21 -1.98 13.50 8.20
CA GLN A 21 -2.89 14.64 8.08
C GLN A 21 -4.34 14.17 8.14
N TYR A 22 -4.63 13.05 7.50
CA TYR A 22 -5.96 12.46 7.55
C TYR A 22 -6.30 11.94 8.96
N ALA A 23 -5.32 11.32 9.61
CA ALA A 23 -5.52 10.78 10.93
C ALA A 23 -5.86 11.87 11.92
N ALA A 24 -5.25 13.04 11.78
CA ALA A 24 -5.53 14.15 12.69
C ALA A 24 -6.96 14.67 12.53
N GLN A 25 -7.56 14.46 11.37
CA GLN A 25 -8.93 14.93 11.12
C GLN A 25 -9.92 13.96 11.75
N GLN A 26 -9.52 12.70 11.91
CA GLN A 26 -10.42 11.69 12.48
C GLN A 26 -10.27 11.58 13.99
N TYR A 27 -9.04 11.58 14.46
CA TYR A 27 -8.77 11.46 15.90
C TYR A 27 -7.96 12.66 16.39
N PRO A 28 -8.57 13.85 16.43
CA PRO A 28 -7.75 15.00 16.81
C PRO A 28 -7.34 14.96 18.28
N GLY A 29 -6.09 15.32 18.53
CA GLY A 29 -5.56 15.32 19.89
C GLY A 29 -5.06 13.98 20.39
N ASN A 30 -5.38 12.90 19.67
CA ASN A 30 -5.01 11.56 20.10
C ASN A 30 -3.91 11.01 19.24
N TYR A 31 -2.68 11.30 19.63
CA TYR A 31 -1.50 10.85 18.90
C TYR A 31 -1.49 9.33 18.76
N GLU A 32 -1.82 8.63 19.83
CA GLU A 32 -1.86 7.17 19.81
C GLU A 32 -2.86 6.63 18.79
N GLN A 33 -4.07 7.16 18.77
CA GLN A 33 -5.10 6.68 17.85
C GLN A 33 -4.76 7.03 16.42
N GLN A 34 -4.16 8.18 16.24
CA GLN A 34 -3.72 8.60 14.91
C GLN A 34 -2.73 7.57 14.34
N GLN A 35 -1.86 7.03 15.19
CA GLN A 35 -0.85 6.07 14.72
C GLN A 35 -1.53 4.75 14.35
N ILE A 36 -2.50 4.35 15.17
CA ILE A 36 -3.25 3.11 14.92
C ILE A 36 -3.99 3.21 13.58
N LEU A 37 -4.60 4.37 13.31
CA LEU A 37 -5.36 4.56 12.09
C LEU A 37 -4.46 4.47 10.86
N ILE A 38 -3.33 5.15 10.90
CA ILE A 38 -2.35 5.11 9.81
C ILE A 38 -1.95 3.65 9.53
N ARG A 39 -1.76 2.85 10.56
CA ARG A 39 -1.43 1.42 10.34
C ARG A 39 -2.55 0.68 9.61
N GLN A 40 -3.81 0.96 9.98
CA GLN A 40 -4.95 0.35 9.30
C GLN A 40 -5.01 0.76 7.83
N LEU A 41 -4.76 2.03 7.58
CA LEU A 41 -4.82 2.56 6.23
C LEU A 41 -3.70 1.96 5.37
N GLN A 42 -2.53 1.80 5.94
CA GLN A 42 -1.38 1.25 5.21
C GLN A 42 -1.59 -0.24 4.92
N GLU A 43 -2.23 -0.96 5.81
CA GLU A 43 -2.53 -2.37 5.56
C GLU A 43 -3.53 -2.50 4.43
N GLN A 44 -4.53 -1.64 4.42
CA GLN A 44 -5.52 -1.65 3.37
C GLN A 44 -4.90 -1.24 2.02
N HIS A 45 -4.03 -0.24 2.04
CA HIS A 45 -3.34 0.18 0.83
C HIS A 45 -2.44 -0.94 0.29
N TYR A 46 -1.85 -1.72 1.17
CA TYR A 46 -1.00 -2.83 0.73
C TYR A 46 -1.82 -3.84 -0.08
N GLN A 47 -3.05 -4.07 0.33
CA GLN A 47 -3.93 -5.02 -0.38
C GLN A 47 -4.24 -4.47 -1.78
N GLN A 48 -4.51 -3.18 -1.88
CA GLN A 48 -4.78 -2.56 -3.18
C GLN A 48 -3.53 -2.67 -4.06
N TYR A 49 -2.37 -2.41 -3.49
CA TYR A 49 -1.11 -2.48 -4.22
C TYR A 49 -0.87 -3.90 -4.76
N MET A 50 -1.17 -4.90 -3.96
CA MET A 50 -1.01 -6.29 -4.41
C MET A 50 -1.97 -6.62 -5.53
N GLN A 51 -3.20 -6.13 -5.43
CA GLN A 51 -4.20 -6.33 -6.47
C GLN A 51 -3.74 -5.67 -7.77
N GLN A 52 -3.22 -4.44 -7.68
CA GLN A 52 -2.76 -3.73 -8.87
C GLN A 52 -1.61 -4.49 -9.53
N LEU A 53 -0.68 -4.97 -8.72
CA LEU A 53 0.46 -5.75 -9.23
C LEU A 53 -0.02 -7.02 -9.94
N TYR A 54 -1.11 -7.62 -9.46
CA TYR A 54 -1.65 -8.84 -10.08
C TYR A 54 -2.17 -8.53 -11.48
N GLN A 55 -2.81 -7.38 -11.66
CA GLN A 55 -3.32 -7.00 -12.99
C GLN A 55 -2.17 -6.63 -13.91
N VAL A 56 -1.13 -6.05 -13.35
CA VAL A 56 0.06 -5.69 -14.13
C VAL A 56 0.76 -6.99 -14.54
N GLN A 57 0.82 -7.98 -13.67
CA GLN A 57 1.40 -9.28 -14.01
C GLN A 57 0.66 -9.88 -15.20
N LEU A 58 -0.66 -9.87 -15.14
CA LEU A 58 -1.47 -10.41 -16.24
C LEU A 58 -1.24 -9.64 -17.53
N ALA A 59 -1.10 -8.32 -17.42
CA ALA A 59 -0.84 -7.48 -18.58
C ALA A 59 0.45 -7.94 -19.26
N GLN A 60 1.47 -8.17 -18.44
CA GLN A 60 2.76 -8.59 -18.97
C GLN A 60 2.67 -9.99 -19.60
N GLN A 61 1.88 -10.88 -18.98
CA GLN A 61 1.73 -12.25 -19.48
C GLN A 61 1.04 -12.22 -20.84
N GLN A 62 -0.03 -11.46 -21.00
CA GLN A 62 -0.70 -11.41 -22.29
C GLN A 62 0.13 -10.70 -23.34
N ALA A 63 1.03 -9.81 -22.91
CA ALA A 63 1.92 -9.12 -23.83
C ALA A 63 2.97 -10.10 -24.35
N ALA A 64 3.39 -11.03 -23.51
CA ALA A 64 4.36 -12.02 -23.91
C ALA A 64 3.72 -13.00 -24.90
N LEU A 65 2.50 -13.39 -24.62
CA LEU A 65 1.77 -14.32 -25.48
C LEU A 65 1.39 -13.68 -26.79
N GLN A 66 0.92 -12.45 -26.70
CA GLN A 66 0.42 -11.64 -27.83
C GLN A 66 -0.46 -12.43 -28.83
N LYS A 67 -1.23 -13.37 -28.31
CA LYS A 67 -2.09 -14.26 -29.12
C LYS A 67 -3.56 -14.19 -28.69
N GLN A 68 -3.99 -13.02 -28.24
CA GLN A 68 -5.36 -12.79 -27.72
C GLN A 68 -5.65 -13.71 -26.52
N GLN A 69 -4.72 -13.65 -25.56
CA GLN A 69 -4.75 -14.46 -24.34
C GLN A 69 -4.69 -15.96 -24.68
N MET A 1 4.82 -16.05 -2.85
CA MET A 1 5.02 -14.69 -2.29
C MET A 1 5.87 -14.68 -1.02
N GLN A 2 6.75 -13.68 -0.92
CA GLN A 2 7.66 -13.58 0.21
C GLN A 2 8.09 -12.11 0.35
N GLN A 3 8.82 -11.79 1.41
CA GLN A 3 9.31 -10.43 1.68
C GLN A 3 8.22 -9.35 1.66
N LYS A 4 7.02 -9.73 2.11
CA LYS A 4 5.90 -8.78 2.15
C LYS A 4 6.17 -7.59 3.07
N GLN A 5 6.95 -7.81 4.11
CA GLN A 5 7.30 -6.75 5.06
C GLN A 5 8.18 -5.67 4.42
N GLN A 6 9.01 -6.04 3.44
CA GLN A 6 9.86 -5.05 2.78
C GLN A 6 8.99 -4.04 2.05
N ILE A 7 7.90 -4.54 1.50
CA ILE A 7 6.96 -3.70 0.78
C ILE A 7 6.23 -2.79 1.76
N MET A 8 5.81 -3.35 2.88
CA MET A 8 5.14 -2.57 3.94
C MET A 8 6.04 -1.48 4.51
N ALA A 9 7.34 -1.74 4.62
CA ALA A 9 8.29 -0.75 5.10
C ALA A 9 8.41 0.39 4.08
N ALA A 10 8.48 0.04 2.80
CA ALA A 10 8.60 1.03 1.74
C ALA A 10 7.34 1.91 1.67
N LEU A 11 6.18 1.27 1.76
CA LEU A 11 4.91 1.98 1.73
C LEU A 11 4.76 2.90 2.95
N ASN A 12 5.35 2.52 4.06
CA ASN A 12 5.29 3.35 5.27
C ASN A 12 5.89 4.72 5.02
N SER A 13 7.03 4.75 4.35
CA SER A 13 7.69 6.01 4.02
C SER A 13 6.88 6.80 3.00
N GLN A 14 6.28 6.12 2.05
CA GLN A 14 5.52 6.80 0.99
C GLN A 14 4.21 7.41 1.47
N THR A 15 3.67 6.88 2.56
CA THR A 15 2.34 7.29 3.02
C THR A 15 2.35 8.03 4.35
N ALA A 16 3.52 8.17 4.97
CA ALA A 16 3.64 8.73 6.34
C ALA A 16 2.86 10.03 6.57
N VAL A 17 3.32 11.12 6.00
CA VAL A 17 2.67 12.43 6.24
C VAL A 17 1.30 12.48 5.56
N GLN A 18 1.16 11.74 4.47
CA GLN A 18 -0.09 11.70 3.72
C GLN A 18 -1.23 11.18 4.60
N PHE A 19 -0.99 10.07 5.28
CA PHE A 19 -2.00 9.48 6.14
C PHE A 19 -2.07 10.20 7.48
N GLN A 20 -1.00 10.85 7.90
CA GLN A 20 -1.00 11.63 9.15
C GLN A 20 -2.04 12.75 9.09
N GLN A 21 -2.15 13.40 7.95
CA GLN A 21 -3.14 14.47 7.78
C GLN A 21 -4.55 13.92 7.99
N TYR A 22 -4.84 12.79 7.38
CA TYR A 22 -6.14 12.15 7.53
C TYR A 22 -6.37 11.67 8.95
N ALA A 23 -5.34 11.19 9.60
CA ALA A 23 -5.45 10.67 10.95
C ALA A 23 -5.85 11.80 11.90
N ALA A 24 -5.29 12.98 11.69
CA ALA A 24 -5.66 14.15 12.50
C ALA A 24 -7.08 14.60 12.19
N GLN A 25 -7.53 14.35 10.96
CA GLN A 25 -8.90 14.67 10.53
C GLN A 25 -9.94 13.74 11.17
N GLN A 26 -9.48 12.62 11.73
CA GLN A 26 -10.36 11.65 12.40
C GLN A 26 -10.22 11.70 13.92
N TYR A 27 -8.99 11.63 14.42
CA TYR A 27 -8.73 11.59 15.86
C TYR A 27 -7.84 12.76 16.28
N PRO A 28 -8.37 14.00 16.24
CA PRO A 28 -7.45 15.09 16.59
C PRO A 28 -7.04 15.07 18.06
N GLY A 29 -5.78 15.40 18.34
CA GLY A 29 -5.28 15.39 19.70
C GLY A 29 -4.79 14.04 20.18
N ASN A 30 -5.23 12.95 19.56
CA ASN A 30 -4.87 11.62 20.06
C ASN A 30 -3.75 11.01 19.22
N TYR A 31 -2.52 11.32 19.58
CA TYR A 31 -1.35 10.82 18.84
C TYR A 31 -1.36 9.29 18.72
N GLU A 32 -1.60 8.60 19.82
CA GLU A 32 -1.61 7.15 19.79
C GLU A 32 -2.66 6.59 18.82
N GLN A 33 -3.88 7.13 18.85
CA GLN A 33 -4.96 6.63 18.00
C GLN A 33 -4.70 6.98 16.55
N GLN A 34 -4.07 8.13 16.34
CA GLN A 34 -3.68 8.52 14.99
C GLN A 34 -2.71 7.49 14.43
N GLN A 35 -1.83 6.94 15.26
CA GLN A 35 -0.85 5.96 14.80
C GLN A 35 -1.53 4.63 14.48
N ILE A 36 -2.50 4.24 15.30
CA ILE A 36 -3.25 3.01 15.10
C ILE A 36 -4.01 3.10 13.77
N LEU A 37 -4.61 4.27 13.53
CA LEU A 37 -5.36 4.49 12.31
C LEU A 37 -4.45 4.42 11.09
N ILE A 38 -3.31 5.12 11.14
CA ILE A 38 -2.35 5.08 10.03
C ILE A 38 -1.91 3.65 9.74
N ARG A 39 -1.75 2.82 10.78
CA ARG A 39 -1.39 1.41 10.56
C ARG A 39 -2.49 0.75 9.70
N GLN A 40 -3.74 0.97 10.08
CA GLN A 40 -4.88 0.39 9.35
C GLN A 40 -4.94 0.93 7.92
N LEU A 41 -4.68 2.21 7.73
CA LEU A 41 -4.70 2.83 6.40
C LEU A 41 -3.63 2.22 5.50
N GLN A 42 -2.48 1.91 6.06
CA GLN A 42 -1.40 1.28 5.31
C GLN A 42 -1.75 -0.16 4.93
N GLU A 43 -2.44 -0.86 5.81
CA GLU A 43 -2.87 -2.24 5.52
C GLU A 43 -3.94 -2.23 4.42
N GLN A 44 -4.80 -1.23 4.41
CA GLN A 44 -5.78 -1.09 3.33
C GLN A 44 -5.06 -0.72 2.02
N HIS A 45 -4.13 0.20 2.11
CA HIS A 45 -3.36 0.66 0.95
C HIS A 45 -2.60 -0.48 0.28
N TYR A 46 -2.18 -1.45 1.09
CA TYR A 46 -1.49 -2.63 0.57
C TYR A 46 -2.32 -3.37 -0.47
N GLN A 47 -3.64 -3.39 -0.30
CA GLN A 47 -4.51 -4.08 -1.25
C GLN A 47 -4.46 -3.37 -2.59
N GLN A 48 -4.51 -2.05 -2.57
CA GLN A 48 -4.44 -1.24 -3.78
C GLN A 48 -3.07 -1.38 -4.45
N TYR A 49 -2.03 -1.37 -3.64
CA TYR A 49 -0.68 -1.54 -4.16
C TYR A 49 -0.50 -2.91 -4.83
N MET A 50 -1.08 -3.95 -4.23
CA MET A 50 -1.00 -5.28 -4.81
C MET A 50 -1.77 -5.37 -6.12
N GLN A 51 -2.93 -4.72 -6.18
CA GLN A 51 -3.72 -4.69 -7.39
C GLN A 51 -2.97 -3.95 -8.50
N GLN A 52 -2.29 -2.87 -8.15
CA GLN A 52 -1.50 -2.12 -9.12
C GLN A 52 -0.33 -2.98 -9.61
N LEU A 53 0.30 -3.71 -8.71
CA LEU A 53 1.43 -4.57 -9.09
C LEU A 53 1.01 -5.72 -9.99
N TYR A 54 -0.25 -6.13 -9.92
CA TYR A 54 -0.78 -7.16 -10.83
C TYR A 54 -0.79 -6.62 -12.27
N GLN A 55 -1.08 -5.34 -12.41
CA GLN A 55 -1.07 -4.68 -13.71
C GLN A 55 0.37 -4.53 -14.21
N VAL A 56 1.30 -4.30 -13.30
CA VAL A 56 2.71 -4.17 -13.66
C VAL A 56 3.24 -5.53 -14.09
N GLN A 57 2.78 -6.57 -13.41
CA GLN A 57 3.15 -7.94 -13.72
C GLN A 57 2.77 -8.28 -15.14
N LEU A 58 1.51 -8.04 -15.48
CA LEU A 58 0.98 -8.38 -16.80
C LEU A 58 1.53 -7.46 -17.88
N ALA A 59 1.87 -6.23 -17.52
CA ALA A 59 2.47 -5.31 -18.48
C ALA A 59 3.76 -5.89 -19.02
N GLN A 60 4.57 -6.48 -18.14
CA GLN A 60 5.84 -7.03 -18.57
C GLN A 60 5.61 -8.21 -19.51
N GLN A 61 4.54 -8.96 -19.30
CA GLN A 61 4.24 -10.09 -20.17
C GLN A 61 3.90 -9.58 -21.58
N GLN A 62 2.99 -8.62 -21.67
CA GLN A 62 2.55 -8.15 -22.98
C GLN A 62 3.67 -7.39 -23.70
N ALA A 63 4.56 -6.76 -22.94
CA ALA A 63 5.71 -6.08 -23.52
C ALA A 63 6.64 -7.06 -24.26
N ALA A 64 6.74 -8.28 -23.74
CA ALA A 64 7.57 -9.32 -24.35
C ALA A 64 6.84 -10.06 -25.47
N LEU A 65 5.51 -10.07 -25.43
CA LEU A 65 4.73 -10.80 -26.41
C LEU A 65 4.46 -9.96 -27.65
N GLN A 66 4.20 -8.68 -27.45
CA GLN A 66 3.86 -7.74 -28.52
C GLN A 66 2.72 -8.26 -29.42
N LYS A 67 1.81 -9.02 -28.81
CA LYS A 67 0.73 -9.69 -29.54
C LYS A 67 -0.57 -8.88 -29.57
N GLN A 68 -0.53 -7.67 -29.04
CA GLN A 68 -1.73 -6.83 -28.92
C GLN A 68 -1.55 -5.52 -29.67
N GLN A 69 -1.49 -5.58 -31.00
CA GLN A 69 -1.33 -4.39 -31.82
C GLN A 69 -2.56 -4.19 -32.72
N MET A 1 13.90 -14.43 -0.79
CA MET A 1 14.06 -12.96 -0.55
C MET A 1 12.74 -12.19 -0.66
N GLN A 2 11.74 -12.80 -0.02
CA GLN A 2 10.37 -12.31 0.01
C GLN A 2 10.02 -11.72 1.38
N GLN A 3 10.29 -10.43 1.56
CA GLN A 3 10.01 -9.76 2.84
C GLN A 3 8.99 -8.65 2.67
N LYS A 4 7.73 -8.93 3.01
CA LYS A 4 6.66 -7.93 2.91
C LYS A 4 6.91 -6.64 3.70
N GLN A 5 7.66 -6.75 4.78
CA GLN A 5 7.93 -5.58 5.61
C GLN A 5 8.78 -4.52 4.90
N GLN A 6 9.60 -4.92 3.94
CA GLN A 6 10.40 -3.97 3.18
C GLN A 6 9.50 -3.15 2.26
N ILE A 7 8.52 -3.81 1.67
CA ILE A 7 7.58 -3.14 0.79
C ILE A 7 6.74 -2.19 1.65
N MET A 8 6.33 -2.65 2.82
CA MET A 8 5.56 -1.83 3.74
C MET A 8 6.37 -0.60 4.14
N ALA A 9 7.65 -0.74 4.40
CA ALA A 9 8.46 0.42 4.78
C ALA A 9 8.50 1.47 3.65
N ALA A 10 8.59 1.00 2.43
CA ALA A 10 8.59 1.89 1.26
C ALA A 10 7.23 2.59 1.12
N LEU A 11 6.15 1.81 1.27
CA LEU A 11 4.79 2.36 1.17
C LEU A 11 4.54 3.36 2.29
N ASN A 12 5.02 3.04 3.48
CA ASN A 12 4.83 3.91 4.64
C ASN A 12 5.47 5.26 4.39
N SER A 13 6.63 5.27 3.74
CA SER A 13 7.34 6.54 3.52
C SER A 13 6.62 7.42 2.51
N GLN A 14 6.10 6.84 1.45
CA GLN A 14 5.44 7.63 0.41
C GLN A 14 4.03 8.09 0.79
N THR A 15 3.41 7.41 1.75
CA THR A 15 2.06 7.76 2.18
C THR A 15 2.07 8.47 3.53
N ALA A 16 3.26 8.71 4.07
CA ALA A 16 3.42 9.25 5.42
C ALA A 16 2.55 10.46 5.74
N VAL A 17 2.82 11.58 5.09
CA VAL A 17 2.10 12.82 5.43
C VAL A 17 0.65 12.76 4.96
N GLN A 18 0.39 11.98 3.93
CA GLN A 18 -0.98 11.81 3.43
C GLN A 18 -1.85 11.19 4.51
N PHE A 19 -1.37 10.10 5.11
CA PHE A 19 -2.12 9.42 6.15
C PHE A 19 -2.07 10.20 7.46
N GLN A 20 -0.97 10.91 7.71
CA GLN A 20 -0.83 11.68 8.95
C GLN A 20 -1.89 12.77 9.04
N GLN A 21 -2.05 13.56 7.99
CA GLN A 21 -3.01 14.67 8.01
C GLN A 21 -4.42 14.14 8.15
N TYR A 22 -4.72 13.04 7.47
CA TYR A 22 -6.03 12.41 7.59
C TYR A 22 -6.27 11.89 9.00
N ALA A 23 -5.28 11.24 9.58
CA ALA A 23 -5.45 10.71 10.94
C ALA A 23 -5.67 11.83 11.94
N ALA A 24 -4.97 12.95 11.76
CA ALA A 24 -5.10 14.09 12.64
C ALA A 24 -6.50 14.70 12.50
N GLN A 25 -7.14 14.52 11.36
CA GLN A 25 -8.50 15.02 11.14
C GLN A 25 -9.55 14.13 11.80
N GLN A 26 -9.22 12.85 11.93
CA GLN A 26 -10.17 11.86 12.46
C GLN A 26 -10.05 11.77 13.98
N TYR A 27 -8.83 11.69 14.46
CA TYR A 27 -8.57 11.60 15.91
C TYR A 27 -7.69 12.78 16.36
N PRO A 28 -8.24 14.02 16.35
CA PRO A 28 -7.36 15.13 16.71
C PRO A 28 -6.94 15.11 18.17
N GLY A 29 -5.68 15.42 18.42
CA GLY A 29 -5.14 15.42 19.77
C GLY A 29 -4.71 14.06 20.29
N ASN A 30 -5.15 12.97 19.66
CA ASN A 30 -4.86 11.61 20.14
C ASN A 30 -3.81 10.91 19.31
N TYR A 31 -2.55 11.12 19.66
CA TYR A 31 -1.43 10.52 18.93
C TYR A 31 -1.56 9.01 18.79
N GLU A 32 -1.86 8.31 19.87
CA GLU A 32 -1.98 6.86 19.81
C GLU A 32 -3.06 6.38 18.82
N GLN A 33 -4.22 7.01 18.84
CA GLN A 33 -5.31 6.61 17.96
C GLN A 33 -5.00 6.96 16.51
N GLN A 34 -4.33 8.08 16.32
CA GLN A 34 -3.89 8.46 14.98
C GLN A 34 -2.98 7.38 14.43
N GLN A 35 -2.15 6.80 15.28
CA GLN A 35 -1.17 5.80 14.84
C GLN A 35 -1.85 4.48 14.51
N ILE A 36 -2.87 4.12 15.26
CA ILE A 36 -3.65 2.92 14.99
C ILE A 36 -4.34 3.05 13.64
N LEU A 37 -4.90 4.21 13.36
CA LEU A 37 -5.57 4.45 12.09
C LEU A 37 -4.57 4.36 10.96
N ILE A 38 -3.45 5.07 11.08
CA ILE A 38 -2.41 5.05 10.04
C ILE A 38 -1.95 3.61 9.76
N ARG A 39 -1.80 2.79 10.80
CA ARG A 39 -1.44 1.38 10.60
C ARG A 39 -2.48 0.67 9.75
N GLN A 40 -3.75 0.92 10.02
CA GLN A 40 -4.83 0.30 9.22
C GLN A 40 -4.83 0.80 7.78
N LEU A 41 -4.58 2.09 7.59
CA LEU A 41 -4.53 2.66 6.24
C LEU A 41 -3.40 2.02 5.44
N GLN A 42 -2.26 1.79 6.08
CA GLN A 42 -1.12 1.17 5.42
C GLN A 42 -1.43 -0.28 5.05
N GLU A 43 -2.18 -0.96 5.90
CA GLU A 43 -2.57 -2.34 5.62
C GLU A 43 -3.54 -2.37 4.43
N GLN A 44 -4.51 -1.47 4.43
CA GLN A 44 -5.47 -1.37 3.34
C GLN A 44 -4.77 -0.99 2.04
N HIS A 45 -3.82 -0.07 2.14
CA HIS A 45 -3.04 0.37 0.97
C HIS A 45 -2.21 -0.78 0.42
N TYR A 46 -1.67 -1.60 1.31
CA TYR A 46 -0.88 -2.76 0.88
C TYR A 46 -1.74 -3.71 0.05
N GLN A 47 -2.98 -3.94 0.43
CA GLN A 47 -3.86 -4.81 -0.33
C GLN A 47 -4.09 -4.24 -1.73
N GLN A 48 -4.39 -2.94 -1.80
CA GLN A 48 -4.61 -2.26 -3.08
C GLN A 48 -3.34 -2.30 -3.95
N TYR A 49 -2.19 -2.11 -3.33
CA TYR A 49 -0.90 -2.15 -4.03
C TYR A 49 -0.61 -3.54 -4.58
N MET A 50 -0.87 -4.56 -3.79
CA MET A 50 -0.65 -5.94 -4.23
C MET A 50 -1.60 -6.31 -5.35
N GLN A 51 -2.85 -5.84 -5.26
CA GLN A 51 -3.82 -6.09 -6.32
C GLN A 51 -3.37 -5.41 -7.61
N GLN A 52 -2.88 -4.17 -7.51
CA GLN A 52 -2.42 -3.46 -8.70
C GLN A 52 -1.25 -4.21 -9.32
N LEU A 53 -0.32 -4.69 -8.51
CA LEU A 53 0.83 -5.44 -9.02
C LEU A 53 0.40 -6.74 -9.68
N TYR A 54 -0.69 -7.33 -9.23
CA TYR A 54 -1.21 -8.54 -9.86
C TYR A 54 -1.75 -8.25 -11.29
N GLN A 55 -2.28 -7.07 -11.50
CA GLN A 55 -2.73 -6.67 -12.83
C GLN A 55 -1.53 -6.34 -13.71
N VAL A 56 -0.48 -5.83 -13.11
CA VAL A 56 0.77 -5.54 -13.81
C VAL A 56 1.41 -6.88 -14.24
N GLN A 57 1.35 -7.86 -13.36
CA GLN A 57 1.87 -9.19 -13.66
C GLN A 57 1.17 -9.74 -14.90
N LEU A 58 -0.14 -9.66 -14.91
CA LEU A 58 -0.92 -10.12 -16.06
C LEU A 58 -0.63 -9.29 -17.31
N ALA A 59 -0.36 -8.00 -17.15
CA ALA A 59 -0.07 -7.15 -18.30
C ALA A 59 1.19 -7.63 -19.00
N GLN A 60 2.20 -8.01 -18.22
CA GLN A 60 3.44 -8.47 -18.81
C GLN A 60 3.19 -9.76 -19.62
N GLN A 61 2.27 -10.59 -19.16
CA GLN A 61 1.93 -11.82 -19.88
C GLN A 61 1.21 -11.51 -21.20
N GLN A 62 0.22 -10.64 -21.15
CA GLN A 62 -0.54 -10.30 -22.35
C GLN A 62 0.31 -9.60 -23.39
N ALA A 63 1.24 -8.79 -22.91
CA ALA A 63 2.18 -8.07 -23.75
C ALA A 63 3.07 -9.02 -24.57
N ALA A 64 3.37 -10.19 -24.00
CA ALA A 64 4.18 -11.19 -24.69
C ALA A 64 3.33 -12.11 -25.59
N LEU A 65 2.07 -12.29 -25.24
CA LEU A 65 1.19 -13.21 -25.97
C LEU A 65 0.61 -12.53 -27.19
N GLN A 66 0.24 -11.26 -27.02
CA GLN A 66 -0.33 -10.41 -28.08
C GLN A 66 -1.51 -11.08 -28.81
N LYS A 67 -2.22 -11.91 -28.07
CA LYS A 67 -3.36 -12.66 -28.63
C LYS A 67 -4.44 -12.75 -27.56
N GLN A 68 -4.37 -11.84 -26.60
CA GLN A 68 -5.29 -11.79 -25.48
C GLN A 68 -5.69 -10.33 -25.32
N GLN A 69 -6.37 -9.82 -26.34
CA GLN A 69 -6.76 -8.40 -26.40
C GLN A 69 -8.02 -8.20 -27.22
N MET A 1 12.56 -16.56 1.26
CA MET A 1 13.09 -15.70 0.15
C MET A 1 12.08 -14.62 -0.27
N GLN A 2 11.32 -14.20 0.73
CA GLN A 2 10.32 -13.13 0.58
C GLN A 2 10.84 -11.78 1.08
N GLN A 3 10.41 -10.70 0.43
CA GLN A 3 10.76 -9.35 0.85
C GLN A 3 9.49 -8.50 1.00
N LYS A 4 8.43 -9.11 1.48
CA LYS A 4 7.11 -8.46 1.60
C LYS A 4 7.18 -7.16 2.44
N GLN A 5 7.91 -7.20 3.52
CA GLN A 5 7.97 -6.04 4.42
C GLN A 5 8.75 -4.85 3.82
N GLN A 6 9.67 -5.12 2.93
CA GLN A 6 10.43 -4.05 2.26
C GLN A 6 9.48 -3.24 1.40
N ILE A 7 8.51 -3.94 0.80
CA ILE A 7 7.57 -3.28 -0.10
C ILE A 7 6.66 -2.38 0.73
N MET A 8 6.28 -2.84 1.90
CA MET A 8 5.43 -2.03 2.80
C MET A 8 6.17 -0.76 3.18
N ALA A 9 7.45 -0.86 3.50
CA ALA A 9 8.24 0.30 3.92
C ALA A 9 8.28 1.37 2.84
N ALA A 10 8.43 0.95 1.59
CA ALA A 10 8.51 1.86 0.45
C ALA A 10 7.21 2.65 0.27
N LEU A 11 6.08 1.95 0.38
CA LEU A 11 4.74 2.58 0.31
C LEU A 11 4.57 3.56 1.46
N ASN A 12 4.95 3.13 2.64
CA ASN A 12 4.76 3.90 3.85
C ASN A 12 5.56 5.20 3.84
N SER A 13 6.71 5.20 3.19
CA SER A 13 7.53 6.39 3.07
C SER A 13 6.83 7.46 2.25
N GLN A 14 6.10 7.06 1.22
CA GLN A 14 5.38 8.01 0.37
C GLN A 14 4.18 8.58 1.11
N THR A 15 3.46 7.70 1.79
CA THR A 15 2.18 8.08 2.40
C THR A 15 2.31 8.53 3.86
N ALA A 16 3.53 8.74 4.31
CA ALA A 16 3.78 9.08 5.72
C ALA A 16 2.97 10.29 6.24
N VAL A 17 3.26 11.47 5.72
CA VAL A 17 2.53 12.66 6.15
C VAL A 17 1.11 12.66 5.58
N GLN A 18 0.92 11.98 4.45
CA GLN A 18 -0.38 11.92 3.78
C GLN A 18 -1.39 11.31 4.75
N PHE A 19 -1.07 10.17 5.32
CA PHE A 19 -1.99 9.52 6.26
C PHE A 19 -2.03 10.29 7.60
N GLN A 20 -0.91 10.89 7.98
CA GLN A 20 -0.83 11.63 9.25
C GLN A 20 -1.82 12.77 9.35
N GLN A 21 -1.94 13.55 8.26
CA GLN A 21 -2.87 14.67 8.24
C GLN A 21 -4.31 14.18 8.31
N TYR A 22 -4.60 13.12 7.59
CA TYR A 22 -5.94 12.51 7.61
C TYR A 22 -6.28 11.94 8.98
N ALA A 23 -5.31 11.26 9.60
CA ALA A 23 -5.54 10.69 10.92
C ALA A 23 -5.83 11.78 11.94
N ALA A 24 -5.14 12.91 11.82
CA ALA A 24 -5.32 14.03 12.74
C ALA A 24 -6.71 14.68 12.52
N GLN A 25 -7.26 14.50 11.33
CA GLN A 25 -8.59 15.03 11.00
C GLN A 25 -9.69 14.15 11.53
N GLN A 26 -9.32 12.94 11.93
CA GLN A 26 -10.27 11.95 12.46
C GLN A 26 -10.14 11.85 13.98
N TYR A 27 -8.92 11.75 14.48
CA TYR A 27 -8.66 11.66 15.91
C TYR A 27 -7.78 12.81 16.39
N PRO A 28 -8.31 14.04 16.41
CA PRO A 28 -7.41 15.12 16.79
C PRO A 28 -6.97 15.05 18.25
N GLY A 29 -5.74 15.47 18.50
CA GLY A 29 -5.20 15.46 19.86
C GLY A 29 -4.65 14.11 20.32
N ASN A 30 -5.18 13.05 19.77
CA ASN A 30 -4.82 11.70 20.22
C ASN A 30 -3.79 11.05 19.31
N TYR A 31 -2.54 11.30 19.61
CA TYR A 31 -1.43 10.71 18.87
C TYR A 31 -1.50 9.19 18.79
N GLU A 32 -1.83 8.51 19.88
CA GLU A 32 -1.93 7.06 19.85
C GLU A 32 -3.01 6.55 18.90
N GLN A 33 -4.18 7.18 18.89
CA GLN A 33 -5.27 6.76 18.01
C GLN A 33 -4.94 7.03 16.57
N GLN A 34 -4.28 8.17 16.37
CA GLN A 34 -3.84 8.56 15.02
C GLN A 34 -2.94 7.48 14.46
N GLN A 35 -2.09 6.91 15.28
CA GLN A 35 -1.15 5.87 14.82
C GLN A 35 -1.87 4.55 14.48
N ILE A 36 -2.87 4.22 15.27
CA ILE A 36 -3.65 2.99 15.04
C ILE A 36 -4.38 3.10 13.71
N LEU A 37 -4.89 4.28 13.41
CA LEU A 37 -5.61 4.47 12.14
C LEU A 37 -4.66 4.34 10.93
N ILE A 38 -3.51 4.97 11.01
CA ILE A 38 -2.50 4.91 9.95
C ILE A 38 -2.06 3.47 9.70
N ARG A 39 -1.87 2.70 10.78
CA ARG A 39 -1.49 1.29 10.66
C ARG A 39 -2.50 0.54 9.80
N GLN A 40 -3.78 0.87 9.96
CA GLN A 40 -4.84 0.23 9.18
C GLN A 40 -4.79 0.70 7.73
N LEU A 41 -4.58 2.01 7.51
CA LEU A 41 -4.57 2.58 6.15
C LEU A 41 -3.41 2.03 5.33
N GLN A 42 -2.27 1.82 5.97
CA GLN A 42 -1.10 1.29 5.31
C GLN A 42 -1.35 -0.12 4.80
N GLU A 43 -2.05 -0.93 5.60
CA GLU A 43 -2.37 -2.29 5.16
C GLU A 43 -3.34 -2.26 3.98
N GLN A 44 -4.30 -1.36 3.99
CA GLN A 44 -5.28 -1.23 2.88
C GLN A 44 -4.56 -0.86 1.58
N HIS A 45 -3.57 0.02 1.69
CA HIS A 45 -2.79 0.42 0.52
C HIS A 45 -1.96 -0.77 0.02
N TYR A 46 -1.43 -1.57 0.93
CA TYR A 46 -0.63 -2.73 0.58
C TYR A 46 -1.49 -3.76 -0.11
N GLN A 47 -2.72 -3.93 0.38
CA GLN A 47 -3.65 -4.91 -0.20
C GLN A 47 -3.98 -4.52 -1.64
N GLN A 48 -4.21 -3.24 -1.89
CA GLN A 48 -4.49 -2.75 -3.24
C GLN A 48 -3.26 -3.06 -4.14
N TYR A 49 -2.07 -2.83 -3.61
CA TYR A 49 -0.85 -3.08 -4.35
C TYR A 49 -0.73 -4.57 -4.70
N MET A 50 -0.97 -5.44 -3.71
CA MET A 50 -0.86 -6.87 -3.92
C MET A 50 -1.94 -7.40 -4.88
N GLN A 51 -3.16 -6.86 -4.79
CA GLN A 51 -4.25 -7.27 -5.68
C GLN A 51 -3.94 -6.91 -7.13
N GLN A 52 -3.31 -5.76 -7.35
CA GLN A 52 -2.93 -5.38 -8.70
C GLN A 52 -1.81 -6.29 -9.18
N LEU A 53 -0.84 -6.57 -8.33
CA LEU A 53 0.30 -7.45 -8.71
C LEU A 53 -0.14 -8.85 -9.04
N TYR A 54 -1.20 -9.31 -8.39
CA TYR A 54 -1.78 -10.61 -8.67
C TYR A 54 -2.28 -10.68 -10.13
N GLN A 55 -2.90 -9.61 -10.59
CA GLN A 55 -3.38 -9.57 -11.97
C GLN A 55 -2.21 -9.44 -12.94
N VAL A 56 -1.21 -8.67 -12.55
CA VAL A 56 -0.02 -8.50 -13.41
C VAL A 56 0.69 -9.83 -13.57
N GLN A 57 0.73 -10.63 -12.51
CA GLN A 57 1.31 -11.95 -12.60
C GLN A 57 0.59 -12.80 -13.63
N LEU A 58 -0.73 -12.82 -13.60
CA LEU A 58 -1.50 -13.61 -14.56
C LEU A 58 -1.36 -13.06 -15.98
N ALA A 59 -1.17 -11.78 -16.12
CA ALA A 59 -0.95 -11.19 -17.44
C ALA A 59 0.36 -11.73 -18.01
N GLN A 60 1.38 -11.79 -17.18
CA GLN A 60 2.69 -12.31 -17.60
C GLN A 60 2.55 -13.80 -17.96
N GLN A 61 1.74 -14.53 -17.21
CA GLN A 61 1.51 -15.93 -17.54
C GLN A 61 0.81 -16.11 -18.89
N GLN A 62 -0.24 -15.34 -19.15
CA GLN A 62 -0.96 -15.51 -20.43
C GLN A 62 -0.11 -15.03 -21.59
N ALA A 63 0.78 -14.08 -21.37
CA ALA A 63 1.69 -13.59 -22.42
C ALA A 63 2.70 -14.71 -22.83
N ALA A 64 3.09 -15.54 -21.86
CA ALA A 64 3.99 -16.67 -22.09
C ALA A 64 3.26 -17.89 -22.62
N LEU A 65 2.00 -18.08 -22.23
CA LEU A 65 1.20 -19.22 -22.67
C LEU A 65 0.68 -18.96 -24.08
N GLN A 66 0.43 -17.67 -24.36
CA GLN A 66 -0.03 -17.14 -25.65
C GLN A 66 -0.92 -18.05 -26.48
N LYS A 67 -1.94 -18.56 -25.82
CA LYS A 67 -2.90 -19.53 -26.41
C LYS A 67 -3.95 -18.93 -27.36
N GLN A 68 -3.52 -18.03 -28.23
CA GLN A 68 -4.40 -17.44 -29.28
C GLN A 68 -5.74 -16.97 -28.75
N GLN A 69 -5.73 -15.94 -27.88
CA GLN A 69 -6.97 -15.31 -27.37
C GLN A 69 -7.80 -14.64 -28.50
N MET A 1 12.52 -14.92 -1.67
CA MET A 1 12.79 -14.07 -0.49
C MET A 1 11.56 -13.33 0.05
N GLN A 2 11.29 -13.51 1.34
CA GLN A 2 10.17 -12.84 1.99
C GLN A 2 10.60 -11.47 2.51
N GLN A 3 10.43 -10.46 1.68
CA GLN A 3 10.78 -9.09 2.03
C GLN A 3 9.51 -8.23 2.13
N LYS A 4 8.43 -8.86 2.61
CA LYS A 4 7.13 -8.19 2.74
C LYS A 4 7.18 -6.89 3.56
N GLN A 5 7.86 -6.92 4.69
CA GLN A 5 7.89 -5.76 5.55
C GLN A 5 8.75 -4.63 4.98
N GLN A 6 9.70 -4.92 4.10
CA GLN A 6 10.50 -3.86 3.46
C GLN A 6 9.59 -3.03 2.56
N ILE A 7 8.65 -3.71 1.91
CA ILE A 7 7.71 -3.02 1.02
C ILE A 7 6.84 -2.12 1.86
N MET A 8 6.37 -2.59 3.01
CA MET A 8 5.53 -1.76 3.87
C MET A 8 6.31 -0.59 4.47
N ALA A 9 7.61 -0.76 4.67
CA ALA A 9 8.46 0.32 5.18
C ALA A 9 8.59 1.41 4.12
N ALA A 10 8.71 1.00 2.88
CA ALA A 10 8.80 1.93 1.75
C ALA A 10 7.50 2.73 1.60
N LEU A 11 6.36 2.03 1.71
CA LEU A 11 5.05 2.70 1.63
C LEU A 11 4.87 3.66 2.80
N ASN A 12 5.42 3.30 3.94
CA ASN A 12 5.33 4.14 5.13
C ASN A 12 6.01 5.48 4.88
N SER A 13 7.16 5.45 4.21
CA SER A 13 7.89 6.68 3.92
C SER A 13 7.10 7.55 2.94
N GLN A 14 6.49 6.91 1.95
CA GLN A 14 5.71 7.64 0.93
C GLN A 14 4.43 8.28 1.48
N THR A 15 3.86 7.71 2.54
CA THR A 15 2.55 8.16 3.03
C THR A 15 2.58 8.75 4.44
N ALA A 16 3.77 8.95 4.98
CA ALA A 16 3.95 9.37 6.38
C ALA A 16 3.04 10.56 6.78
N VAL A 17 3.36 11.75 6.30
CA VAL A 17 2.59 12.93 6.65
C VAL A 17 1.23 12.92 5.91
N GLN A 18 1.20 12.24 4.77
CA GLN A 18 -0.01 12.17 3.96
C GLN A 18 -1.16 11.55 4.75
N PHE A 19 -0.88 10.47 5.45
CA PHE A 19 -1.90 9.81 6.27
C PHE A 19 -1.96 10.43 7.66
N GLN A 20 -0.89 11.07 8.12
CA GLN A 20 -0.92 11.74 9.42
C GLN A 20 -1.96 12.85 9.41
N GLN A 21 -2.05 13.62 8.34
CA GLN A 21 -3.06 14.68 8.25
C GLN A 21 -4.47 14.10 8.28
N TYR A 22 -4.68 12.99 7.57
CA TYR A 22 -5.99 12.32 7.58
C TYR A 22 -6.31 11.78 8.96
N ALA A 23 -5.32 11.21 9.63
CA ALA A 23 -5.52 10.66 10.96
C ALA A 23 -5.86 11.77 11.96
N ALA A 24 -5.26 12.94 11.81
CA ALA A 24 -5.56 14.07 12.70
C ALA A 24 -7.00 14.56 12.48
N GLN A 25 -7.55 14.31 11.30
CA GLN A 25 -8.92 14.70 10.98
C GLN A 25 -9.96 13.83 11.70
N GLN A 26 -9.50 12.69 12.22
CA GLN A 26 -10.35 11.73 12.93
C GLN A 26 -10.08 11.71 14.43
N TYR A 27 -8.80 11.71 14.79
CA TYR A 27 -8.38 11.67 16.19
C TYR A 27 -7.49 12.87 16.52
N PRO A 28 -8.06 14.09 16.54
CA PRO A 28 -7.17 15.22 16.79
C PRO A 28 -6.60 15.21 18.22
N GLY A 29 -5.31 15.48 18.33
CA GLY A 29 -4.65 15.49 19.64
C GLY A 29 -4.22 14.12 20.15
N ASN A 30 -4.74 13.04 19.58
CA ASN A 30 -4.44 11.69 20.03
C ASN A 30 -3.44 11.01 19.12
N TYR A 31 -2.16 11.23 19.37
CA TYR A 31 -1.09 10.67 18.53
C TYR A 31 -1.18 9.15 18.43
N GLU A 32 -1.39 8.48 19.55
CA GLU A 32 -1.48 7.02 19.57
C GLU A 32 -2.64 6.51 18.68
N GLN A 33 -3.80 7.13 18.78
CA GLN A 33 -4.96 6.72 17.99
C GLN A 33 -4.72 7.01 16.53
N GLN A 34 -4.08 8.13 16.26
CA GLN A 34 -3.71 8.48 14.90
C GLN A 34 -2.83 7.37 14.31
N GLN A 35 -1.94 6.79 15.09
CA GLN A 35 -1.05 5.75 14.57
C GLN A 35 -1.80 4.45 14.29
N ILE A 36 -2.76 4.12 15.16
CA ILE A 36 -3.59 2.94 14.97
C ILE A 36 -4.34 3.08 13.65
N LEU A 37 -4.85 4.28 13.39
CA LEU A 37 -5.60 4.53 12.18
C LEU A 37 -4.72 4.44 10.92
N ILE A 38 -3.58 5.10 10.95
CA ILE A 38 -2.65 5.10 9.82
C ILE A 38 -2.23 3.67 9.41
N ARG A 39 -1.99 2.79 10.37
CA ARG A 39 -1.65 1.38 10.05
C ARG A 39 -2.75 0.70 9.25
N GLN A 40 -4.00 0.99 9.58
CA GLN A 40 -5.13 0.39 8.87
C GLN A 40 -5.16 0.87 7.41
N LEU A 41 -4.94 2.16 7.21
CA LEU A 41 -4.99 2.76 5.86
C LEU A 41 -3.90 2.16 4.97
N GLN A 42 -2.72 2.00 5.56
CA GLN A 42 -1.60 1.45 4.85
C GLN A 42 -1.85 -0.02 4.53
N GLU A 43 -2.41 -0.77 5.47
CA GLU A 43 -2.66 -2.20 5.24
C GLU A 43 -3.73 -2.41 4.14
N GLN A 44 -4.82 -1.65 4.21
CA GLN A 44 -5.88 -1.74 3.21
C GLN A 44 -5.29 -1.49 1.82
N HIS A 45 -4.38 -0.54 1.71
CA HIS A 45 -3.79 -0.25 0.41
C HIS A 45 -2.62 -1.17 0.05
N TYR A 46 -2.09 -1.86 1.04
CA TYR A 46 -1.03 -2.85 0.83
C TYR A 46 -1.65 -4.07 0.16
N GLN A 47 -2.90 -4.36 0.52
CA GLN A 47 -3.63 -5.46 -0.12
C GLN A 47 -3.72 -5.19 -1.61
N GLN A 48 -4.09 -3.97 -1.97
CA GLN A 48 -4.21 -3.58 -3.38
C GLN A 48 -2.85 -3.66 -4.08
N TYR A 49 -1.81 -3.22 -3.39
CA TYR A 49 -0.45 -3.27 -3.94
C TYR A 49 -0.04 -4.71 -4.23
N MET A 50 -0.39 -5.63 -3.34
CA MET A 50 -0.10 -7.04 -3.51
C MET A 50 -0.93 -7.65 -4.64
N GLN A 51 -2.18 -7.23 -4.76
CA GLN A 51 -3.07 -7.72 -5.82
C GLN A 51 -2.52 -7.31 -7.19
N GLN A 52 -1.98 -6.09 -7.29
CA GLN A 52 -1.40 -5.64 -8.55
C GLN A 52 -0.15 -6.45 -8.84
N LEU A 53 0.68 -6.68 -7.84
CA LEU A 53 1.92 -7.45 -8.03
C LEU A 53 1.67 -8.89 -8.42
N TYR A 54 0.55 -9.43 -7.99
CA TYR A 54 0.18 -10.79 -8.37
C TYR A 54 0.00 -10.87 -9.89
N GLN A 55 -0.60 -9.83 -10.47
CA GLN A 55 -0.83 -9.80 -11.91
C GLN A 55 0.49 -9.57 -12.65
N VAL A 56 1.40 -8.81 -12.04
CA VAL A 56 2.71 -8.56 -12.64
C VAL A 56 3.50 -9.88 -12.66
N GLN A 57 3.39 -10.68 -11.61
CA GLN A 57 4.07 -11.96 -11.58
C GLN A 57 3.53 -12.85 -12.68
N LEU A 58 2.21 -12.89 -12.83
CA LEU A 58 1.60 -13.68 -13.89
C LEU A 58 1.99 -13.17 -15.27
N ALA A 59 2.17 -11.87 -15.39
CA ALA A 59 2.62 -11.28 -16.65
C ALA A 59 4.00 -11.83 -17.04
N GLN A 60 4.86 -11.98 -16.05
CA GLN A 60 6.18 -12.50 -16.29
C GLN A 60 6.10 -14.01 -16.63
N GLN A 61 5.17 -14.71 -16.01
CA GLN A 61 5.00 -16.12 -16.31
C GLN A 61 4.54 -16.31 -17.75
N GLN A 62 3.55 -15.54 -18.21
CA GLN A 62 3.04 -15.73 -19.56
C GLN A 62 4.07 -15.31 -20.61
N ALA A 63 4.96 -14.39 -20.25
CA ALA A 63 6.00 -13.96 -21.16
C ALA A 63 6.94 -15.15 -21.45
N ALA A 64 7.20 -15.96 -20.44
CA ALA A 64 8.08 -17.12 -20.63
C ALA A 64 7.32 -18.30 -21.25
N LEU A 65 6.07 -18.51 -20.80
CA LEU A 65 5.29 -19.66 -21.22
C LEU A 65 4.84 -19.52 -22.66
N GLN A 66 4.46 -18.29 -23.04
CA GLN A 66 4.01 -17.93 -24.40
C GLN A 66 3.13 -18.97 -25.11
N LYS A 67 2.25 -19.62 -24.34
CA LYS A 67 1.37 -20.70 -24.84
C LYS A 67 0.16 -20.19 -25.63
N GLN A 68 0.34 -19.15 -26.44
CA GLN A 68 -0.76 -18.62 -27.26
C GLN A 68 -0.80 -19.41 -28.58
N GLN A 69 -1.03 -20.72 -28.43
CA GLN A 69 -1.03 -21.68 -29.56
C GLN A 69 -2.37 -21.70 -30.30
N MET A 1 8.04 -15.47 2.65
CA MET A 1 6.74 -14.75 2.44
C MET A 1 6.71 -13.41 3.19
N GLN A 2 7.67 -13.29 4.09
CA GLN A 2 7.89 -12.12 4.92
C GLN A 2 8.52 -11.00 4.12
N GLN A 3 8.89 -11.28 2.86
CA GLN A 3 9.46 -10.25 1.96
C GLN A 3 8.52 -9.08 1.74
N LYS A 4 7.23 -9.34 1.96
CA LYS A 4 6.19 -8.31 2.02
C LYS A 4 6.57 -7.09 2.89
N GLN A 5 7.30 -7.31 3.96
CA GLN A 5 7.66 -6.22 4.87
C GLN A 5 8.51 -5.15 4.18
N GLN A 6 9.29 -5.52 3.17
CA GLN A 6 10.12 -4.54 2.45
C GLN A 6 9.22 -3.55 1.75
N ILE A 7 8.14 -4.07 1.17
CA ILE A 7 7.20 -3.26 0.43
C ILE A 7 6.41 -2.41 1.40
N MET A 8 5.99 -3.00 2.51
CA MET A 8 5.21 -2.26 3.51
C MET A 8 6.03 -1.12 4.13
N ALA A 9 7.32 -1.36 4.32
CA ALA A 9 8.21 -0.31 4.86
C ALA A 9 8.34 0.83 3.84
N ALA A 10 8.45 0.48 2.56
CA ALA A 10 8.54 1.49 1.50
C ALA A 10 7.24 2.31 1.47
N LEU A 11 6.09 1.65 1.53
CA LEU A 11 4.82 2.34 1.50
C LEU A 11 4.63 3.17 2.77
N ASN A 12 5.21 2.73 3.89
CA ASN A 12 5.16 3.49 5.14
C ASN A 12 5.81 4.84 4.94
N SER A 13 6.96 4.84 4.29
CA SER A 13 7.70 6.07 4.05
C SER A 13 6.97 7.00 3.10
N GLN A 14 6.40 6.43 2.04
CA GLN A 14 5.67 7.21 1.04
C GLN A 14 4.40 7.84 1.61
N THR A 15 3.69 7.13 2.48
CA THR A 15 2.40 7.61 2.98
C THR A 15 2.46 8.27 4.36
N ALA A 16 3.66 8.42 4.92
CA ALA A 16 3.84 8.93 6.28
C ALA A 16 3.04 10.19 6.60
N VAL A 17 3.47 11.33 6.06
CA VAL A 17 2.78 12.59 6.35
C VAL A 17 1.39 12.63 5.67
N GLN A 18 1.26 11.91 4.57
CA GLN A 18 0.01 11.88 3.81
C GLN A 18 -1.15 11.35 4.65
N PHE A 19 -0.92 10.26 5.34
CA PHE A 19 -1.95 9.63 6.17
C PHE A 19 -2.02 10.29 7.54
N GLN A 20 -0.94 10.95 7.94
CA GLN A 20 -0.90 11.65 9.23
C GLN A 20 -1.93 12.77 9.30
N GLN A 21 -1.98 13.59 8.26
CA GLN A 21 -2.91 14.72 8.26
C GLN A 21 -4.35 14.22 8.22
N TYR A 22 -4.57 13.12 7.50
CA TYR A 22 -5.90 12.51 7.49
C TYR A 22 -6.26 11.92 8.86
N ALA A 23 -5.32 11.27 9.52
CA ALA A 23 -5.56 10.68 10.83
C ALA A 23 -5.91 11.78 11.84
N ALA A 24 -5.24 12.92 11.72
CA ALA A 24 -5.50 14.06 12.59
C ALA A 24 -6.90 14.65 12.37
N GLN A 25 -7.42 14.46 11.18
CA GLN A 25 -8.76 14.93 10.83
C GLN A 25 -9.85 14.04 11.43
N GLN A 26 -9.49 12.83 11.82
CA GLN A 26 -10.44 11.87 12.38
C GLN A 26 -10.33 11.77 13.89
N TYR A 27 -9.10 11.67 14.38
CA TYR A 27 -8.81 11.58 15.80
C TYR A 27 -7.92 12.77 16.26
N PRO A 28 -8.46 14.02 16.22
CA PRO A 28 -7.59 15.13 16.61
C PRO A 28 -7.17 15.07 18.08
N GLY A 29 -5.92 15.41 18.34
CA GLY A 29 -5.40 15.39 19.72
C GLY A 29 -4.93 14.03 20.20
N ASN A 30 -5.34 12.96 19.53
CA ASN A 30 -5.00 11.60 19.99
C ASN A 30 -3.90 11.02 19.14
N TYR A 31 -2.66 11.40 19.43
CA TYR A 31 -1.50 10.91 18.65
C TYR A 31 -1.44 9.39 18.58
N GLU A 32 -1.67 8.72 19.71
CA GLU A 32 -1.63 7.26 19.76
C GLU A 32 -2.68 6.63 18.81
N GLN A 33 -3.91 7.14 18.82
CA GLN A 33 -4.96 6.58 17.98
C GLN A 33 -4.72 6.91 16.53
N GLN A 34 -4.16 8.08 16.28
CA GLN A 34 -3.80 8.44 14.93
C GLN A 34 -2.81 7.41 14.36
N GLN A 35 -1.91 6.90 15.18
CA GLN A 35 -0.88 5.96 14.68
C GLN A 35 -1.49 4.60 14.41
N ILE A 36 -2.41 4.18 15.27
CA ILE A 36 -3.13 2.92 15.09
C ILE A 36 -3.94 2.99 13.80
N LEU A 37 -4.58 4.13 13.56
CA LEU A 37 -5.36 4.36 12.36
C LEU A 37 -4.48 4.32 11.10
N ILE A 38 -3.35 5.02 11.13
CA ILE A 38 -2.43 5.01 10.00
C ILE A 38 -1.95 3.60 9.66
N ARG A 39 -1.71 2.77 10.66
CA ARG A 39 -1.35 1.36 10.43
C ARG A 39 -2.46 0.66 9.65
N GLN A 40 -3.70 0.92 10.01
CA GLN A 40 -4.84 0.32 9.32
C GLN A 40 -4.91 0.81 7.88
N LEU A 41 -4.71 2.11 7.67
CA LEU A 41 -4.79 2.70 6.34
C LEU A 41 -3.70 2.12 5.44
N GLN A 42 -2.52 1.89 5.98
CA GLN A 42 -1.42 1.32 5.23
C GLN A 42 -1.71 -0.14 4.85
N GLU A 43 -2.34 -0.90 5.75
CA GLU A 43 -2.69 -2.29 5.45
C GLU A 43 -3.76 -2.34 4.36
N GLN A 44 -4.72 -1.45 4.41
CA GLN A 44 -5.74 -1.36 3.35
C GLN A 44 -5.08 -0.93 2.04
N HIS A 45 -4.17 0.05 2.13
CA HIS A 45 -3.42 0.52 0.96
C HIS A 45 -2.56 -0.60 0.34
N TYR A 46 -2.10 -1.54 1.15
CA TYR A 46 -1.32 -2.67 0.64
C TYR A 46 -2.20 -3.57 -0.24
N GLN A 47 -3.46 -3.71 0.09
CA GLN A 47 -4.37 -4.49 -0.74
C GLN A 47 -4.54 -3.84 -2.10
N GLN A 48 -4.63 -2.52 -2.14
CA GLN A 48 -4.70 -1.80 -3.41
C GLN A 48 -3.41 -2.02 -4.21
N TYR A 49 -2.27 -1.97 -3.52
CA TYR A 49 -0.98 -2.17 -4.16
C TYR A 49 -0.88 -3.58 -4.76
N MET A 50 -1.41 -4.58 -4.06
CA MET A 50 -1.38 -5.96 -4.56
C MET A 50 -2.28 -6.12 -5.78
N GLN A 51 -3.45 -5.48 -5.76
CA GLN A 51 -4.37 -5.57 -6.88
C GLN A 51 -3.74 -4.90 -8.10
N GLN A 52 -3.02 -3.82 -7.89
CA GLN A 52 -2.31 -3.15 -8.97
C GLN A 52 -1.21 -4.07 -9.53
N LEU A 53 -0.46 -4.73 -8.64
CA LEU A 53 0.61 -5.63 -9.05
C LEU A 53 0.10 -6.83 -9.83
N TYR A 54 -1.12 -7.25 -9.55
CA TYR A 54 -1.74 -8.34 -10.29
C TYR A 54 -1.96 -7.93 -11.76
N GLN A 55 -2.31 -6.66 -11.99
CA GLN A 55 -2.51 -6.19 -13.37
C GLN A 55 -1.17 -6.08 -14.08
N VAL A 56 -0.16 -5.68 -13.33
CA VAL A 56 1.21 -5.61 -13.87
C VAL A 56 1.73 -7.01 -14.22
N GLN A 57 1.41 -7.98 -13.39
CA GLN A 57 1.74 -9.39 -13.67
C GLN A 57 1.13 -9.81 -14.99
N LEU A 58 -0.16 -9.53 -15.17
CA LEU A 58 -0.85 -9.94 -16.40
C LEU A 58 -0.26 -9.27 -17.62
N ALA A 59 0.13 -8.00 -17.48
CA ALA A 59 0.72 -7.24 -18.57
C ALA A 59 2.00 -7.91 -19.08
N GLN A 60 2.80 -8.39 -18.15
CA GLN A 60 4.02 -9.07 -18.53
C GLN A 60 3.73 -10.48 -19.07
N GLN A 61 2.75 -11.15 -18.47
CA GLN A 61 2.39 -12.50 -18.90
C GLN A 61 1.89 -12.51 -20.35
N GLN A 62 1.04 -11.57 -20.73
CA GLN A 62 0.56 -11.53 -22.11
C GLN A 62 1.68 -11.21 -23.08
N ALA A 63 2.67 -10.44 -22.65
CA ALA A 63 3.80 -10.13 -23.53
C ALA A 63 4.68 -11.38 -23.73
N ALA A 64 4.86 -12.16 -22.66
CA ALA A 64 5.70 -13.35 -22.71
C ALA A 64 5.02 -14.43 -23.55
N LEU A 65 3.71 -14.52 -23.44
CA LEU A 65 2.94 -15.52 -24.18
C LEU A 65 2.70 -15.09 -25.63
N GLN A 66 2.50 -13.80 -25.85
CA GLN A 66 2.21 -13.17 -27.16
C GLN A 66 1.35 -14.00 -28.15
N LYS A 67 0.37 -14.70 -27.60
CA LYS A 67 -0.54 -15.58 -28.38
C LYS A 67 -1.66 -14.80 -29.04
N GLN A 68 -1.67 -13.50 -28.88
CA GLN A 68 -2.70 -12.64 -29.50
C GLN A 68 -2.14 -12.00 -30.77
N GLN A 69 -1.61 -12.84 -31.63
CA GLN A 69 -0.99 -12.44 -32.90
C GLN A 69 -2.00 -11.81 -33.85
N MET A 1 12.01 -15.96 -0.07
CA MET A 1 12.05 -15.85 1.43
C MET A 1 11.10 -14.79 1.97
N GLN A 2 10.43 -14.18 0.97
CA GLN A 2 9.44 -13.08 1.05
C GLN A 2 10.08 -11.72 1.41
N GLN A 3 9.70 -10.71 0.67
CA GLN A 3 10.17 -9.34 0.90
C GLN A 3 8.94 -8.46 1.08
N LYS A 4 7.86 -9.05 1.58
CA LYS A 4 6.61 -8.33 1.78
C LYS A 4 6.76 -7.13 2.71
N GLN A 5 7.56 -7.29 3.75
CA GLN A 5 7.76 -6.21 4.71
C GLN A 5 8.58 -5.05 4.12
N GLN A 6 9.38 -5.31 3.11
CA GLN A 6 10.17 -4.24 2.48
C GLN A 6 9.26 -3.33 1.68
N ILE A 7 8.21 -3.91 1.10
CA ILE A 7 7.22 -3.14 0.35
C ILE A 7 6.49 -2.25 1.35
N MET A 8 6.16 -2.81 2.50
CA MET A 8 5.51 -2.05 3.57
C MET A 8 6.40 -0.93 4.10
N ALA A 9 7.70 -1.15 4.17
CA ALA A 9 8.62 -0.13 4.66
C ALA A 9 8.64 1.08 3.73
N ALA A 10 8.61 0.82 2.41
CA ALA A 10 8.57 1.89 1.44
C ALA A 10 7.24 2.64 1.54
N LEU A 11 6.16 1.86 1.60
CA LEU A 11 4.82 2.42 1.70
C LEU A 11 4.67 3.25 2.95
N ASN A 12 5.21 2.77 4.06
CA ASN A 12 5.12 3.48 5.32
C ASN A 12 5.76 4.86 5.21
N SER A 13 6.92 4.95 4.61
CA SER A 13 7.61 6.22 4.49
C SER A 13 6.90 7.18 3.55
N GLN A 14 6.48 6.68 2.41
CA GLN A 14 5.89 7.54 1.38
C GLN A 14 4.48 8.01 1.70
N THR A 15 3.83 7.38 2.68
CA THR A 15 2.48 7.77 3.09
C THR A 15 2.45 8.35 4.50
N ALA A 16 3.61 8.44 5.14
CA ALA A 16 3.69 8.86 6.55
C ALA A 16 2.96 10.18 6.83
N VAL A 17 3.47 11.27 6.29
CA VAL A 17 2.87 12.59 6.56
C VAL A 17 1.52 12.72 5.87
N GLN A 18 1.32 12.00 4.77
CA GLN A 18 0.06 12.11 4.01
C GLN A 18 -1.10 11.52 4.80
N PHE A 19 -0.90 10.35 5.39
CA PHE A 19 -1.96 9.75 6.21
C PHE A 19 -2.00 10.41 7.57
N GLN A 20 -0.92 11.04 7.99
CA GLN A 20 -0.92 11.76 9.28
C GLN A 20 -1.94 12.89 9.26
N GLN A 21 -1.99 13.63 8.17
CA GLN A 21 -2.95 14.73 8.06
C GLN A 21 -4.39 14.21 8.08
N TYR A 22 -4.61 13.07 7.45
CA TYR A 22 -5.93 12.44 7.48
C TYR A 22 -6.28 11.94 8.88
N ALA A 23 -5.32 11.31 9.53
CA ALA A 23 -5.54 10.76 10.87
C ALA A 23 -5.87 11.86 11.88
N ALA A 24 -5.25 13.02 11.71
CA ALA A 24 -5.48 14.15 12.60
C ALA A 24 -6.90 14.70 12.44
N GLN A 25 -7.50 14.49 11.28
CA GLN A 25 -8.87 14.91 11.01
C GLN A 25 -9.87 14.00 11.73
N GLN A 26 -9.48 12.76 11.95
CA GLN A 26 -10.34 11.75 12.56
C GLN A 26 -10.18 11.66 14.07
N TYR A 27 -8.93 11.63 14.51
CA TYR A 27 -8.60 11.52 15.93
C TYR A 27 -7.73 12.71 16.36
N PRO A 28 -8.30 13.93 16.37
CA PRO A 28 -7.40 15.03 16.73
C PRO A 28 -6.93 14.97 18.18
N GLY A 29 -5.67 15.28 18.39
CA GLY A 29 -5.07 15.25 19.71
C GLY A 29 -4.64 13.87 20.19
N ASN A 30 -5.22 12.81 19.65
CA ASN A 30 -4.90 11.46 20.11
C ASN A 30 -3.84 10.85 19.22
N TYR A 31 -2.59 11.15 19.55
CA TYR A 31 -1.44 10.66 18.78
C TYR A 31 -1.47 9.14 18.65
N GLU A 32 -1.76 8.45 19.74
CA GLU A 32 -1.81 7.00 19.72
C GLU A 32 -2.85 6.45 18.73
N GLN A 33 -4.05 7.00 18.75
CA GLN A 33 -5.11 6.55 17.85
C GLN A 33 -4.81 6.93 16.41
N GLN A 34 -4.20 8.07 16.24
CA GLN A 34 -3.77 8.50 14.92
C GLN A 34 -2.81 7.46 14.33
N GLN A 35 -1.93 6.89 15.16
CA GLN A 35 -0.94 5.92 14.65
C GLN A 35 -1.63 4.61 14.31
N ILE A 36 -2.58 4.21 15.13
CA ILE A 36 -3.34 2.98 14.89
C ILE A 36 -4.11 3.12 13.58
N LEU A 37 -4.72 4.26 13.35
CA LEU A 37 -5.47 4.49 12.13
C LEU A 37 -4.55 4.39 10.91
N ILE A 38 -3.44 5.11 10.93
CA ILE A 38 -2.47 5.09 9.82
C ILE A 38 -1.97 3.66 9.54
N ARG A 39 -1.72 2.91 10.59
CA ARG A 39 -1.26 1.53 10.46
C ARG A 39 -2.30 0.68 9.74
N GLN A 40 -3.58 0.90 10.05
CA GLN A 40 -4.67 0.20 9.38
C GLN A 40 -4.85 0.70 7.93
N LEU A 41 -4.72 2.01 7.70
CA LEU A 41 -4.86 2.56 6.35
C LEU A 41 -3.81 1.94 5.44
N GLN A 42 -2.58 1.83 5.94
CA GLN A 42 -1.50 1.24 5.16
C GLN A 42 -1.76 -0.22 4.87
N GLU A 43 -2.37 -0.94 5.81
CA GLU A 43 -2.67 -2.35 5.61
C GLU A 43 -3.77 -2.56 4.57
N GLN A 44 -4.81 -1.75 4.65
CA GLN A 44 -5.91 -1.86 3.67
C GLN A 44 -5.40 -1.46 2.28
N HIS A 45 -4.55 -0.44 2.25
CA HIS A 45 -3.92 0.00 1.00
C HIS A 45 -2.98 -1.09 0.46
N TYR A 46 -2.38 -1.86 1.34
CA TYR A 46 -1.47 -2.94 0.93
C TYR A 46 -2.19 -3.97 0.07
N GLN A 47 -3.44 -4.26 0.41
CA GLN A 47 -4.21 -5.23 -0.38
C GLN A 47 -4.40 -4.71 -1.79
N GLN A 48 -4.72 -3.44 -1.93
CA GLN A 48 -4.89 -2.83 -3.24
C GLN A 48 -3.55 -2.80 -3.98
N TYR A 49 -2.49 -2.47 -3.26
CA TYR A 49 -1.15 -2.39 -3.84
C TYR A 49 -0.74 -3.75 -4.40
N MET A 50 -1.03 -4.80 -3.65
CA MET A 50 -0.73 -6.16 -4.10
C MET A 50 -1.58 -6.53 -5.30
N GLN A 51 -2.85 -6.17 -5.29
CA GLN A 51 -3.74 -6.45 -6.40
C GLN A 51 -3.26 -5.73 -7.65
N GLN A 52 -2.83 -4.49 -7.51
CA GLN A 52 -2.36 -3.74 -8.66
C GLN A 52 -1.08 -4.36 -9.20
N LEU A 53 -0.17 -4.73 -8.30
CA LEU A 53 1.09 -5.34 -8.70
C LEU A 53 0.88 -6.66 -9.40
N TYR A 54 -0.18 -7.35 -9.05
CA TYR A 54 -0.54 -8.62 -9.69
C TYR A 54 -0.94 -8.38 -11.16
N GLN A 55 -1.65 -7.28 -11.43
CA GLN A 55 -2.01 -6.95 -12.81
C GLN A 55 -0.78 -6.52 -13.58
N VAL A 56 0.14 -5.84 -12.89
CA VAL A 56 1.39 -5.40 -13.52
C VAL A 56 2.26 -6.61 -13.84
N GLN A 57 2.23 -7.61 -12.98
CA GLN A 57 2.91 -8.86 -13.26
C GLN A 57 2.33 -9.50 -14.52
N LEU A 58 1.01 -9.55 -14.61
CA LEU A 58 0.36 -10.13 -15.78
C LEU A 58 0.62 -9.31 -17.05
N ALA A 59 0.75 -8.01 -16.91
CA ALA A 59 1.08 -7.14 -18.05
C ALA A 59 2.43 -7.55 -18.62
N GLN A 60 3.37 -7.86 -17.76
CA GLN A 60 4.68 -8.28 -18.20
C GLN A 60 4.62 -9.72 -18.76
N GLN A 61 3.75 -10.55 -18.18
CA GLN A 61 3.60 -11.93 -18.64
C GLN A 61 3.02 -11.99 -20.04
N GLN A 62 2.00 -11.18 -20.33
CA GLN A 62 1.40 -11.19 -21.66
C GLN A 62 2.37 -10.59 -22.68
N ALA A 63 3.26 -9.71 -22.24
CA ALA A 63 4.28 -9.15 -23.11
C ALA A 63 5.32 -10.22 -23.46
N ALA A 64 5.61 -11.10 -22.51
CA ALA A 64 6.58 -12.16 -22.75
C ALA A 64 5.98 -13.23 -23.66
N LEU A 65 4.70 -13.51 -23.43
CA LEU A 65 3.98 -14.47 -24.26
C LEU A 65 3.81 -13.96 -25.67
N GLN A 66 3.52 -12.65 -25.79
CA GLN A 66 3.29 -11.94 -27.07
C GLN A 66 2.52 -12.76 -28.13
N LYS A 67 1.54 -13.52 -27.66
CA LYS A 67 0.76 -14.43 -28.51
C LYS A 67 -0.65 -13.90 -28.75
N GLN A 68 -0.77 -12.59 -28.83
CA GLN A 68 -2.04 -11.95 -29.14
C GLN A 68 -2.19 -11.92 -30.65
N GLN A 69 -2.35 -13.11 -31.22
CA GLN A 69 -2.35 -13.35 -32.67
C GLN A 69 -3.67 -12.98 -33.35
N MET A 1 13.08 -13.49 -1.13
CA MET A 1 12.66 -14.20 0.10
C MET A 1 12.19 -13.26 1.17
N GLN A 2 10.86 -13.31 1.44
CA GLN A 2 10.17 -12.50 2.46
C GLN A 2 10.34 -10.99 2.25
N GLN A 3 10.73 -10.57 1.05
CA GLN A 3 10.94 -9.13 0.74
C GLN A 3 9.63 -8.35 0.71
N LYS A 4 8.53 -9.07 0.93
CA LYS A 4 7.22 -8.45 1.08
C LYS A 4 7.21 -7.40 2.18
N GLN A 5 7.98 -7.62 3.24
CA GLN A 5 8.03 -6.67 4.37
C GLN A 5 8.72 -5.36 4.02
N GLN A 6 9.59 -5.39 3.01
CA GLN A 6 10.31 -4.17 2.60
C GLN A 6 9.32 -3.22 1.97
N ILE A 7 8.34 -3.75 1.26
CA ILE A 7 7.33 -2.93 0.60
C ILE A 7 6.53 -2.22 1.69
N MET A 8 6.21 -2.92 2.76
CA MET A 8 5.48 -2.31 3.87
C MET A 8 6.27 -1.16 4.48
N ALA A 9 7.56 -1.36 4.69
CA ALA A 9 8.42 -0.31 5.25
C ALA A 9 8.53 0.89 4.28
N ALA A 10 8.53 0.61 2.98
CA ALA A 10 8.60 1.65 1.99
C ALA A 10 7.28 2.45 1.98
N LEU A 11 6.15 1.76 2.10
CA LEU A 11 4.86 2.43 2.07
C LEU A 11 4.69 3.34 3.26
N ASN A 12 5.26 2.96 4.40
CA ASN A 12 5.20 3.78 5.60
C ASN A 12 5.85 5.14 5.35
N SER A 13 6.93 5.15 4.58
CA SER A 13 7.58 6.42 4.22
C SER A 13 6.79 7.18 3.14
N GLN A 14 6.30 6.47 2.13
CA GLN A 14 5.61 7.10 1.00
C GLN A 14 4.31 7.79 1.36
N THR A 15 3.54 7.17 2.23
CA THR A 15 2.19 7.66 2.56
C THR A 15 2.16 8.36 3.91
N ALA A 16 3.33 8.55 4.50
CA ALA A 16 3.48 9.11 5.85
C ALA A 16 2.57 10.32 6.14
N VAL A 17 2.85 11.46 5.50
CA VAL A 17 2.10 12.67 5.82
C VAL A 17 0.68 12.63 5.24
N GLN A 18 0.51 11.90 4.15
CA GLN A 18 -0.79 11.76 3.50
C GLN A 18 -1.81 11.17 4.47
N PHE A 19 -1.43 10.10 5.15
CA PHE A 19 -2.31 9.46 6.11
C PHE A 19 -2.29 10.21 7.45
N GLN A 20 -1.18 10.85 7.79
CA GLN A 20 -1.09 11.57 9.07
C GLN A 20 -2.06 12.73 9.15
N GLN A 21 -2.19 13.50 8.08
CA GLN A 21 -3.12 14.64 8.09
C GLN A 21 -4.56 14.16 8.21
N TYR A 22 -4.88 13.07 7.53
CA TYR A 22 -6.22 12.50 7.64
C TYR A 22 -6.47 11.95 9.05
N ALA A 23 -5.47 11.31 9.62
CA ALA A 23 -5.59 10.76 10.96
C ALA A 23 -5.79 11.87 11.98
N ALA A 24 -5.12 12.99 11.76
CA ALA A 24 -5.24 14.13 12.66
C ALA A 24 -6.62 14.77 12.55
N GLN A 25 -7.22 14.68 11.37
CA GLN A 25 -8.55 15.22 11.15
C GLN A 25 -9.58 14.38 11.90
N GLN A 26 -9.30 13.08 12.02
CA GLN A 26 -10.23 12.12 12.63
C GLN A 26 -10.03 12.04 14.14
N TYR A 27 -8.79 11.94 14.57
CA TYR A 27 -8.46 11.85 15.99
C TYR A 27 -7.52 12.98 16.41
N PRO A 28 -8.03 14.22 16.42
CA PRO A 28 -7.10 15.29 16.80
C PRO A 28 -6.69 15.23 18.26
N GLY A 29 -5.42 15.51 18.50
CA GLY A 29 -4.88 15.45 19.84
C GLY A 29 -4.40 14.08 20.29
N ASN A 30 -4.89 13.01 19.68
CA ASN A 30 -4.56 11.66 20.14
C ASN A 30 -3.55 10.99 19.24
N TYR A 31 -2.27 11.25 19.47
CA TYR A 31 -1.19 10.65 18.68
C TYR A 31 -1.35 9.13 18.59
N GLU A 32 -1.66 8.49 19.70
CA GLU A 32 -1.81 7.04 19.71
C GLU A 32 -2.91 6.53 18.80
N GLN A 33 -4.06 7.19 18.80
CA GLN A 33 -5.17 6.77 17.96
C GLN A 33 -4.87 7.07 16.52
N GLN A 34 -4.18 8.17 16.29
CA GLN A 34 -3.76 8.53 14.94
C GLN A 34 -2.89 7.38 14.40
N GLN A 35 -2.07 6.78 15.24
CA GLN A 35 -1.14 5.74 14.78
C GLN A 35 -1.88 4.44 14.48
N ILE A 36 -2.89 4.14 15.28
CA ILE A 36 -3.70 2.94 15.07
C ILE A 36 -4.40 3.06 13.72
N LEU A 37 -4.94 4.23 13.43
CA LEU A 37 -5.64 4.44 12.16
C LEU A 37 -4.67 4.30 10.98
N ILE A 38 -3.52 4.97 11.05
CA ILE A 38 -2.51 4.93 10.00
C ILE A 38 -2.01 3.51 9.74
N ARG A 39 -1.85 2.71 10.79
CA ARG A 39 -1.41 1.32 10.63
C ARG A 39 -2.37 0.57 9.72
N GLN A 40 -3.65 0.75 9.91
CA GLN A 40 -4.66 0.05 9.12
C GLN A 40 -4.82 0.66 7.71
N LEU A 41 -4.61 1.95 7.58
CA LEU A 41 -4.67 2.60 6.26
C LEU A 41 -3.57 2.02 5.37
N GLN A 42 -2.40 1.84 5.95
CA GLN A 42 -1.26 1.29 5.20
C GLN A 42 -1.51 -0.19 4.88
N GLU A 43 -2.13 -0.89 5.81
CA GLU A 43 -2.45 -2.31 5.62
C GLU A 43 -3.41 -2.47 4.43
N GLN A 44 -4.42 -1.63 4.38
CA GLN A 44 -5.41 -1.69 3.31
C GLN A 44 -4.80 -1.36 1.93
N HIS A 45 -3.89 -0.41 1.91
CA HIS A 45 -3.25 0.03 0.67
C HIS A 45 -2.39 -1.07 0.06
N TYR A 46 -1.90 -1.96 0.90
CA TYR A 46 -1.07 -3.07 0.43
C TYR A 46 -1.77 -3.98 -0.55
N GLN A 47 -3.08 -4.12 -0.40
CA GLN A 47 -3.87 -4.99 -1.30
C GLN A 47 -3.78 -4.48 -2.72
N GLN A 48 -3.83 -3.17 -2.89
CA GLN A 48 -3.80 -2.57 -4.21
C GLN A 48 -2.41 -2.71 -4.81
N TYR A 49 -1.39 -2.59 -3.97
CA TYR A 49 -0.01 -2.77 -4.41
C TYR A 49 0.18 -4.19 -4.95
N MET A 50 -0.42 -5.17 -4.28
CA MET A 50 -0.30 -6.56 -4.71
C MET A 50 -1.06 -6.79 -6.02
N GLN A 51 -2.23 -6.20 -6.13
CA GLN A 51 -3.04 -6.30 -7.34
C GLN A 51 -2.29 -5.69 -8.53
N GLN A 52 -1.61 -4.56 -8.31
CA GLN A 52 -0.84 -3.90 -9.36
C GLN A 52 0.26 -4.84 -9.86
N LEU A 53 1.00 -5.45 -8.93
CA LEU A 53 2.11 -6.35 -9.28
C LEU A 53 1.67 -7.54 -10.11
N TYR A 54 0.47 -8.03 -9.88
CA TYR A 54 -0.05 -9.13 -10.68
C TYR A 54 -0.22 -8.70 -12.16
N GLN A 55 -0.66 -7.48 -12.39
CA GLN A 55 -0.85 -7.01 -13.76
C GLN A 55 0.50 -6.72 -14.39
N VAL A 56 1.46 -6.26 -13.59
CA VAL A 56 2.82 -6.03 -14.05
C VAL A 56 3.46 -7.35 -14.46
N GLN A 57 3.18 -8.43 -13.73
CA GLN A 57 3.73 -9.72 -14.11
C GLN A 57 3.19 -10.16 -15.46
N LEU A 58 1.89 -9.98 -15.66
CA LEU A 58 1.28 -10.33 -16.93
C LEU A 58 1.82 -9.42 -18.05
N ALA A 59 2.09 -8.17 -17.74
CA ALA A 59 2.64 -7.22 -18.72
C ALA A 59 3.99 -7.70 -19.23
N GLN A 60 4.82 -8.20 -18.32
CA GLN A 60 6.12 -8.70 -18.72
C GLN A 60 5.96 -9.99 -19.54
N GLN A 61 4.96 -10.83 -19.22
CA GLN A 61 4.75 -12.07 -19.97
C GLN A 61 4.35 -11.77 -21.41
N GLN A 62 3.41 -10.86 -21.62
CA GLN A 62 2.96 -10.56 -22.97
C GLN A 62 4.04 -9.85 -23.76
N ALA A 63 4.90 -9.10 -23.06
CA ALA A 63 6.03 -8.45 -23.71
C ALA A 63 7.04 -9.44 -24.26
N ALA A 64 7.16 -10.60 -23.63
CA ALA A 64 8.08 -11.63 -24.11
C ALA A 64 7.40 -12.57 -25.12
N LEU A 65 6.09 -12.71 -24.99
CA LEU A 65 5.35 -13.65 -25.84
C LEU A 65 5.08 -13.03 -27.21
N GLN A 66 4.70 -11.76 -27.19
CA GLN A 66 4.38 -10.99 -28.40
C GLN A 66 3.51 -11.76 -29.41
N LYS A 67 2.49 -12.47 -28.92
CA LYS A 67 1.67 -13.36 -29.77
C LYS A 67 0.58 -12.65 -30.57
N GLN A 68 0.86 -11.42 -30.96
CA GLN A 68 -0.05 -10.64 -31.80
C GLN A 68 0.77 -10.18 -33.01
N GLN A 69 1.00 -11.11 -33.94
CA GLN A 69 1.82 -10.87 -35.14
C GLN A 69 0.99 -10.99 -36.42
N MET A 1 12.32 -7.57 -6.15
CA MET A 1 11.87 -7.78 -4.74
C MET A 1 12.20 -9.15 -4.19
N GLN A 2 12.96 -9.17 -3.09
CA GLN A 2 13.33 -10.41 -2.40
C GLN A 2 12.27 -10.68 -1.33
N GLN A 3 11.76 -9.63 -0.70
CA GLN A 3 10.79 -9.76 0.36
C GLN A 3 9.66 -8.76 0.22
N LYS A 4 8.46 -9.16 0.58
CA LYS A 4 7.29 -8.28 0.55
C LYS A 4 7.44 -7.09 1.50
N GLN A 5 8.28 -7.23 2.53
CA GLN A 5 8.54 -6.13 3.47
C GLN A 5 9.17 -4.92 2.79
N GLN A 6 9.89 -5.17 1.70
CA GLN A 6 10.54 -4.08 0.99
C GLN A 6 9.48 -3.18 0.36
N ILE A 7 8.41 -3.80 -0.13
CA ILE A 7 7.31 -3.08 -0.75
C ILE A 7 6.57 -2.30 0.34
N MET A 8 6.35 -2.96 1.47
CA MET A 8 5.66 -2.34 2.61
C MET A 8 6.41 -1.12 3.14
N ALA A 9 7.73 -1.19 3.23
CA ALA A 9 8.52 -0.07 3.72
C ALA A 9 8.41 1.12 2.76
N ALA A 10 8.43 0.84 1.47
CA ALA A 10 8.35 1.89 0.49
C ALA A 10 7.00 2.58 0.53
N LEU A 11 5.92 1.80 0.62
CA LEU A 11 4.59 2.38 0.67
C LEU A 11 4.43 3.22 1.93
N ASN A 12 4.94 2.72 3.05
CA ASN A 12 4.84 3.45 4.31
C ASN A 12 5.54 4.78 4.20
N SER A 13 6.64 4.82 3.47
CA SER A 13 7.36 6.08 3.25
C SER A 13 6.57 7.07 2.37
N GLN A 14 6.01 6.56 1.27
CA GLN A 14 5.32 7.40 0.32
C GLN A 14 4.06 8.04 0.86
N THR A 15 3.43 7.43 1.86
CA THR A 15 2.14 7.90 2.38
C THR A 15 2.20 8.31 3.85
N ALA A 16 3.40 8.41 4.39
CA ALA A 16 3.59 8.74 5.82
C ALA A 16 2.84 10.00 6.25
N VAL A 17 3.23 11.16 5.73
CA VAL A 17 2.62 12.40 6.14
C VAL A 17 1.19 12.49 5.61
N GLN A 18 0.97 11.84 4.47
CA GLN A 18 -0.34 11.85 3.82
C GLN A 18 -1.41 11.25 4.72
N PHE A 19 -1.09 10.12 5.32
CA PHE A 19 -2.02 9.48 6.23
C PHE A 19 -2.01 10.17 7.57
N GLN A 20 -0.91 10.82 7.93
CA GLN A 20 -0.85 11.54 9.21
C GLN A 20 -1.86 12.69 9.21
N GLN A 21 -1.95 13.39 8.10
CA GLN A 21 -2.87 14.52 7.97
C GLN A 21 -4.31 14.06 8.09
N TYR A 22 -4.61 12.93 7.48
CA TYR A 22 -5.94 12.33 7.56
C TYR A 22 -6.23 11.84 8.97
N ALA A 23 -5.21 11.23 9.61
CA ALA A 23 -5.37 10.69 10.95
C ALA A 23 -5.70 11.82 11.91
N ALA A 24 -5.04 12.96 11.75
CA ALA A 24 -5.29 14.11 12.64
C ALA A 24 -6.70 14.68 12.40
N GLN A 25 -7.17 14.56 11.18
CA GLN A 25 -8.50 15.05 10.82
C GLN A 25 -9.59 14.20 11.49
N GLN A 26 -9.26 12.95 11.77
CA GLN A 26 -10.19 11.97 12.34
C GLN A 26 -10.10 11.86 13.87
N TYR A 27 -8.88 11.87 14.38
CA TYR A 27 -8.63 11.79 15.83
C TYR A 27 -7.82 12.99 16.33
N PRO A 28 -8.44 14.19 16.30
CA PRO A 28 -7.63 15.33 16.73
C PRO A 28 -7.34 15.34 18.23
N GLY A 29 -6.11 15.68 18.59
CA GLY A 29 -5.69 15.69 19.99
C GLY A 29 -5.28 14.34 20.53
N ASN A 30 -5.52 13.28 19.76
CA ASN A 30 -5.24 11.92 20.19
C ASN A 30 -4.13 11.28 19.36
N TYR A 31 -2.90 11.59 19.71
CA TYR A 31 -1.74 11.05 19.01
C TYR A 31 -1.77 9.52 18.96
N GLU A 32 -2.19 8.91 20.07
CA GLU A 32 -2.27 7.45 20.14
C GLU A 32 -3.21 6.86 19.08
N GLN A 33 -4.40 7.43 18.93
CA GLN A 33 -5.38 6.92 18.00
C GLN A 33 -5.01 7.22 16.58
N GLN A 34 -4.35 8.35 16.39
CA GLN A 34 -3.81 8.71 15.08
C GLN A 34 -2.80 7.66 14.60
N GLN A 35 -1.99 7.14 15.51
CA GLN A 35 -0.97 6.16 15.15
C GLN A 35 -1.60 4.81 14.83
N ILE A 36 -2.66 4.46 15.55
CA ILE A 36 -3.36 3.19 15.30
C ILE A 36 -4.03 3.23 13.91
N LEU A 37 -4.72 4.32 13.58
CA LEU A 37 -5.44 4.40 12.31
C LEU A 37 -4.55 4.16 11.10
N ILE A 38 -3.40 4.81 11.09
CA ILE A 38 -2.45 4.71 9.99
C ILE A 38 -2.04 3.26 9.74
N ARG A 39 -1.93 2.45 10.79
CA ARG A 39 -1.56 1.04 10.59
C ARG A 39 -2.58 0.32 9.73
N GLN A 40 -3.85 0.55 10.01
CA GLN A 40 -4.93 -0.09 9.26
C GLN A 40 -4.98 0.41 7.84
N LEU A 41 -4.74 1.69 7.62
CA LEU A 41 -4.71 2.27 6.28
C LEU A 41 -3.63 1.59 5.44
N GLN A 42 -2.44 1.50 5.98
CA GLN A 42 -1.30 0.95 5.24
C GLN A 42 -1.54 -0.50 4.85
N GLU A 43 -2.10 -1.29 5.78
CA GLU A 43 -2.34 -2.71 5.51
C GLU A 43 -3.37 -2.86 4.41
N GLN A 44 -4.45 -2.11 4.47
CA GLN A 44 -5.48 -2.20 3.45
C GLN A 44 -4.96 -1.76 2.06
N HIS A 45 -4.18 -0.69 2.02
CA HIS A 45 -3.71 -0.14 0.76
C HIS A 45 -2.73 -1.10 0.04
N TYR A 46 -2.12 -2.00 0.78
CA TYR A 46 -1.28 -3.04 0.16
C TYR A 46 -2.05 -3.93 -0.80
N GLN A 47 -3.32 -4.15 -0.51
CA GLN A 47 -4.19 -5.02 -1.34
C GLN A 47 -4.31 -4.42 -2.73
N GLN A 48 -4.49 -3.10 -2.78
CA GLN A 48 -4.63 -2.42 -4.06
C GLN A 48 -3.33 -2.46 -4.84
N TYR A 49 -2.22 -2.34 -4.13
CA TYR A 49 -0.91 -2.40 -4.78
C TYR A 49 -0.68 -3.74 -5.44
N MET A 50 -1.15 -4.81 -4.82
CA MET A 50 -1.02 -6.14 -5.45
C MET A 50 -1.85 -6.19 -6.75
N GLN A 51 -3.07 -5.67 -6.70
CA GLN A 51 -3.95 -5.61 -7.89
C GLN A 51 -3.31 -4.77 -9.00
N GLN A 52 -2.63 -3.69 -8.62
CA GLN A 52 -1.96 -2.83 -9.59
C GLN A 52 -0.78 -3.54 -10.22
N LEU A 53 0.03 -4.24 -9.41
CA LEU A 53 1.19 -4.93 -9.94
C LEU A 53 0.82 -5.94 -11.00
N TYR A 54 -0.33 -6.59 -10.85
CA TYR A 54 -0.80 -7.53 -11.85
C TYR A 54 -0.96 -6.83 -13.22
N GLN A 55 -1.53 -5.63 -13.22
CA GLN A 55 -1.70 -4.89 -14.48
C GLN A 55 -0.38 -4.39 -15.03
N VAL A 56 0.55 -4.04 -14.15
CA VAL A 56 1.90 -3.59 -14.56
C VAL A 56 2.64 -4.74 -15.24
N GLN A 57 2.49 -5.95 -14.70
CA GLN A 57 3.11 -7.11 -15.32
C GLN A 57 2.59 -7.31 -16.73
N LEU A 58 1.30 -7.22 -16.91
CA LEU A 58 0.70 -7.39 -18.22
C LEU A 58 1.13 -6.27 -19.18
N ALA A 59 1.31 -5.07 -18.66
CA ALA A 59 1.73 -3.95 -19.50
C ALA A 59 3.12 -4.19 -20.05
N GLN A 60 3.98 -4.80 -19.26
CA GLN A 60 5.31 -5.13 -19.72
C GLN A 60 5.29 -6.30 -20.72
N GLN A 61 4.29 -7.15 -20.64
CA GLN A 61 4.11 -8.21 -21.67
C GLN A 61 3.69 -7.53 -22.97
N GLN A 62 2.87 -6.51 -22.91
CA GLN A 62 2.47 -5.78 -24.11
C GLN A 62 3.68 -5.07 -24.70
N ALA A 63 4.53 -4.55 -23.84
CA ALA A 63 5.75 -3.86 -24.27
C ALA A 63 6.70 -4.80 -25.05
N ALA A 64 6.70 -6.06 -24.68
CA ALA A 64 7.52 -7.07 -25.36
C ALA A 64 6.90 -7.46 -26.69
N LEU A 65 5.58 -7.47 -26.76
CA LEU A 65 4.88 -7.92 -27.95
C LEU A 65 4.80 -6.85 -29.02
N GLN A 66 4.60 -5.60 -28.61
CA GLN A 66 4.41 -4.46 -29.50
C GLN A 66 3.27 -4.73 -30.53
N LYS A 67 2.21 -5.38 -30.03
CA LYS A 67 1.14 -5.83 -30.93
C LYS A 67 -0.29 -5.51 -30.54
N GLN A 68 -0.47 -4.57 -29.63
CA GLN A 68 -1.79 -4.14 -29.19
C GLN A 68 -2.47 -3.18 -30.20
N GLN A 69 -2.51 -3.58 -31.47
CA GLN A 69 -3.04 -2.78 -32.59
C GLN A 69 -4.56 -2.89 -32.77
N MET A 1 6.49 -14.97 -1.09
CA MET A 1 5.97 -14.43 0.17
C MET A 1 7.06 -13.84 1.05
N GLN A 2 8.22 -13.70 0.42
CA GLN A 2 9.43 -13.20 1.09
C GLN A 2 9.53 -11.68 0.96
N GLN A 3 10.30 -11.07 1.88
CA GLN A 3 10.58 -9.63 1.87
C GLN A 3 9.35 -8.69 1.87
N LYS A 4 8.19 -9.19 2.23
CA LYS A 4 6.97 -8.38 2.27
C LYS A 4 7.07 -7.14 3.16
N GLN A 5 7.78 -7.25 4.27
CA GLN A 5 7.95 -6.13 5.19
C GLN A 5 8.82 -5.02 4.60
N GLN A 6 9.69 -5.35 3.64
CA GLN A 6 10.51 -4.33 2.98
C GLN A 6 9.58 -3.43 2.17
N ILE A 7 8.58 -4.05 1.55
CA ILE A 7 7.61 -3.32 0.73
C ILE A 7 6.76 -2.44 1.63
N MET A 8 6.37 -2.96 2.78
CA MET A 8 5.57 -2.18 3.73
C MET A 8 6.33 -0.96 4.26
N ALA A 9 7.64 -1.08 4.39
CA ALA A 9 8.46 0.03 4.85
C ALA A 9 8.52 1.13 3.77
N ALA A 10 8.59 0.71 2.51
CA ALA A 10 8.62 1.69 1.40
C ALA A 10 7.27 2.43 1.31
N LEU A 11 6.18 1.68 1.47
CA LEU A 11 4.82 2.24 1.45
C LEU A 11 4.66 3.21 2.61
N ASN A 12 5.25 2.88 3.76
CA ASN A 12 5.15 3.75 4.93
C ASN A 12 5.73 5.12 4.64
N SER A 13 6.81 5.16 3.88
CA SER A 13 7.47 6.42 3.54
C SER A 13 6.59 7.24 2.59
N GLN A 14 6.04 6.57 1.58
CA GLN A 14 5.19 7.24 0.57
C GLN A 14 3.87 7.80 1.13
N THR A 15 3.37 7.18 2.18
CA THR A 15 2.06 7.54 2.72
C THR A 15 2.12 8.22 4.08
N ALA A 16 3.33 8.51 4.56
CA ALA A 16 3.52 9.05 5.90
C ALA A 16 2.68 10.29 6.17
N VAL A 17 3.06 11.40 5.56
CA VAL A 17 2.38 12.67 5.79
C VAL A 17 0.98 12.63 5.18
N GLN A 18 0.82 11.80 4.16
CA GLN A 18 -0.45 11.66 3.46
C GLN A 18 -1.53 11.19 4.43
N PHE A 19 -1.24 10.14 5.17
CA PHE A 19 -2.21 9.57 6.10
C PHE A 19 -2.15 10.28 7.44
N GLN A 20 -1.05 10.95 7.75
CA GLN A 20 -0.91 11.71 9.00
C GLN A 20 -1.95 12.82 9.12
N GLN A 21 -2.07 13.62 8.08
CA GLN A 21 -2.99 14.75 8.11
C GLN A 21 -4.43 14.23 8.17
N TYR A 22 -4.69 13.12 7.51
CA TYR A 22 -6.01 12.49 7.59
C TYR A 22 -6.28 11.96 8.99
N ALA A 23 -5.30 11.33 9.62
CA ALA A 23 -5.50 10.76 10.94
C ALA A 23 -5.79 11.86 11.95
N ALA A 24 -5.11 13.00 11.81
CA ALA A 24 -5.34 14.14 12.69
C ALA A 24 -6.74 14.71 12.46
N GLN A 25 -7.26 14.55 11.26
CA GLN A 25 -8.58 15.05 10.90
C GLN A 25 -9.69 14.21 11.55
N GLN A 26 -9.35 13.00 11.94
CA GLN A 26 -10.31 12.06 12.55
C GLN A 26 -10.15 12.03 14.05
N TYR A 27 -8.92 11.87 14.51
CA TYR A 27 -8.63 11.78 15.94
C TYR A 27 -7.70 12.92 16.38
N PRO A 28 -8.20 14.18 16.40
CA PRO A 28 -7.27 15.25 16.79
C PRO A 28 -6.90 15.20 18.26
N GLY A 29 -5.64 15.50 18.55
CA GLY A 29 -5.13 15.47 19.92
C GLY A 29 -4.76 14.09 20.44
N ASN A 30 -5.09 13.03 19.69
CA ASN A 30 -4.86 11.66 20.15
C ASN A 30 -3.79 11.00 19.33
N TYR A 31 -2.52 11.25 19.68
CA TYR A 31 -1.39 10.68 18.94
C TYR A 31 -1.48 9.16 18.81
N GLU A 32 -1.76 8.47 19.91
CA GLU A 32 -1.81 7.01 19.90
C GLU A 32 -2.83 6.47 18.89
N GLN A 33 -4.02 7.08 18.87
CA GLN A 33 -5.09 6.62 18.00
C GLN A 33 -4.79 6.93 16.57
N GLN A 34 -4.15 8.08 16.33
CA GLN A 34 -3.76 8.44 14.98
C GLN A 34 -2.82 7.38 14.39
N GLN A 35 -1.95 6.83 15.22
CA GLN A 35 -0.97 5.87 14.74
C GLN A 35 -1.66 4.54 14.37
N ILE A 36 -2.63 4.16 15.18
CA ILE A 36 -3.41 2.95 14.91
C ILE A 36 -4.15 3.09 13.59
N LEU A 37 -4.75 4.25 13.38
CA LEU A 37 -5.54 4.50 12.18
C LEU A 37 -4.68 4.43 10.92
N ILE A 38 -3.52 5.06 10.97
CA ILE A 38 -2.58 5.03 9.84
C ILE A 38 -2.16 3.62 9.50
N ARG A 39 -1.92 2.79 10.51
CA ARG A 39 -1.53 1.39 10.26
C ARG A 39 -2.65 0.67 9.51
N GLN A 40 -3.89 0.90 9.94
CA GLN A 40 -5.05 0.28 9.27
C GLN A 40 -5.13 0.69 7.80
N LEU A 41 -4.88 1.96 7.53
CA LEU A 41 -4.90 2.48 6.17
C LEU A 41 -3.79 1.82 5.33
N GLN A 42 -2.60 1.69 5.90
CA GLN A 42 -1.47 1.11 5.19
C GLN A 42 -1.60 -0.39 4.96
N GLU A 43 -2.12 -1.10 5.94
CA GLU A 43 -2.30 -2.56 5.81
C GLU A 43 -3.37 -2.89 4.77
N GLN A 44 -4.44 -2.09 4.74
CA GLN A 44 -5.45 -2.23 3.68
C GLN A 44 -4.85 -1.85 2.31
N HIS A 45 -4.07 -0.78 2.27
CA HIS A 45 -3.43 -0.32 1.03
C HIS A 45 -2.45 -1.38 0.52
N TYR A 46 -1.88 -2.19 1.40
CA TYR A 46 -0.92 -3.21 1.00
C TYR A 46 -1.55 -4.18 0.00
N GLN A 47 -2.78 -4.58 0.24
CA GLN A 47 -3.46 -5.53 -0.66
C GLN A 47 -3.70 -4.86 -2.02
N GLN A 48 -4.11 -3.59 -1.99
CA GLN A 48 -4.34 -2.83 -3.22
C GLN A 48 -3.06 -2.69 -4.03
N TYR A 49 -1.96 -2.42 -3.33
CA TYR A 49 -0.66 -2.27 -3.97
C TYR A 49 -0.18 -3.59 -4.57
N MET A 50 -0.42 -4.69 -3.88
CA MET A 50 -0.02 -6.00 -4.40
C MET A 50 -0.76 -6.32 -5.69
N GLN A 51 -2.03 -5.94 -5.77
CA GLN A 51 -2.80 -6.15 -6.99
C GLN A 51 -2.31 -5.20 -8.08
N GLN A 52 -2.01 -3.96 -7.72
CA GLN A 52 -1.53 -2.99 -8.69
C GLN A 52 -0.22 -3.47 -9.34
N LEU A 53 0.70 -4.01 -8.56
CA LEU A 53 1.98 -4.49 -9.09
C LEU A 53 1.82 -5.57 -10.17
N TYR A 54 0.77 -6.39 -10.06
CA TYR A 54 0.50 -7.41 -11.08
C TYR A 54 0.05 -6.77 -12.39
N GLN A 55 -0.74 -5.73 -12.30
CA GLN A 55 -1.22 -5.01 -13.48
C GLN A 55 -0.06 -4.25 -14.13
N VAL A 56 0.83 -3.72 -13.30
CA VAL A 56 2.01 -3.01 -13.81
C VAL A 56 2.96 -4.01 -14.51
N GLN A 57 3.11 -5.18 -13.94
CA GLN A 57 3.92 -6.24 -14.55
C GLN A 57 3.44 -6.56 -15.94
N LEU A 58 2.14 -6.84 -16.07
CA LEU A 58 1.58 -7.23 -17.36
C LEU A 58 1.54 -6.06 -18.32
N ALA A 59 1.42 -4.84 -17.80
CA ALA A 59 1.40 -3.64 -18.64
C ALA A 59 2.70 -3.55 -19.46
N GLN A 60 3.82 -3.85 -18.83
CA GLN A 60 5.10 -3.75 -19.52
C GLN A 60 5.18 -4.79 -20.66
N GLN A 61 4.59 -5.95 -20.45
CA GLN A 61 4.62 -6.99 -21.48
C GLN A 61 3.84 -6.53 -22.69
N GLN A 62 2.62 -6.09 -22.48
CA GLN A 62 1.77 -5.69 -23.60
C GLN A 62 2.28 -4.44 -24.32
N ALA A 63 2.99 -3.59 -23.60
CA ALA A 63 3.55 -2.38 -24.19
C ALA A 63 4.62 -2.71 -25.22
N ALA A 64 5.35 -3.79 -24.98
CA ALA A 64 6.41 -4.21 -25.88
C ALA A 64 5.87 -5.12 -27.00
N LEU A 65 4.74 -5.77 -26.75
CA LEU A 65 4.18 -6.73 -27.69
C LEU A 65 3.22 -6.08 -28.68
N GLN A 66 2.29 -5.27 -28.15
CA GLN A 66 1.24 -4.60 -28.95
C GLN A 66 0.49 -5.56 -29.90
N LYS A 67 0.46 -6.84 -29.56
CA LYS A 67 -0.12 -7.87 -30.42
C LYS A 67 -1.58 -8.19 -30.07
N GLN A 68 -2.36 -7.17 -29.73
CA GLN A 68 -3.79 -7.38 -29.40
C GLN A 68 -4.65 -7.38 -30.66
N GLN A 69 -4.33 -8.30 -31.57
CA GLN A 69 -4.99 -8.46 -32.86
C GLN A 69 -5.05 -9.93 -33.30
N MET A 1 4.58 -15.24 -0.22
CA MET A 1 4.37 -14.93 1.20
C MET A 1 5.63 -14.43 1.92
N GLN A 2 6.68 -14.24 1.10
CA GLN A 2 7.99 -13.80 1.57
C GLN A 2 8.46 -12.60 0.74
N GLN A 3 9.41 -11.84 1.29
CA GLN A 3 9.97 -10.63 0.65
C GLN A 3 8.92 -9.54 0.36
N LYS A 4 7.83 -9.59 1.08
CA LYS A 4 6.75 -8.63 0.87
C LYS A 4 6.94 -7.27 1.55
N GLN A 5 7.61 -7.24 2.69
CA GLN A 5 7.77 -5.99 3.44
C GLN A 5 8.62 -4.93 2.72
N GLN A 6 9.49 -5.34 1.81
CA GLN A 6 10.29 -4.39 1.04
C GLN A 6 9.36 -3.49 0.23
N ILE A 7 8.36 -4.12 -0.37
CA ILE A 7 7.40 -3.40 -1.20
C ILE A 7 6.52 -2.52 -0.32
N MET A 8 6.13 -3.03 0.84
CA MET A 8 5.30 -2.29 1.78
C MET A 8 6.00 -1.01 2.20
N ALA A 9 7.23 -1.13 2.67
CA ALA A 9 7.98 0.03 3.15
C ALA A 9 8.18 1.06 2.04
N ALA A 10 8.44 0.60 0.83
CA ALA A 10 8.64 1.51 -0.29
C ALA A 10 7.36 2.35 -0.52
N LEU A 11 6.21 1.69 -0.49
CA LEU A 11 4.94 2.39 -0.70
C LEU A 11 4.58 3.28 0.50
N ASN A 12 4.81 2.76 1.69
CA ASN A 12 4.43 3.46 2.94
C ASN A 12 5.19 4.78 3.09
N SER A 13 6.41 4.82 2.59
CA SER A 13 7.24 6.03 2.70
C SER A 13 6.58 7.18 1.93
N GLN A 14 5.94 6.86 0.82
CA GLN A 14 5.27 7.88 -0.01
C GLN A 14 3.98 8.39 0.61
N THR A 15 3.41 7.61 1.52
CA THR A 15 2.10 7.94 2.12
C THR A 15 2.16 8.26 3.60
N ALA A 16 3.37 8.29 4.16
CA ALA A 16 3.55 8.45 5.60
C ALA A 16 2.83 9.71 6.16
N VAL A 17 3.27 10.89 5.71
CA VAL A 17 2.70 12.14 6.19
C VAL A 17 1.28 12.35 5.67
N GLN A 18 0.99 11.74 4.53
CA GLN A 18 -0.33 11.82 3.93
C GLN A 18 -1.39 11.23 4.87
N PHE A 19 -1.08 10.05 5.40
CA PHE A 19 -1.96 9.42 6.35
C PHE A 19 -1.98 10.18 7.68
N GLN A 20 -0.86 10.80 8.05
CA GLN A 20 -0.78 11.53 9.30
C GLN A 20 -1.73 12.72 9.31
N GLN A 21 -1.84 13.42 8.18
CA GLN A 21 -2.76 14.54 8.04
C GLN A 21 -4.20 14.06 8.17
N TYR A 22 -4.53 12.94 7.50
CA TYR A 22 -5.88 12.40 7.57
C TYR A 22 -6.19 11.92 8.99
N ALA A 23 -5.23 11.31 9.65
CA ALA A 23 -5.44 10.82 11.02
C ALA A 23 -5.74 11.96 11.96
N ALA A 24 -5.12 13.12 11.75
CA ALA A 24 -5.39 14.29 12.57
C ALA A 24 -6.81 14.81 12.37
N GLN A 25 -7.38 14.59 11.19
CA GLN A 25 -8.74 15.02 10.87
C GLN A 25 -9.77 14.09 11.54
N GLN A 26 -9.35 12.86 11.78
CA GLN A 26 -10.24 11.84 12.36
C GLN A 26 -10.19 11.82 13.88
N TYR A 27 -8.96 11.78 14.42
CA TYR A 27 -8.76 11.71 15.85
C TYR A 27 -7.91 12.89 16.33
N PRO A 28 -8.48 14.10 16.34
CA PRO A 28 -7.62 15.22 16.76
C PRO A 28 -7.29 15.20 18.25
N GLY A 29 -6.02 15.44 18.57
CA GLY A 29 -5.59 15.41 19.96
C GLY A 29 -5.24 14.03 20.50
N ASN A 30 -5.58 12.97 19.77
CA ASN A 30 -5.33 11.60 20.21
C ASN A 30 -4.20 10.98 19.41
N TYR A 31 -2.96 11.18 19.83
CA TYR A 31 -1.80 10.62 19.13
C TYR A 31 -1.89 9.10 18.97
N GLU A 32 -2.22 8.37 20.03
CA GLU A 32 -2.27 6.92 19.95
C GLU A 32 -3.31 6.46 18.90
N GLN A 33 -4.49 7.07 18.89
CA GLN A 33 -5.55 6.64 17.99
C GLN A 33 -5.20 6.99 16.56
N GLN A 34 -4.52 8.11 16.39
CA GLN A 34 -4.02 8.50 15.07
C GLN A 34 -3.08 7.42 14.56
N GLN A 35 -2.26 6.85 15.45
CA GLN A 35 -1.24 5.88 15.04
C GLN A 35 -1.92 4.59 14.64
N ILE A 36 -2.95 4.19 15.38
CA ILE A 36 -3.67 2.95 15.09
C ILE A 36 -4.29 3.06 13.70
N LEU A 37 -4.88 4.22 13.39
CA LEU A 37 -5.48 4.42 12.07
C LEU A 37 -4.42 4.34 10.96
N ILE A 38 -3.33 5.06 11.13
CA ILE A 38 -2.23 5.07 10.13
C ILE A 38 -1.71 3.67 9.86
N ARG A 39 -1.63 2.82 10.89
CA ARG A 39 -1.20 1.43 10.68
C ARG A 39 -2.16 0.73 9.75
N GLN A 40 -3.44 0.85 10.04
CA GLN A 40 -4.48 0.21 9.23
C GLN A 40 -4.42 0.70 7.77
N LEU A 41 -4.26 2.00 7.58
CA LEU A 41 -4.22 2.57 6.23
C LEU A 41 -2.99 2.08 5.43
N GLN A 42 -1.86 1.92 6.08
CA GLN A 42 -0.66 1.46 5.40
C GLN A 42 -0.86 0.05 4.86
N GLU A 43 -1.46 -0.82 5.67
CA GLU A 43 -1.70 -2.19 5.23
C GLU A 43 -2.83 -2.25 4.21
N GLN A 44 -3.85 -1.43 4.37
CA GLN A 44 -4.94 -1.35 3.40
C GLN A 44 -4.44 -0.93 2.01
N HIS A 45 -3.57 0.05 1.99
CA HIS A 45 -3.01 0.53 0.73
C HIS A 45 -2.17 -0.57 0.07
N TYR A 46 -1.55 -1.39 0.88
CA TYR A 46 -0.78 -2.51 0.36
C TYR A 46 -1.70 -3.59 -0.20
N GLN A 47 -2.80 -3.87 0.47
CA GLN A 47 -3.78 -4.83 -0.07
C GLN A 47 -4.34 -4.36 -1.40
N GLN A 48 -4.58 -3.07 -1.55
CA GLN A 48 -5.05 -2.51 -2.82
C GLN A 48 -4.01 -2.77 -3.93
N TYR A 49 -2.75 -2.52 -3.63
CA TYR A 49 -1.69 -2.77 -4.59
C TYR A 49 -1.60 -4.28 -4.93
N MET A 50 -1.83 -5.12 -3.93
CA MET A 50 -1.79 -6.57 -4.14
C MET A 50 -2.95 -7.04 -5.00
N GLN A 51 -4.10 -6.41 -4.85
CA GLN A 51 -5.29 -6.80 -5.60
C GLN A 51 -5.08 -6.44 -7.06
N GLN A 52 -4.49 -5.28 -7.31
CA GLN A 52 -4.18 -4.87 -8.68
C GLN A 52 -3.20 -5.87 -9.28
N LEU A 53 -2.15 -6.21 -8.55
CA LEU A 53 -1.15 -7.14 -9.06
C LEU A 53 -1.74 -8.54 -9.24
N TYR A 54 -2.76 -8.88 -8.49
CA TYR A 54 -3.41 -10.19 -8.65
C TYR A 54 -4.12 -10.25 -10.01
N GLN A 55 -4.71 -9.15 -10.45
CA GLN A 55 -5.35 -9.13 -11.76
C GLN A 55 -4.28 -9.14 -12.85
N VAL A 56 -3.15 -8.49 -12.59
CA VAL A 56 -2.02 -8.48 -13.53
C VAL A 56 -1.38 -9.87 -13.64
N GLN A 57 -1.32 -10.59 -12.52
CA GLN A 57 -0.83 -11.96 -12.52
C GLN A 57 -1.71 -12.80 -13.42
N LEU A 58 -3.01 -12.65 -13.27
CA LEU A 58 -3.96 -13.39 -14.11
C LEU A 58 -3.86 -12.96 -15.57
N ALA A 59 -3.57 -11.69 -15.82
CA ALA A 59 -3.42 -11.21 -17.19
C ALA A 59 -2.25 -11.90 -17.87
N GLN A 60 -1.13 -12.01 -17.16
CA GLN A 60 0.04 -12.64 -17.72
C GLN A 60 -0.21 -14.13 -17.95
N GLN A 61 -0.99 -14.75 -17.06
CA GLN A 61 -1.38 -16.15 -17.23
C GLN A 61 -2.18 -16.34 -18.51
N GLN A 62 -3.16 -15.46 -18.75
CA GLN A 62 -3.97 -15.56 -19.96
C GLN A 62 -3.14 -15.27 -21.20
N ALA A 63 -2.18 -14.37 -21.09
CA ALA A 63 -1.29 -14.04 -22.20
C ALA A 63 -0.42 -15.23 -22.61
N ALA A 64 -0.08 -16.07 -21.64
CA ALA A 64 0.71 -17.26 -21.90
C ALA A 64 -0.16 -18.38 -22.46
N LEU A 65 -1.39 -18.46 -21.98
CA LEU A 65 -2.33 -19.52 -22.37
C LEU A 65 -2.88 -19.31 -23.76
N GLN A 66 -3.18 -18.05 -24.07
CA GLN A 66 -3.79 -17.62 -25.34
C GLN A 66 -5.00 -18.50 -25.70
N LYS A 67 -5.79 -18.85 -24.68
CA LYS A 67 -6.93 -19.74 -24.86
C LYS A 67 -8.22 -19.03 -24.47
N GLN A 68 -8.17 -17.71 -24.59
CA GLN A 68 -9.29 -16.85 -24.22
C GLN A 68 -9.76 -16.10 -25.46
N GLN A 69 -10.82 -16.63 -26.09
CA GLN A 69 -11.42 -16.11 -27.33
C GLN A 69 -10.38 -15.58 -28.37
N MET A 1 13.74 -15.26 5.38
CA MET A 1 13.89 -14.19 4.36
C MET A 1 13.15 -12.91 4.70
N GLN A 2 13.87 -11.77 4.63
CA GLN A 2 13.33 -10.44 4.91
C GLN A 2 12.57 -9.94 3.67
N GLN A 3 11.42 -10.52 3.39
CA GLN A 3 10.60 -10.14 2.23
C GLN A 3 9.25 -9.58 2.65
N LYS A 4 8.55 -8.98 1.68
CA LYS A 4 7.23 -8.35 1.82
C LYS A 4 7.15 -7.15 2.76
N GLN A 5 7.75 -7.22 3.93
CA GLN A 5 7.81 -6.08 4.84
C GLN A 5 8.66 -4.99 4.23
N GLN A 6 9.55 -5.39 3.32
CA GLN A 6 10.30 -4.46 2.51
C GLN A 6 9.38 -3.59 1.65
N ILE A 7 8.40 -4.23 1.02
CA ILE A 7 7.43 -3.52 0.19
C ILE A 7 6.61 -2.58 1.09
N MET A 8 6.18 -3.08 2.24
CA MET A 8 5.43 -2.27 3.19
C MET A 8 6.23 -1.06 3.67
N ALA A 9 7.53 -1.21 3.88
CA ALA A 9 8.37 -0.10 4.33
C ALA A 9 8.45 0.95 3.26
N ALA A 10 8.59 0.53 2.00
CA ALA A 10 8.67 1.48 0.88
C ALA A 10 7.31 2.20 0.69
N LEU A 11 6.23 1.48 0.94
CA LEU A 11 4.89 2.06 0.82
C LEU A 11 4.57 3.05 1.93
N ASN A 12 4.91 2.68 3.15
CA ASN A 12 4.66 3.54 4.30
C ASN A 12 5.36 4.86 4.10
N SER A 13 6.55 4.80 3.50
CA SER A 13 7.35 6.00 3.27
C SER A 13 6.63 7.03 2.37
N GLN A 14 5.77 6.55 1.49
CA GLN A 14 5.03 7.45 0.60
C GLN A 14 3.81 8.01 1.30
N THR A 15 3.29 7.26 2.24
CA THR A 15 2.00 7.58 2.85
C THR A 15 2.11 8.22 4.21
N ALA A 16 3.30 8.30 4.78
CA ALA A 16 3.49 8.77 6.14
C ALA A 16 2.81 10.12 6.47
N VAL A 17 3.32 11.22 5.92
CA VAL A 17 2.74 12.52 6.18
C VAL A 17 1.36 12.65 5.52
N GLN A 18 1.12 11.86 4.50
CA GLN A 18 -0.14 11.90 3.78
C GLN A 18 -1.28 11.42 4.68
N PHE A 19 -1.08 10.26 5.32
CA PHE A 19 -2.11 9.67 6.16
C PHE A 19 -2.17 10.34 7.51
N GLN A 20 -1.08 10.97 7.93
CA GLN A 20 -1.06 11.70 9.21
C GLN A 20 -2.08 12.84 9.22
N GLN A 21 -2.25 13.50 8.09
CA GLN A 21 -3.15 14.65 8.03
C GLN A 21 -4.61 14.20 8.12
N TYR A 22 -4.91 13.06 7.52
CA TYR A 22 -6.22 12.42 7.64
C TYR A 22 -6.42 11.87 9.06
N ALA A 23 -5.34 11.35 9.67
CA ALA A 23 -5.46 10.81 11.02
C ALA A 23 -5.77 11.93 11.99
N ALA A 24 -5.19 13.11 11.77
CA ALA A 24 -5.45 14.26 12.62
C ALA A 24 -6.85 14.80 12.40
N GLN A 25 -7.45 14.48 11.27
CA GLN A 25 -8.82 14.92 10.97
C GLN A 25 -9.86 14.06 11.69
N GLN A 26 -9.45 12.84 12.04
CA GLN A 26 -10.29 11.86 12.73
C GLN A 26 -10.09 11.85 14.23
N TYR A 27 -8.82 11.88 14.64
CA TYR A 27 -8.43 11.89 16.03
C TYR A 27 -7.52 13.05 16.35
N PRO A 28 -8.06 14.27 16.37
CA PRO A 28 -7.14 15.37 16.69
C PRO A 28 -6.72 15.35 18.16
N GLY A 29 -5.46 15.60 18.41
CA GLY A 29 -4.97 15.58 19.79
C GLY A 29 -4.64 14.21 20.36
N ASN A 30 -4.81 13.16 19.56
CA ASN A 30 -4.57 11.78 20.02
C ASN A 30 -3.52 11.08 19.17
N TYR A 31 -2.26 11.26 19.53
CA TYR A 31 -1.15 10.60 18.83
C TYR A 31 -1.32 9.08 18.75
N GLU A 32 -1.69 8.44 19.84
CA GLU A 32 -1.86 7.00 19.84
C GLU A 32 -2.95 6.56 18.84
N GLN A 33 -4.12 7.20 18.86
CA GLN A 33 -5.22 6.83 17.99
C GLN A 33 -4.88 7.11 16.54
N GLN A 34 -4.14 8.18 16.32
CA GLN A 34 -3.69 8.51 14.96
C GLN A 34 -2.83 7.39 14.44
N GLN A 35 -2.05 6.77 15.29
CA GLN A 35 -1.13 5.70 14.83
C GLN A 35 -1.89 4.42 14.54
N ILE A 36 -2.93 4.15 15.34
CA ILE A 36 -3.74 2.96 15.15
C ILE A 36 -4.37 3.02 13.77
N LEU A 37 -4.94 4.19 13.46
CA LEU A 37 -5.64 4.41 12.19
C LEU A 37 -4.69 4.30 10.99
N ILE A 38 -3.53 4.98 11.06
CA ILE A 38 -2.57 4.96 9.96
C ILE A 38 -2.09 3.53 9.64
N ARG A 39 -1.86 2.72 10.66
CA ARG A 39 -1.44 1.33 10.44
C ARG A 39 -2.47 0.57 9.63
N GLN A 40 -3.74 0.74 9.97
CA GLN A 40 -4.81 0.09 9.24
C GLN A 40 -4.86 0.56 7.77
N LEU A 41 -4.72 1.86 7.55
CA LEU A 41 -4.83 2.39 6.18
C LEU A 41 -3.70 1.80 5.33
N GLN A 42 -2.50 1.73 5.89
CA GLN A 42 -1.34 1.26 5.15
C GLN A 42 -1.47 -0.22 4.77
N GLU A 43 -1.99 -1.05 5.66
CA GLU A 43 -2.18 -2.47 5.35
C GLU A 43 -3.28 -2.64 4.29
N GLN A 44 -4.26 -1.75 4.31
CA GLN A 44 -5.36 -1.83 3.35
C GLN A 44 -4.88 -1.45 1.96
N HIS A 45 -4.03 -0.43 1.85
CA HIS A 45 -3.47 -0.02 0.55
C HIS A 45 -2.48 -1.04 0.01
N TYR A 46 -1.96 -1.90 0.87
CA TYR A 46 -1.07 -2.96 0.44
C TYR A 46 -1.72 -3.86 -0.59
N GLN A 47 -3.01 -4.11 -0.43
CA GLN A 47 -3.72 -4.96 -1.37
C GLN A 47 -3.76 -4.35 -2.77
N GLN A 48 -3.93 -3.03 -2.85
CA GLN A 48 -4.01 -2.36 -4.14
C GLN A 48 -2.68 -2.48 -4.83
N TYR A 49 -1.61 -2.31 -4.07
CA TYR A 49 -0.26 -2.44 -4.60
C TYR A 49 0.01 -3.85 -5.10
N MET A 50 -0.42 -4.81 -4.30
CA MET A 50 -0.24 -6.22 -4.65
C MET A 50 -0.98 -6.59 -5.92
N GLN A 51 -2.20 -6.07 -6.08
CA GLN A 51 -2.97 -6.28 -7.29
C GLN A 51 -2.27 -5.68 -8.51
N GLN A 52 -1.69 -4.50 -8.36
CA GLN A 52 -1.00 -3.85 -9.46
C GLN A 52 0.22 -4.68 -9.87
N LEU A 53 0.94 -5.23 -8.89
CA LEU A 53 2.10 -6.09 -9.19
C LEU A 53 1.71 -7.36 -9.91
N TYR A 54 0.49 -7.84 -9.70
CA TYR A 54 0.04 -9.04 -10.41
C TYR A 54 -0.16 -8.71 -11.91
N GLN A 55 -0.67 -7.54 -12.20
CA GLN A 55 -0.81 -7.12 -13.60
C GLN A 55 0.54 -6.89 -14.22
N VAL A 56 1.47 -6.33 -13.44
CA VAL A 56 2.82 -6.08 -13.93
C VAL A 56 3.57 -7.39 -14.16
N GLN A 57 3.34 -8.39 -13.32
CA GLN A 57 3.87 -9.73 -13.56
C GLN A 57 3.38 -10.28 -14.90
N LEU A 58 2.09 -10.17 -15.17
CA LEU A 58 1.55 -10.59 -16.46
C LEU A 58 2.15 -9.78 -17.62
N ALA A 59 2.39 -8.50 -17.42
CA ALA A 59 3.01 -7.69 -18.44
C ALA A 59 4.41 -8.22 -18.80
N GLN A 60 5.15 -8.72 -17.82
CA GLN A 60 6.46 -9.32 -18.10
C GLN A 60 6.30 -10.64 -18.87
N GLN A 61 5.31 -11.44 -18.47
CA GLN A 61 5.07 -12.74 -19.13
C GLN A 61 4.77 -12.48 -20.61
N GLN A 62 3.96 -11.48 -20.87
CA GLN A 62 3.55 -11.13 -22.24
C GLN A 62 4.69 -10.56 -23.05
N ALA A 63 5.61 -9.89 -22.38
CA ALA A 63 6.78 -9.30 -23.02
C ALA A 63 7.74 -10.39 -23.48
N ALA A 64 7.65 -11.55 -22.87
CA ALA A 64 8.44 -12.72 -23.30
C ALA A 64 7.77 -13.51 -24.45
N LEU A 65 6.46 -13.39 -24.57
CA LEU A 65 5.69 -14.10 -25.59
C LEU A 65 5.62 -13.32 -26.89
N GLN A 66 5.46 -12.00 -26.77
CA GLN A 66 5.41 -11.08 -27.90
C GLN A 66 4.40 -11.44 -29.00
N LYS A 67 3.25 -11.98 -28.62
CA LYS A 67 2.19 -12.31 -29.56
C LYS A 67 0.84 -12.03 -28.94
N GLN A 68 0.12 -11.13 -29.57
CA GLN A 68 -1.22 -10.69 -29.16
C GLN A 68 -1.40 -10.48 -27.63
N GLN A 69 -0.95 -9.29 -27.18
CA GLN A 69 -1.19 -8.87 -25.82
C GLN A 69 -2.70 -8.93 -25.49
N MET A 1 8.94 -17.75 3.39
CA MET A 1 8.33 -16.39 3.56
C MET A 1 8.95 -15.34 2.67
N GLN A 2 8.12 -14.75 1.79
CA GLN A 2 8.57 -13.72 0.89
C GLN A 2 8.81 -12.38 1.58
N GLN A 3 9.73 -11.60 1.03
CA GLN A 3 10.13 -10.28 1.56
C GLN A 3 9.07 -9.16 1.42
N LYS A 4 7.84 -9.46 1.81
CA LYS A 4 6.73 -8.51 1.70
C LYS A 4 6.93 -7.26 2.53
N GLN A 5 7.56 -7.40 3.69
CA GLN A 5 7.75 -6.28 4.62
C GLN A 5 8.60 -5.14 4.01
N GLN A 6 9.51 -5.50 3.09
CA GLN A 6 10.33 -4.52 2.42
C GLN A 6 9.45 -3.58 1.58
N ILE A 7 8.49 -4.18 0.93
CA ILE A 7 7.58 -3.44 0.05
C ILE A 7 6.69 -2.55 0.91
N MET A 8 6.25 -3.06 2.03
CA MET A 8 5.44 -2.28 2.95
C MET A 8 6.20 -1.08 3.49
N ALA A 9 7.48 -1.27 3.84
CA ALA A 9 8.29 -0.18 4.36
C ALA A 9 8.39 0.96 3.33
N ALA A 10 8.56 0.60 2.07
CA ALA A 10 8.69 1.59 1.00
C ALA A 10 7.38 2.40 0.88
N LEU A 11 6.26 1.71 0.87
CA LEU A 11 4.95 2.35 0.70
C LEU A 11 4.63 3.21 1.92
N ASN A 12 5.02 2.72 3.09
CA ASN A 12 4.79 3.45 4.34
C ASN A 12 5.53 4.77 4.37
N SER A 13 6.71 4.79 3.78
CA SER A 13 7.50 6.02 3.73
C SER A 13 6.78 7.09 2.91
N GLN A 14 6.17 6.70 1.79
CA GLN A 14 5.54 7.66 0.90
C GLN A 14 4.21 8.17 1.44
N THR A 15 3.56 7.39 2.30
CA THR A 15 2.20 7.70 2.77
C THR A 15 2.16 8.25 4.18
N ALA A 16 3.29 8.22 4.88
CA ALA A 16 3.33 8.62 6.29
C ALA A 16 2.69 9.97 6.56
N VAL A 17 3.22 11.05 6.00
CA VAL A 17 2.71 12.40 6.28
C VAL A 17 1.31 12.62 5.69
N GLN A 18 1.02 11.98 4.57
CA GLN A 18 -0.27 12.11 3.92
C GLN A 18 -1.37 11.54 4.82
N PHE A 19 -1.10 10.37 5.38
CA PHE A 19 -2.04 9.74 6.27
C PHE A 19 -2.06 10.42 7.62
N GLN A 20 -0.94 11.02 8.03
CA GLN A 20 -0.90 11.72 9.31
C GLN A 20 -1.87 12.90 9.36
N GLN A 21 -1.90 13.68 8.28
CA GLN A 21 -2.81 14.82 8.17
C GLN A 21 -4.25 14.34 8.24
N TYR A 22 -4.55 13.23 7.56
CA TYR A 22 -5.88 12.65 7.62
C TYR A 22 -6.20 12.10 9.02
N ALA A 23 -5.26 11.40 9.64
CA ALA A 23 -5.49 10.79 10.94
C ALA A 23 -5.82 11.85 12.00
N ALA A 24 -5.15 12.99 11.92
CA ALA A 24 -5.36 14.10 12.84
C ALA A 24 -6.77 14.64 12.69
N GLN A 25 -7.33 14.52 11.49
CA GLN A 25 -8.68 15.01 11.21
C GLN A 25 -9.74 14.06 11.73
N GLN A 26 -9.37 12.81 11.98
CA GLN A 26 -10.32 11.82 12.46
C GLN A 26 -10.25 11.66 13.99
N TYR A 27 -9.05 11.60 14.53
CA TYR A 27 -8.85 11.47 15.98
C TYR A 27 -8.03 12.64 16.45
N PRO A 28 -8.61 13.85 16.52
CA PRO A 28 -7.73 14.98 16.87
C PRO A 28 -7.23 14.93 18.32
N GLY A 29 -5.95 15.23 18.50
CA GLY A 29 -5.36 15.18 19.82
C GLY A 29 -4.90 13.80 20.26
N ASN A 30 -5.43 12.75 19.67
CA ASN A 30 -5.10 11.38 20.11
C ASN A 30 -3.98 10.79 19.27
N TYR A 31 -2.74 11.07 19.66
CA TYR A 31 -1.57 10.56 18.94
C TYR A 31 -1.59 9.03 18.77
N GLU A 32 -1.94 8.31 19.86
CA GLU A 32 -2.00 6.85 19.80
C GLU A 32 -3.02 6.34 18.77
N GLN A 33 -4.23 6.90 18.75
CA GLN A 33 -5.25 6.49 17.81
C GLN A 33 -4.89 6.88 16.39
N GLN A 34 -4.25 8.03 16.26
CA GLN A 34 -3.80 8.49 14.95
C GLN A 34 -2.83 7.48 14.34
N GLN A 35 -1.97 6.91 15.17
CA GLN A 35 -0.96 5.95 14.69
C GLN A 35 -1.62 4.64 14.27
N ILE A 36 -2.61 4.22 15.07
CA ILE A 36 -3.37 2.99 14.79
C ILE A 36 -4.09 3.16 13.44
N LEU A 37 -4.68 4.33 13.23
CA LEU A 37 -5.42 4.58 11.99
C LEU A 37 -4.51 4.53 10.78
N ILE A 38 -3.38 5.21 10.83
CA ILE A 38 -2.39 5.21 9.74
C ILE A 38 -1.95 3.78 9.43
N ARG A 39 -1.72 2.98 10.46
CA ARG A 39 -1.33 1.59 10.28
C ARG A 39 -2.43 0.83 9.56
N GLN A 40 -3.67 1.06 9.93
CA GLN A 40 -4.77 0.38 9.25
C GLN A 40 -4.86 0.82 7.79
N LEU A 41 -4.66 2.12 7.51
CA LEU A 41 -4.71 2.64 6.15
C LEU A 41 -3.59 2.08 5.29
N GLN A 42 -2.42 1.91 5.88
CA GLN A 42 -1.27 1.38 5.15
C GLN A 42 -1.50 -0.09 4.81
N GLU A 43 -2.04 -0.87 5.72
CA GLU A 43 -2.35 -2.29 5.40
C GLU A 43 -3.50 -2.41 4.44
N GLN A 44 -4.46 -1.49 4.51
CA GLN A 44 -5.55 -1.45 3.54
C GLN A 44 -4.98 -1.30 2.11
N HIS A 45 -4.08 -0.33 1.94
CA HIS A 45 -3.49 -0.10 0.61
C HIS A 45 -2.49 -1.20 0.24
N TYR A 46 -1.86 -1.84 1.23
CA TYR A 46 -0.96 -2.92 0.92
C TYR A 46 -1.73 -4.09 0.33
N GLN A 47 -2.94 -4.31 0.81
CA GLN A 47 -3.80 -5.38 0.24
C GLN A 47 -4.14 -5.05 -1.21
N GLN A 48 -4.41 -3.78 -1.50
CA GLN A 48 -4.71 -3.35 -2.87
C GLN A 48 -3.51 -3.61 -3.78
N TYR A 49 -2.32 -3.22 -3.32
CA TYR A 49 -1.11 -3.37 -4.09
C TYR A 49 -0.80 -4.87 -4.33
N MET A 50 -1.05 -5.69 -3.33
CA MET A 50 -0.81 -7.11 -3.48
C MET A 50 -1.78 -7.75 -4.46
N GLN A 51 -3.04 -7.32 -4.44
CA GLN A 51 -4.02 -7.86 -5.41
C GLN A 51 -3.74 -7.33 -6.80
N GLN A 52 -3.28 -6.10 -6.90
CA GLN A 52 -2.86 -5.55 -8.19
C GLN A 52 -1.73 -6.38 -8.78
N LEU A 53 -0.75 -6.70 -7.95
CA LEU A 53 0.40 -7.51 -8.39
C LEU A 53 -0.02 -8.93 -8.78
N TYR A 54 -1.05 -9.44 -8.16
CA TYR A 54 -1.55 -10.77 -8.46
C TYR A 54 -2.07 -10.79 -9.91
N GLN A 55 -2.70 -9.72 -10.33
CA GLN A 55 -3.18 -9.63 -11.72
C GLN A 55 -2.00 -9.46 -12.68
N VAL A 56 -0.97 -8.76 -12.24
CA VAL A 56 0.23 -8.57 -13.07
C VAL A 56 0.92 -9.92 -13.22
N GLN A 57 0.89 -10.72 -12.17
CA GLN A 57 1.45 -12.06 -12.23
C GLN A 57 0.73 -12.89 -13.29
N LEU A 58 -0.60 -12.84 -13.30
CA LEU A 58 -1.38 -13.60 -14.28
C LEU A 58 -1.14 -13.09 -15.69
N ALA A 59 -0.92 -11.78 -15.82
CA ALA A 59 -0.63 -11.18 -17.11
C ALA A 59 0.67 -11.76 -17.66
N GLN A 60 1.67 -11.89 -16.81
CA GLN A 60 2.94 -12.45 -17.25
C GLN A 60 2.82 -13.95 -17.47
N GLN A 61 1.98 -14.61 -16.69
CA GLN A 61 1.79 -16.05 -16.87
C GLN A 61 1.23 -16.36 -18.24
N GLN A 62 0.25 -15.58 -18.69
CA GLN A 62 -0.34 -15.83 -20.00
C GLN A 62 0.60 -15.38 -21.14
N ALA A 63 1.48 -14.45 -20.84
CA ALA A 63 2.49 -14.01 -21.81
C ALA A 63 3.43 -15.17 -22.15
N ALA A 64 3.72 -16.03 -21.19
CA ALA A 64 4.57 -17.19 -21.42
C ALA A 64 3.77 -18.35 -22.04
N LEU A 65 2.52 -18.51 -21.58
CA LEU A 65 1.68 -19.63 -22.01
C LEU A 65 1.20 -19.43 -23.44
N GLN A 66 0.95 -18.18 -23.81
CA GLN A 66 0.47 -17.77 -25.12
C GLN A 66 -0.63 -18.67 -25.71
N LYS A 67 -1.53 -19.11 -24.84
CA LYS A 67 -2.63 -20.01 -25.24
C LYS A 67 -3.85 -19.86 -24.32
N GLN A 68 -4.74 -18.95 -24.66
CA GLN A 68 -6.01 -18.80 -23.93
C GLN A 68 -7.06 -19.72 -24.55
N GLN A 69 -6.72 -21.03 -24.60
CA GLN A 69 -7.54 -22.06 -25.21
C GLN A 69 -7.48 -23.33 -24.41
N MET A 1 10.55 -17.08 -1.25
CA MET A 1 11.54 -15.97 -1.27
C MET A 1 10.84 -14.61 -1.28
N GLN A 2 9.61 -14.65 -0.78
CA GLN A 2 8.75 -13.46 -0.71
C GLN A 2 8.96 -12.72 0.60
N GLN A 3 9.16 -11.40 0.55
CA GLN A 3 9.36 -10.60 1.77
C GLN A 3 8.44 -9.36 1.73
N LYS A 4 7.16 -9.59 1.93
CA LYS A 4 6.14 -8.55 1.85
C LYS A 4 6.38 -7.34 2.79
N GLN A 5 6.95 -7.61 3.95
CA GLN A 5 7.20 -6.55 4.93
C GLN A 5 8.20 -5.50 4.43
N GLN A 6 9.11 -5.88 3.53
CA GLN A 6 10.05 -4.89 2.96
C GLN A 6 9.28 -3.86 2.13
N ILE A 7 8.30 -4.35 1.39
CA ILE A 7 7.50 -3.52 0.51
C ILE A 7 6.66 -2.57 1.35
N MET A 8 6.13 -3.10 2.44
CA MET A 8 5.35 -2.27 3.36
C MET A 8 6.24 -1.21 4.02
N ALA A 9 7.49 -1.54 4.33
CA ALA A 9 8.39 -0.58 4.93
C ALA A 9 8.71 0.54 3.94
N ALA A 10 8.87 0.20 2.67
CA ALA A 10 9.15 1.22 1.65
C ALA A 10 7.97 2.19 1.53
N LEU A 11 6.75 1.64 1.51
CA LEU A 11 5.55 2.46 1.40
C LEU A 11 5.34 3.35 2.65
N ASN A 12 5.71 2.86 3.83
CA ASN A 12 5.59 3.64 5.08
C ASN A 12 6.30 4.97 4.95
N SER A 13 7.48 4.97 4.35
CA SER A 13 8.25 6.20 4.26
C SER A 13 7.56 7.22 3.37
N GLN A 14 6.87 6.74 2.33
CA GLN A 14 6.20 7.61 1.38
C GLN A 14 4.92 8.23 1.93
N THR A 15 4.09 7.40 2.58
CA THR A 15 2.78 7.85 3.03
C THR A 15 2.76 8.51 4.40
N ALA A 16 3.93 8.59 5.04
CA ALA A 16 4.06 9.04 6.43
C ALA A 16 3.21 10.28 6.80
N VAL A 17 3.60 11.44 6.29
CA VAL A 17 2.89 12.68 6.63
C VAL A 17 1.54 12.76 5.93
N GLN A 18 1.42 12.06 4.81
CA GLN A 18 0.18 12.09 4.03
C GLN A 18 -0.97 11.50 4.82
N PHE A 19 -0.76 10.30 5.37
CA PHE A 19 -1.82 9.63 6.13
C PHE A 19 -1.98 10.27 7.50
N GLN A 20 -0.93 10.95 7.97
CA GLN A 20 -1.01 11.66 9.25
C GLN A 20 -2.06 12.76 9.22
N GLN A 21 -2.18 13.47 8.10
CA GLN A 21 -3.19 14.52 7.96
C GLN A 21 -4.60 13.92 8.01
N TYR A 22 -4.77 12.76 7.39
CA TYR A 22 -6.06 12.07 7.44
C TYR A 22 -6.35 11.65 8.88
N ALA A 23 -5.35 11.12 9.56
CA ALA A 23 -5.55 10.62 10.90
C ALA A 23 -5.93 11.77 11.84
N ALA A 24 -5.31 12.93 11.63
CA ALA A 24 -5.60 14.12 12.45
C ALA A 24 -7.03 14.62 12.22
N GLN A 25 -7.61 14.36 11.04
CA GLN A 25 -8.99 14.74 10.76
C GLN A 25 -9.98 13.84 11.49
N GLN A 26 -9.51 12.69 11.96
CA GLN A 26 -10.38 11.70 12.59
C GLN A 26 -10.20 11.63 14.11
N TYR A 27 -8.95 11.57 14.54
CA TYR A 27 -8.63 11.55 15.97
C TYR A 27 -7.72 12.74 16.34
N PRO A 28 -8.25 13.98 16.30
CA PRO A 28 -7.34 15.09 16.60
C PRO A 28 -6.83 15.06 18.05
N GLY A 29 -5.56 15.39 18.22
CA GLY A 29 -4.97 15.40 19.56
C GLY A 29 -4.51 14.06 20.08
N ASN A 30 -5.06 12.98 19.54
CA ASN A 30 -4.71 11.63 20.02
C ASN A 30 -3.63 11.02 19.14
N TYR A 31 -2.38 11.35 19.42
CA TYR A 31 -1.26 10.84 18.63
C TYR A 31 -1.27 9.30 18.52
N GLU A 32 -1.50 8.61 19.63
CA GLU A 32 -1.46 7.15 19.60
C GLU A 32 -2.56 6.60 18.69
N GLN A 33 -3.78 7.11 18.79
CA GLN A 33 -4.89 6.62 17.98
C GLN A 33 -4.70 6.96 16.53
N GLN A 34 -4.10 8.12 16.28
CA GLN A 34 -3.75 8.49 14.93
C GLN A 34 -2.80 7.44 14.33
N GLN A 35 -1.90 6.91 15.12
CA GLN A 35 -0.93 5.92 14.62
C GLN A 35 -1.63 4.59 14.36
N ILE A 36 -2.57 4.23 15.23
CA ILE A 36 -3.34 2.99 15.07
C ILE A 36 -4.15 3.06 13.78
N LEU A 37 -4.76 4.21 13.50
CA LEU A 37 -5.50 4.42 12.26
C LEU A 37 -4.57 4.34 11.04
N ILE A 38 -3.43 5.01 11.10
CA ILE A 38 -2.45 4.98 10.00
C ILE A 38 -2.02 3.54 9.72
N ARG A 39 -1.86 2.73 10.76
CA ARG A 39 -1.50 1.32 10.55
C ARG A 39 -2.57 0.65 9.71
N GLN A 40 -3.84 0.90 10.02
CA GLN A 40 -4.95 0.35 9.25
C GLN A 40 -4.99 0.93 7.81
N LEU A 41 -4.74 2.23 7.67
CA LEU A 41 -4.78 2.88 6.37
C LEU A 41 -3.70 2.30 5.47
N GLN A 42 -2.53 2.05 6.03
CA GLN A 42 -1.44 1.47 5.26
C GLN A 42 -1.71 0.01 4.93
N GLU A 43 -2.40 -0.71 5.82
CA GLU A 43 -2.80 -2.09 5.54
C GLU A 43 -3.80 -2.11 4.39
N GLN A 44 -4.75 -1.19 4.41
CA GLN A 44 -5.76 -1.08 3.35
C GLN A 44 -5.13 -0.66 2.02
N HIS A 45 -4.23 0.31 2.09
CA HIS A 45 -3.51 0.78 0.91
C HIS A 45 -2.69 -0.37 0.35
N TYR A 46 -2.06 -1.15 1.22
CA TYR A 46 -1.26 -2.27 0.78
C TYR A 46 -2.10 -3.30 0.04
N GLN A 47 -3.36 -3.46 0.43
CA GLN A 47 -4.24 -4.38 -0.28
C GLN A 47 -4.46 -3.90 -1.71
N GLN A 48 -4.65 -2.61 -1.89
CA GLN A 48 -4.78 -2.01 -3.23
C GLN A 48 -3.46 -2.17 -4.00
N TYR A 49 -2.35 -1.97 -3.31
CA TYR A 49 -1.05 -2.12 -3.91
C TYR A 49 -0.81 -3.57 -4.38
N MET A 50 -1.35 -4.53 -3.64
CA MET A 50 -1.27 -5.93 -4.03
C MET A 50 -2.07 -6.20 -5.29
N GLN A 51 -3.21 -5.56 -5.44
CA GLN A 51 -4.01 -5.71 -6.64
C GLN A 51 -3.29 -5.08 -7.83
N GLN A 52 -2.65 -3.93 -7.60
CA GLN A 52 -1.91 -3.28 -8.66
C GLN A 52 -0.74 -4.14 -9.12
N LEU A 53 -0.01 -4.72 -8.17
CA LEU A 53 1.13 -5.56 -8.49
C LEU A 53 0.74 -6.79 -9.29
N TYR A 54 -0.48 -7.30 -9.11
CA TYR A 54 -0.97 -8.42 -9.91
C TYR A 54 -1.16 -8.01 -11.39
N GLN A 55 -1.64 -6.80 -11.60
CA GLN A 55 -1.84 -6.28 -12.96
C GLN A 55 -0.47 -5.99 -13.61
N VAL A 56 0.49 -5.58 -12.81
CA VAL A 56 1.86 -5.38 -13.30
C VAL A 56 2.49 -6.74 -13.66
N GLN A 57 2.24 -7.74 -12.83
CA GLN A 57 2.76 -9.08 -13.07
C GLN A 57 2.26 -9.62 -14.40
N LEU A 58 0.95 -9.57 -14.62
CA LEU A 58 0.37 -10.10 -15.84
C LEU A 58 0.76 -9.27 -17.05
N ALA A 59 1.01 -7.98 -16.87
CA ALA A 59 1.49 -7.16 -17.98
C ALA A 59 2.84 -7.70 -18.48
N GLN A 60 3.70 -8.09 -17.56
CA GLN A 60 5.00 -8.61 -17.92
C GLN A 60 4.88 -9.98 -18.59
N GLN A 61 3.90 -10.78 -18.19
CA GLN A 61 3.67 -12.07 -18.85
C GLN A 61 3.29 -11.84 -20.30
N GLN A 62 2.32 -10.96 -20.55
CA GLN A 62 1.84 -10.75 -21.92
C GLN A 62 2.88 -10.09 -22.82
N ALA A 63 3.79 -9.35 -22.22
CA ALA A 63 4.88 -8.73 -22.98
C ALA A 63 5.78 -9.80 -23.62
N ALA A 64 5.93 -10.92 -22.94
CA ALA A 64 6.73 -12.03 -23.48
C ALA A 64 5.88 -12.96 -24.37
N LEU A 65 4.62 -13.10 -24.03
CA LEU A 65 3.72 -14.00 -24.77
C LEU A 65 3.33 -13.42 -26.12
N GLN A 66 3.19 -12.10 -26.18
CA GLN A 66 2.85 -11.38 -27.42
C GLN A 66 1.62 -11.95 -28.12
N LYS A 67 0.64 -12.35 -27.32
CA LYS A 67 -0.59 -12.96 -27.84
C LYS A 67 -1.85 -12.24 -27.39
N GLN A 68 -1.69 -10.95 -27.13
CA GLN A 68 -2.78 -10.07 -26.70
C GLN A 68 -2.92 -8.91 -27.72
N GLN A 69 -3.27 -9.29 -28.96
CA GLN A 69 -3.38 -8.37 -30.11
C GLN A 69 -4.48 -8.79 -31.12
N MET A 1 10.47 -8.76 -1.64
CA MET A 1 10.07 -9.80 -2.63
C MET A 1 9.40 -10.99 -1.95
N GLN A 2 10.24 -11.89 -1.43
CA GLN A 2 9.81 -13.09 -0.71
C GLN A 2 9.32 -12.73 0.71
N GLN A 3 9.61 -11.52 1.14
CA GLN A 3 9.23 -11.06 2.49
C GLN A 3 8.24 -9.90 2.39
N LYS A 4 6.96 -10.16 2.60
CA LYS A 4 5.94 -9.11 2.46
C LYS A 4 6.06 -7.95 3.42
N GLN A 5 6.57 -8.17 4.62
CA GLN A 5 6.65 -7.05 5.59
C GLN A 5 7.71 -6.00 5.23
N GLN A 6 8.73 -6.43 4.48
CA GLN A 6 9.75 -5.48 4.04
C GLN A 6 9.11 -4.50 3.06
N ILE A 7 8.20 -5.02 2.25
CA ILE A 7 7.51 -4.21 1.28
C ILE A 7 6.58 -3.22 1.97
N MET A 8 5.85 -3.68 2.99
CA MET A 8 4.99 -2.79 3.75
C MET A 8 5.78 -1.67 4.41
N ALA A 9 6.95 -1.99 4.97
CA ALA A 9 7.78 -0.99 5.64
C ALA A 9 8.14 0.19 4.72
N ALA A 10 8.42 -0.12 3.48
CA ALA A 10 8.77 0.90 2.48
C ALA A 10 7.58 1.82 2.22
N LEU A 11 6.40 1.22 2.05
CA LEU A 11 5.19 1.99 1.77
C LEU A 11 4.81 2.86 2.96
N ASN A 12 5.10 2.40 4.16
CA ASN A 12 4.77 3.11 5.36
C ASN A 12 5.54 4.41 5.42
N SER A 13 6.78 4.40 4.95
CA SER A 13 7.59 5.62 4.89
C SER A 13 7.00 6.65 3.94
N GLN A 14 6.55 6.19 2.79
CA GLN A 14 6.01 7.08 1.76
C GLN A 14 4.66 7.68 2.11
N THR A 15 3.82 6.88 2.72
CA THR A 15 2.46 7.32 3.05
C THR A 15 2.35 7.95 4.43
N ALA A 16 3.48 8.06 5.12
CA ALA A 16 3.50 8.52 6.52
C ALA A 16 2.73 9.83 6.75
N VAL A 17 3.23 10.94 6.24
CA VAL A 17 2.59 12.23 6.46
C VAL A 17 1.31 12.34 5.63
N GLN A 18 1.24 11.62 4.53
CA GLN A 18 0.06 11.64 3.65
C GLN A 18 -1.17 11.20 4.43
N PHE A 19 -1.03 10.11 5.19
CA PHE A 19 -2.15 9.59 5.93
C PHE A 19 -2.33 10.30 7.26
N GLN A 20 -1.25 10.91 7.74
CA GLN A 20 -1.27 11.62 9.03
C GLN A 20 -2.24 12.79 8.97
N GLN A 21 -2.33 13.45 7.82
CA GLN A 21 -3.26 14.57 7.67
C GLN A 21 -4.70 14.11 7.89
N TYR A 22 -5.06 12.98 7.33
CA TYR A 22 -6.40 12.42 7.51
C TYR A 22 -6.62 11.95 8.95
N ALA A 23 -5.62 11.24 9.51
CA ALA A 23 -5.75 10.72 10.88
C ALA A 23 -5.94 11.86 11.87
N ALA A 24 -5.33 13.00 11.63
CA ALA A 24 -5.41 14.14 12.52
C ALA A 24 -6.82 14.74 12.55
N GLN A 25 -7.58 14.54 11.48
CA GLN A 25 -8.94 15.07 11.42
C GLN A 25 -9.88 14.16 12.19
N GLN A 26 -9.54 12.89 12.29
CA GLN A 26 -10.38 11.88 12.91
C GLN A 26 -10.12 11.76 14.40
N TYR A 27 -8.84 11.69 14.78
CA TYR A 27 -8.44 11.63 16.18
C TYR A 27 -7.54 12.81 16.54
N PRO A 28 -8.12 14.03 16.59
CA PRO A 28 -7.24 15.16 16.92
C PRO A 28 -6.75 15.15 18.35
N GLY A 29 -5.46 15.51 18.54
CA GLY A 29 -4.91 15.50 19.88
C GLY A 29 -4.40 14.15 20.38
N ASN A 30 -4.70 13.06 19.70
CA ASN A 30 -4.35 11.73 20.17
C ASN A 30 -3.33 11.09 19.22
N TYR A 31 -2.05 11.36 19.46
CA TYR A 31 -0.99 10.82 18.62
C TYR A 31 -1.08 9.29 18.46
N GLU A 32 -1.25 8.57 19.57
CA GLU A 32 -1.32 7.11 19.53
C GLU A 32 -2.46 6.59 18.64
N GLN A 33 -3.64 7.18 18.78
CA GLN A 33 -4.79 6.73 18.02
C GLN A 33 -4.61 7.05 16.55
N GLN A 34 -3.98 8.20 16.26
CA GLN A 34 -3.65 8.52 14.86
C GLN A 34 -2.73 7.44 14.27
N GLN A 35 -1.82 6.90 15.08
CA GLN A 35 -0.87 5.90 14.58
C GLN A 35 -1.59 4.58 14.29
N ILE A 36 -2.49 4.21 15.17
CA ILE A 36 -3.28 2.98 15.00
C ILE A 36 -4.13 3.09 13.72
N LEU A 37 -4.72 4.26 13.50
CA LEU A 37 -5.56 4.48 12.35
C LEU A 37 -4.74 4.39 11.06
N ILE A 38 -3.60 5.07 11.02
CA ILE A 38 -2.70 5.03 9.88
C ILE A 38 -2.27 3.60 9.57
N ARG A 39 -2.04 2.81 10.61
CA ARG A 39 -1.65 1.41 10.43
C ARG A 39 -2.66 0.62 9.63
N GLN A 40 -3.93 0.84 9.93
CA GLN A 40 -4.98 0.14 9.20
C GLN A 40 -5.11 0.68 7.76
N LEU A 41 -4.92 1.98 7.58
CA LEU A 41 -4.94 2.56 6.23
C LEU A 41 -3.79 1.97 5.39
N GLN A 42 -2.62 1.78 6.00
CA GLN A 42 -1.45 1.22 5.34
C GLN A 42 -1.67 -0.26 5.00
N GLU A 43 -2.39 -0.99 5.86
CA GLU A 43 -2.71 -2.39 5.54
C GLU A 43 -3.50 -2.47 4.25
N GLN A 44 -4.48 -1.59 4.10
CA GLN A 44 -5.29 -1.51 2.88
C GLN A 44 -4.49 -0.95 1.69
N HIS A 45 -3.62 0.01 1.94
CA HIS A 45 -2.76 0.55 0.87
C HIS A 45 -1.80 -0.53 0.31
N TYR A 46 -1.42 -1.48 1.13
CA TYR A 46 -0.56 -2.56 0.68
C TYR A 46 -1.26 -3.37 -0.42
N GLN A 47 -2.58 -3.46 -0.35
CA GLN A 47 -3.32 -4.20 -1.35
C GLN A 47 -3.24 -3.51 -2.73
N GLN A 48 -3.34 -2.18 -2.76
CA GLN A 48 -3.24 -1.44 -4.01
C GLN A 48 -1.89 -1.64 -4.66
N TYR A 49 -0.86 -1.67 -3.83
CA TYR A 49 0.49 -1.87 -4.34
C TYR A 49 0.63 -3.24 -5.00
N MET A 50 0.10 -4.28 -4.36
CA MET A 50 0.17 -5.63 -4.94
C MET A 50 -0.63 -5.72 -6.22
N GLN A 51 -1.80 -5.12 -6.25
CA GLN A 51 -2.62 -5.13 -7.45
C GLN A 51 -1.88 -4.42 -8.58
N GLN A 52 -1.24 -3.31 -8.28
CA GLN A 52 -0.49 -2.57 -9.28
C GLN A 52 0.73 -3.35 -9.73
N LEU A 53 1.44 -4.01 -8.81
CA LEU A 53 2.62 -4.78 -9.21
C LEU A 53 2.26 -5.96 -10.13
N TYR A 54 1.07 -6.51 -9.99
CA TYR A 54 0.60 -7.55 -10.89
C TYR A 54 0.46 -6.99 -12.31
N GLN A 55 -0.06 -5.77 -12.45
CA GLN A 55 -0.21 -5.14 -13.75
C GLN A 55 1.18 -4.82 -14.31
N VAL A 56 2.11 -4.49 -13.44
CA VAL A 56 3.50 -4.20 -13.84
C VAL A 56 4.20 -5.48 -14.33
N GLN A 57 3.95 -6.58 -13.66
CA GLN A 57 4.50 -7.88 -14.08
C GLN A 57 3.98 -8.20 -15.47
N LEU A 58 2.70 -8.04 -15.66
CA LEU A 58 2.11 -8.28 -16.97
C LEU A 58 2.65 -7.36 -18.03
N ALA A 59 2.85 -6.09 -17.70
CA ALA A 59 3.37 -5.15 -18.64
C ALA A 59 4.75 -5.58 -19.13
N GLN A 60 5.59 -6.01 -18.19
CA GLN A 60 6.95 -6.37 -18.54
C GLN A 60 6.97 -7.64 -19.38
N GLN A 61 6.15 -8.60 -19.02
CA GLN A 61 6.16 -9.87 -19.73
C GLN A 61 5.58 -9.74 -21.15
N GLN A 62 4.52 -8.98 -21.31
CA GLN A 62 3.88 -8.84 -22.63
C GLN A 62 4.72 -8.01 -23.55
N ALA A 63 5.59 -7.17 -22.97
CA ALA A 63 6.49 -6.32 -23.75
C ALA A 63 7.60 -7.19 -24.34
N ALA A 64 7.88 -8.31 -23.69
CA ALA A 64 8.93 -9.22 -24.15
C ALA A 64 8.33 -10.28 -25.09
N LEU A 65 7.10 -10.71 -24.78
CA LEU A 65 6.43 -11.78 -25.56
C LEU A 65 5.91 -11.23 -26.88
N GLN A 66 5.39 -10.01 -26.82
CA GLN A 66 4.90 -9.29 -28.00
C GLN A 66 3.89 -10.06 -28.86
N LYS A 67 3.02 -10.85 -28.24
CA LYS A 67 2.05 -11.73 -28.94
C LYS A 67 0.58 -11.48 -28.61
N GLN A 68 0.26 -10.25 -28.24
CA GLN A 68 -1.12 -9.84 -27.92
C GLN A 68 -1.85 -10.82 -26.95
N GLN A 69 -1.57 -10.73 -25.65
CA GLN A 69 -2.26 -11.58 -24.69
C GLN A 69 -3.81 -11.45 -24.75
N MET A 1 13.07 -14.49 3.41
CA MET A 1 11.70 -14.84 3.01
C MET A 1 10.67 -13.82 3.45
N GLN A 2 9.44 -13.92 2.91
CA GLN A 2 8.36 -12.99 3.21
C GLN A 2 8.83 -11.54 3.02
N GLN A 3 9.50 -11.28 1.90
CA GLN A 3 9.99 -9.95 1.56
C GLN A 3 8.86 -8.95 1.28
N LYS A 4 7.62 -9.39 1.51
CA LYS A 4 6.46 -8.51 1.46
C LYS A 4 6.68 -7.28 2.33
N GLN A 5 7.34 -7.47 3.45
CA GLN A 5 7.62 -6.40 4.40
C GLN A 5 8.58 -5.33 3.85
N GLN A 6 9.41 -5.67 2.86
CA GLN A 6 10.29 -4.68 2.23
C GLN A 6 9.47 -3.74 1.37
N ILE A 7 8.44 -4.30 0.72
CA ILE A 7 7.52 -3.53 -0.12
C ILE A 7 6.72 -2.61 0.77
N MET A 8 6.33 -3.11 1.92
CA MET A 8 5.60 -2.28 2.88
C MET A 8 6.43 -1.11 3.38
N ALA A 9 7.71 -1.33 3.69
CA ALA A 9 8.56 -0.25 4.18
C ALA A 9 8.65 0.89 3.15
N ALA A 10 8.77 0.50 1.89
CA ALA A 10 8.88 1.45 0.80
C ALA A 10 7.58 2.22 0.62
N LEU A 11 6.45 1.53 0.61
CA LEU A 11 5.13 2.17 0.45
C LEU A 11 4.82 3.10 1.62
N ASN A 12 5.17 2.66 2.82
CA ASN A 12 4.93 3.47 4.03
C ASN A 12 5.73 4.77 3.99
N SER A 13 6.88 4.75 3.33
CA SER A 13 7.71 5.95 3.22
C SER A 13 6.97 7.05 2.45
N GLN A 14 6.19 6.67 1.45
CA GLN A 14 5.45 7.65 0.66
C GLN A 14 4.22 8.20 1.38
N THR A 15 3.66 7.40 2.29
CA THR A 15 2.35 7.76 2.89
C THR A 15 2.42 8.26 4.33
N ALA A 16 3.61 8.25 4.94
CA ALA A 16 3.75 8.62 6.34
C ALA A 16 3.07 9.94 6.72
N VAL A 17 3.60 11.05 6.23
CA VAL A 17 3.05 12.35 6.57
C VAL A 17 1.69 12.54 5.92
N GLN A 18 1.46 11.85 4.82
CA GLN A 18 0.20 11.97 4.08
C GLN A 18 -0.99 11.48 4.90
N PHE A 19 -0.88 10.28 5.45
CA PHE A 19 -2.01 9.74 6.23
C PHE A 19 -2.10 10.41 7.58
N GLN A 20 -1.00 10.99 8.03
CA GLN A 20 -0.95 11.68 9.32
C GLN A 20 -1.92 12.85 9.36
N GLN A 21 -2.07 13.53 8.23
CA GLN A 21 -2.98 14.67 8.16
C GLN A 21 -4.45 14.21 8.22
N TYR A 22 -4.76 13.09 7.56
CA TYR A 22 -6.09 12.50 7.61
C TYR A 22 -6.36 11.93 9.01
N ALA A 23 -5.34 11.36 9.64
CA ALA A 23 -5.49 10.82 10.98
C ALA A 23 -5.82 11.93 11.95
N ALA A 24 -5.17 13.07 11.83
CA ALA A 24 -5.44 14.17 12.73
C ALA A 24 -6.88 14.70 12.54
N GLN A 25 -7.41 14.57 11.33
CA GLN A 25 -8.79 14.98 11.03
C GLN A 25 -9.78 14.05 11.72
N GLN A 26 -9.38 12.79 11.89
CA GLN A 26 -10.25 11.75 12.44
C GLN A 26 -10.17 11.63 13.97
N TYR A 27 -8.95 11.61 14.49
CA TYR A 27 -8.71 11.52 15.93
C TYR A 27 -7.88 12.71 16.40
N PRO A 28 -8.48 13.91 16.43
CA PRO A 28 -7.66 15.09 16.74
C PRO A 28 -7.15 15.08 18.19
N GLY A 29 -5.87 15.39 18.35
CA GLY A 29 -5.24 15.44 19.66
C GLY A 29 -4.79 14.07 20.19
N ASN A 30 -5.27 12.99 19.59
CA ASN A 30 -4.94 11.65 20.08
C ASN A 30 -3.82 11.01 19.24
N TYR A 31 -2.58 11.29 19.58
CA TYR A 31 -1.43 10.76 18.86
C TYR A 31 -1.48 9.25 18.69
N GLU A 32 -1.75 8.54 19.77
CA GLU A 32 -1.79 7.07 19.70
C GLU A 32 -2.90 6.57 18.75
N GLN A 33 -4.10 7.12 18.83
CA GLN A 33 -5.20 6.68 17.96
C GLN A 33 -4.89 7.02 16.52
N GLN A 34 -4.24 8.16 16.30
CA GLN A 34 -3.85 8.50 14.96
C GLN A 34 -2.88 7.48 14.38
N GLN A 35 -2.01 6.94 15.22
CA GLN A 35 -1.01 5.97 14.75
C GLN A 35 -1.68 4.63 14.45
N ILE A 36 -2.67 4.25 15.26
CA ILE A 36 -3.42 3.03 14.99
C ILE A 36 -4.17 3.13 13.67
N LEU A 37 -4.77 4.27 13.40
CA LEU A 37 -5.50 4.44 12.17
C LEU A 37 -4.56 4.34 10.97
N ILE A 38 -3.44 5.05 11.01
CA ILE A 38 -2.45 5.01 9.92
C ILE A 38 -1.99 3.57 9.66
N ARG A 39 -1.73 2.81 10.72
CA ARG A 39 -1.30 1.44 10.56
C ARG A 39 -2.34 0.59 9.80
N GLN A 40 -3.61 0.83 10.03
CA GLN A 40 -4.68 0.12 9.33
C GLN A 40 -4.75 0.58 7.87
N LEU A 41 -4.67 1.90 7.64
CA LEU A 41 -4.79 2.44 6.29
C LEU A 41 -3.71 1.87 5.38
N GLN A 42 -2.49 1.82 5.89
CA GLN A 42 -1.35 1.37 5.10
C GLN A 42 -1.53 -0.09 4.70
N GLU A 43 -2.12 -0.89 5.57
CA GLU A 43 -2.36 -2.30 5.27
C GLU A 43 -3.44 -2.48 4.21
N GLN A 44 -4.47 -1.62 4.25
CA GLN A 44 -5.51 -1.67 3.23
C GLN A 44 -4.98 -1.21 1.86
N HIS A 45 -4.16 -0.16 1.86
CA HIS A 45 -3.57 0.34 0.62
C HIS A 45 -2.58 -0.67 0.04
N TYR A 46 -1.98 -1.48 0.91
CA TYR A 46 -1.07 -2.54 0.48
C TYR A 46 -1.80 -3.57 -0.41
N GLN A 47 -3.07 -3.81 -0.13
CA GLN A 47 -3.86 -4.77 -0.90
C GLN A 47 -4.00 -4.32 -2.34
N GLN A 48 -4.21 -3.02 -2.55
CA GLN A 48 -4.38 -2.47 -3.89
C GLN A 48 -3.10 -2.70 -4.71
N TYR A 49 -1.96 -2.49 -4.07
CA TYR A 49 -0.66 -2.70 -4.73
C TYR A 49 -0.45 -4.18 -5.11
N MET A 50 -0.80 -5.09 -4.21
CA MET A 50 -0.67 -6.51 -4.49
C MET A 50 -1.62 -6.96 -5.59
N GLN A 51 -2.86 -6.45 -5.55
CA GLN A 51 -3.87 -6.76 -6.56
C GLN A 51 -3.40 -6.38 -7.96
N GLN A 52 -2.77 -5.21 -8.09
CA GLN A 52 -2.26 -4.78 -9.38
C GLN A 52 -1.17 -5.73 -9.87
N LEU A 53 -0.24 -6.07 -8.97
CA LEU A 53 0.88 -6.95 -9.33
C LEU A 53 0.43 -8.34 -9.73
N TYR A 54 -0.68 -8.79 -9.20
CA TYR A 54 -1.25 -10.08 -9.55
C TYR A 54 -1.68 -10.08 -11.02
N GLN A 55 -2.25 -8.97 -11.48
CA GLN A 55 -2.64 -8.88 -12.89
C GLN A 55 -1.41 -8.83 -13.80
N VAL A 56 -0.35 -8.17 -13.34
CA VAL A 56 0.89 -8.10 -14.11
C VAL A 56 1.52 -9.49 -14.17
N GLN A 57 1.44 -10.24 -13.10
CA GLN A 57 1.94 -11.63 -13.10
C GLN A 57 1.17 -12.46 -14.09
N LEU A 58 -0.15 -12.33 -14.06
CA LEU A 58 -1.00 -13.08 -14.98
C LEU A 58 -0.74 -12.69 -16.42
N ALA A 59 -0.45 -11.42 -16.66
CA ALA A 59 -0.14 -10.94 -18.02
C ALA A 59 1.04 -11.74 -18.58
N GLN A 60 2.10 -11.89 -17.76
CA GLN A 60 3.26 -12.63 -18.20
C GLN A 60 2.90 -14.08 -18.43
N GLN A 61 2.05 -14.65 -17.58
CA GLN A 61 1.63 -16.04 -17.78
C GLN A 61 0.84 -16.19 -19.09
N GLN A 62 -0.03 -15.26 -19.36
CA GLN A 62 -0.90 -15.34 -20.53
C GLN A 62 -0.12 -15.12 -21.79
N ALA A 63 0.92 -14.34 -21.69
CA ALA A 63 1.84 -14.11 -22.80
C ALA A 63 2.54 -15.43 -23.22
N ALA A 64 2.73 -16.34 -22.27
CA ALA A 64 3.33 -17.64 -22.54
C ALA A 64 2.30 -18.72 -22.86
N LEU A 65 1.14 -18.64 -22.19
CA LEU A 65 0.08 -19.65 -22.35
C LEU A 65 -0.55 -19.57 -23.71
N GLN A 66 -0.77 -18.34 -24.15
CA GLN A 66 -1.31 -18.04 -25.49
C GLN A 66 -2.64 -18.78 -25.82
N LYS A 67 -3.37 -19.14 -24.77
CA LYS A 67 -4.65 -19.86 -24.86
C LYS A 67 -4.58 -21.17 -25.66
N GLN A 68 -3.46 -21.86 -25.54
CA GLN A 68 -3.30 -23.18 -26.17
C GLN A 68 -4.00 -24.23 -25.27
N GLN A 69 -5.33 -24.28 -25.37
CA GLN A 69 -6.12 -25.13 -24.46
C GLN A 69 -5.91 -26.62 -24.72
N MET A 1 10.05 -17.12 4.65
CA MET A 1 9.57 -16.72 3.28
C MET A 1 8.56 -15.61 3.35
N GLN A 2 8.57 -14.94 4.52
CA GLN A 2 7.72 -13.78 4.80
C GLN A 2 8.22 -12.48 4.09
N GLN A 3 8.53 -12.62 2.80
CA GLN A 3 9.04 -11.54 1.99
C GLN A 3 7.92 -10.54 1.62
N LYS A 4 7.31 -9.97 2.66
CA LYS A 4 6.19 -9.03 2.51
C LYS A 4 6.43 -7.82 3.39
N GLN A 5 7.14 -7.97 4.48
CA GLN A 5 7.34 -6.88 5.40
C GLN A 5 8.32 -5.82 4.88
N GLN A 6 9.21 -6.17 3.97
CA GLN A 6 10.09 -5.17 3.33
C GLN A 6 9.22 -4.11 2.62
N ILE A 7 8.21 -4.60 1.92
CA ILE A 7 7.32 -3.73 1.14
C ILE A 7 6.48 -2.86 2.11
N MET A 8 6.05 -3.47 3.23
CA MET A 8 5.27 -2.74 4.20
C MET A 8 6.10 -1.59 4.76
N ALA A 9 7.38 -1.82 5.05
CA ALA A 9 8.23 -0.76 5.58
C ALA A 9 8.36 0.40 4.54
N ALA A 10 8.48 0.05 3.27
CA ALA A 10 8.58 1.07 2.20
C ALA A 10 7.29 1.91 2.13
N LEU A 11 6.16 1.23 2.16
CA LEU A 11 4.87 1.92 2.13
C LEU A 11 4.66 2.75 3.37
N ASN A 12 5.13 2.26 4.50
CA ASN A 12 4.93 2.99 5.74
C ASN A 12 5.67 4.31 5.71
N SER A 13 6.88 4.33 5.15
CA SER A 13 7.62 5.58 5.03
C SER A 13 7.01 6.51 3.97
N GLN A 14 6.62 5.92 2.84
CA GLN A 14 6.04 6.72 1.76
C GLN A 14 4.74 7.44 2.16
N THR A 15 3.87 6.77 2.90
CA THR A 15 2.55 7.31 3.16
C THR A 15 2.39 7.99 4.53
N ALA A 16 3.43 7.91 5.36
CA ALA A 16 3.36 8.39 6.75
C ALA A 16 2.69 9.75 6.91
N VAL A 17 3.31 10.80 6.37
CA VAL A 17 2.83 12.16 6.60
C VAL A 17 1.53 12.42 5.84
N GLN A 18 1.33 11.72 4.74
CA GLN A 18 0.09 11.88 3.96
C GLN A 18 -1.12 11.42 4.76
N PHE A 19 -1.03 10.28 5.41
CA PHE A 19 -2.15 9.76 6.15
C PHE A 19 -2.29 10.44 7.49
N GLN A 20 -1.20 11.00 8.00
CA GLN A 20 -1.24 11.72 9.26
C GLN A 20 -2.18 12.91 9.22
N GLN A 21 -2.23 13.64 8.12
CA GLN A 21 -3.11 14.81 8.04
C GLN A 21 -4.57 14.38 8.18
N TYR A 22 -4.91 13.31 7.50
CA TYR A 22 -6.25 12.74 7.58
C TYR A 22 -6.51 12.14 8.98
N ALA A 23 -5.54 11.44 9.55
CA ALA A 23 -5.68 10.81 10.85
C ALA A 23 -5.95 11.85 11.91
N ALA A 24 -5.34 13.02 11.75
CA ALA A 24 -5.53 14.11 12.71
C ALA A 24 -6.95 14.65 12.70
N GLN A 25 -7.64 14.47 11.58
CA GLN A 25 -9.04 14.90 11.47
C GLN A 25 -9.98 13.87 12.14
N GLN A 26 -9.53 12.62 12.19
CA GLN A 26 -10.28 11.52 12.82
C GLN A 26 -10.03 11.40 14.33
N TYR A 27 -8.76 11.46 14.72
CA TYR A 27 -8.38 11.37 16.11
C TYR A 27 -7.55 12.59 16.51
N PRO A 28 -8.21 13.78 16.65
CA PRO A 28 -7.40 14.97 16.93
C PRO A 28 -6.83 15.01 18.33
N GLY A 29 -5.58 15.44 18.42
CA GLY A 29 -4.87 15.46 19.69
C GLY A 29 -4.34 14.13 20.19
N ASN A 30 -4.77 13.05 19.56
CA ASN A 30 -4.38 11.69 19.99
C ASN A 30 -3.36 11.07 19.06
N TYR A 31 -2.08 11.33 19.34
CA TYR A 31 -1.00 10.79 18.49
C TYR A 31 -1.05 9.26 18.39
N GLU A 32 -1.26 8.60 19.52
CA GLU A 32 -1.31 7.15 19.54
C GLU A 32 -2.43 6.65 18.65
N GLN A 33 -3.61 7.22 18.74
CA GLN A 33 -4.76 6.74 17.95
C GLN A 33 -4.59 7.07 16.48
N GLN A 34 -3.98 8.23 16.20
CA GLN A 34 -3.66 8.62 14.81
C GLN A 34 -2.78 7.57 14.16
N GLN A 35 -1.86 6.99 14.92
CA GLN A 35 -0.99 5.98 14.38
C GLN A 35 -1.72 4.68 14.11
N ILE A 36 -2.61 4.32 15.02
CA ILE A 36 -3.37 3.07 14.92
C ILE A 36 -4.24 3.15 13.66
N LEU A 37 -4.73 4.34 13.32
CA LEU A 37 -5.50 4.54 12.10
C LEU A 37 -4.66 4.46 10.84
N ILE A 38 -3.53 5.14 10.85
CA ILE A 38 -2.60 5.13 9.72
C ILE A 38 -2.19 3.69 9.41
N ARG A 39 -1.92 2.90 10.45
CA ARG A 39 -1.54 1.49 10.29
C ARG A 39 -2.62 0.69 9.57
N GLN A 40 -3.89 0.91 9.93
CA GLN A 40 -4.99 0.26 9.26
C GLN A 40 -5.07 0.65 7.77
N LEU A 41 -4.88 1.92 7.46
CA LEU A 41 -4.91 2.36 6.06
C LEU A 41 -3.78 1.74 5.25
N GLN A 42 -2.61 1.62 5.84
CA GLN A 42 -1.45 1.08 5.15
C GLN A 42 -1.61 -0.41 4.89
N GLU A 43 -2.20 -1.09 5.86
CA GLU A 43 -2.49 -2.51 5.70
C GLU A 43 -3.53 -2.70 4.59
N GLN A 44 -4.51 -1.80 4.52
CA GLN A 44 -5.51 -1.84 3.46
C GLN A 44 -4.86 -1.57 2.11
N HIS A 45 -3.99 -0.56 2.05
CA HIS A 45 -3.31 -0.18 0.80
C HIS A 45 -2.41 -1.29 0.30
N TYR A 46 -1.95 -2.16 1.19
CA TYR A 46 -1.12 -3.32 0.79
C TYR A 46 -1.86 -4.20 -0.19
N GLN A 47 -3.16 -4.33 -0.02
CA GLN A 47 -3.97 -5.13 -0.94
C GLN A 47 -3.93 -4.53 -2.36
N GLN A 48 -4.11 -3.21 -2.43
CA GLN A 48 -4.13 -2.50 -3.71
C GLN A 48 -2.73 -2.50 -4.35
N TYR A 49 -1.71 -2.27 -3.53
CA TYR A 49 -0.33 -2.22 -4.00
C TYR A 49 0.08 -3.54 -4.61
N MET A 50 -0.42 -4.64 -4.05
CA MET A 50 -0.11 -5.96 -4.61
C MET A 50 -0.75 -6.16 -5.97
N GLN A 51 -1.98 -5.74 -6.12
CA GLN A 51 -2.69 -5.83 -7.41
C GLN A 51 -2.01 -4.93 -8.44
N GLN A 52 -1.55 -3.76 -8.00
CA GLN A 52 -0.84 -2.84 -8.89
C GLN A 52 0.45 -3.46 -9.36
N LEU A 53 1.17 -4.17 -8.51
CA LEU A 53 2.41 -4.83 -8.90
C LEU A 53 2.18 -5.98 -9.88
N TYR A 54 1.01 -6.58 -9.82
CA TYR A 54 0.66 -7.63 -10.77
C TYR A 54 0.51 -7.01 -12.16
N GLN A 55 -0.10 -5.82 -12.23
CA GLN A 55 -0.25 -5.15 -13.52
C GLN A 55 1.11 -4.65 -14.02
N VAL A 56 1.93 -4.20 -13.09
CA VAL A 56 3.30 -3.77 -13.42
C VAL A 56 4.15 -4.95 -13.90
N GLN A 57 3.98 -6.14 -13.35
CA GLN A 57 4.71 -7.30 -13.82
C GLN A 57 4.37 -7.58 -15.28
N LEU A 58 3.08 -7.48 -15.59
CA LEU A 58 2.60 -7.70 -16.96
C LEU A 58 3.14 -6.63 -17.90
N ALA A 59 3.27 -5.42 -17.38
CA ALA A 59 3.85 -4.33 -18.17
C ALA A 59 5.32 -4.61 -18.46
N GLN A 60 6.05 -5.19 -17.51
CA GLN A 60 7.45 -5.53 -17.75
C GLN A 60 7.59 -6.66 -18.79
N GLN A 61 6.61 -7.57 -18.82
CA GLN A 61 6.55 -8.62 -19.82
C GLN A 61 6.28 -8.00 -21.21
N GLN A 62 5.36 -7.07 -21.31
CA GLN A 62 5.03 -6.43 -22.61
C GLN A 62 6.18 -5.53 -23.09
N ALA A 63 6.88 -4.96 -22.14
CA ALA A 63 8.04 -4.13 -22.42
C ALA A 63 9.12 -4.99 -23.09
N ALA A 64 9.21 -6.28 -22.72
CA ALA A 64 10.19 -7.17 -23.36
C ALA A 64 9.66 -7.77 -24.69
N LEU A 65 8.35 -7.96 -24.76
CA LEU A 65 7.69 -8.58 -25.91
C LEU A 65 7.52 -7.65 -27.09
N GLN A 66 7.17 -6.40 -26.80
CA GLN A 66 6.99 -5.33 -27.78
C GLN A 66 6.08 -5.78 -28.93
N LYS A 67 5.06 -6.56 -28.57
CA LYS A 67 4.20 -7.20 -29.58
C LYS A 67 2.74 -6.77 -29.46
N GLN A 68 2.49 -5.56 -29.00
CA GLN A 68 1.13 -5.03 -28.88
C GLN A 68 0.60 -4.56 -30.27
N GLN A 69 0.58 -5.46 -31.27
CA GLN A 69 0.25 -5.11 -32.67
C GLN A 69 -1.17 -4.55 -32.90
N MET A 1 7.50 -12.57 -5.58
CA MET A 1 6.88 -13.69 -4.84
C MET A 1 7.31 -13.70 -3.40
N GLN A 2 8.27 -12.79 -3.18
CA GLN A 2 9.01 -12.61 -1.93
C GLN A 2 9.13 -11.09 -1.76
N GLN A 3 9.86 -10.67 -0.73
CA GLN A 3 10.14 -9.25 -0.46
C GLN A 3 8.88 -8.37 -0.48
N LYS A 4 7.77 -8.92 0.01
CA LYS A 4 6.49 -8.17 0.01
C LYS A 4 6.51 -6.98 0.99
N GLN A 5 7.17 -7.13 2.13
CA GLN A 5 7.26 -6.06 3.13
C GLN A 5 8.15 -4.92 2.67
N GLN A 6 9.07 -5.24 1.77
CA GLN A 6 9.98 -4.22 1.22
C GLN A 6 9.11 -3.20 0.50
N ILE A 7 8.09 -3.69 -0.21
CA ILE A 7 7.18 -2.84 -0.93
C ILE A 7 6.34 -1.97 0.04
N MET A 8 5.88 -2.59 1.12
CA MET A 8 5.05 -1.88 2.10
C MET A 8 5.82 -0.74 2.72
N ALA A 9 7.09 -0.95 3.00
CA ALA A 9 7.95 0.09 3.58
C ALA A 9 8.16 1.29 2.61
N ALA A 10 8.28 0.97 1.33
CA ALA A 10 8.43 1.99 0.30
C ALA A 10 7.15 2.86 0.28
N LEU A 11 5.99 2.21 0.31
CA LEU A 11 4.72 2.91 0.36
C LEU A 11 4.53 3.70 1.64
N ASN A 12 4.97 3.18 2.76
CA ASN A 12 4.80 3.88 4.04
C ASN A 12 5.60 5.17 4.02
N SER A 13 6.75 5.12 3.37
CA SER A 13 7.60 6.29 3.20
C SER A 13 6.93 7.32 2.29
N GLN A 14 6.23 6.85 1.25
CA GLN A 14 5.54 7.72 0.29
C GLN A 14 4.26 8.33 0.84
N THR A 15 3.74 7.80 1.94
CA THR A 15 2.44 8.26 2.47
C THR A 15 2.50 8.72 3.91
N ALA A 16 3.68 8.68 4.53
CA ALA A 16 3.85 8.94 5.96
C ALA A 16 3.14 10.23 6.41
N VAL A 17 3.42 11.35 5.73
CA VAL A 17 2.84 12.63 6.13
C VAL A 17 1.38 12.80 5.65
N GLN A 18 1.05 12.22 4.51
CA GLN A 18 -0.33 12.30 4.01
C GLN A 18 -1.28 11.59 4.96
N PHE A 19 -0.86 10.43 5.43
CA PHE A 19 -1.67 9.65 6.35
C PHE A 19 -1.70 10.26 7.75
N GLN A 20 -0.65 10.98 8.13
CA GLN A 20 -0.68 11.70 9.40
C GLN A 20 -1.68 12.84 9.35
N GLN A 21 -1.72 13.63 8.28
CA GLN A 21 -2.71 14.69 8.19
C GLN A 21 -4.12 14.10 8.18
N TYR A 22 -4.28 12.98 7.49
CA TYR A 22 -5.58 12.30 7.43
C TYR A 22 -6.02 11.78 8.77
N ALA A 23 -5.14 11.16 9.51
CA ALA A 23 -5.46 10.63 10.83
C ALA A 23 -5.79 11.78 11.81
N ALA A 24 -5.15 12.92 11.60
CA ALA A 24 -5.39 14.05 12.48
C ALA A 24 -6.82 14.57 12.26
N GLN A 25 -7.31 14.36 11.04
CA GLN A 25 -8.65 14.80 10.67
C GLN A 25 -9.75 13.89 11.23
N GLN A 26 -9.36 12.67 11.59
CA GLN A 26 -10.27 11.66 12.11
C GLN A 26 -10.26 11.62 13.62
N TYR A 27 -9.08 11.64 14.21
CA TYR A 27 -8.91 11.64 15.67
C TYR A 27 -8.05 12.83 16.12
N PRO A 28 -8.58 14.07 16.01
CA PRO A 28 -7.70 15.19 16.39
C PRO A 28 -7.33 15.23 17.85
N GLY A 29 -6.06 15.53 18.13
CA GLY A 29 -5.56 15.54 19.50
C GLY A 29 -5.05 14.18 19.99
N ASN A 30 -5.61 13.07 19.51
CA ASN A 30 -5.27 11.76 20.03
C ASN A 30 -4.17 11.11 19.19
N TYR A 31 -2.92 11.44 19.50
CA TYR A 31 -1.78 10.86 18.79
C TYR A 31 -1.80 9.32 18.81
N GLU A 32 -2.14 8.71 19.94
CA GLU A 32 -2.16 7.26 20.02
C GLU A 32 -3.18 6.65 19.05
N GLN A 33 -4.36 7.24 18.97
CA GLN A 33 -5.41 6.73 18.06
C GLN A 33 -5.05 7.04 16.60
N GLN A 34 -4.37 8.17 16.39
CA GLN A 34 -3.88 8.52 15.08
C GLN A 34 -2.89 7.47 14.58
N GLN A 35 -2.11 6.90 15.48
CA GLN A 35 -1.10 5.91 15.08
C GLN A 35 -1.77 4.55 14.78
N ILE A 36 -2.80 4.21 15.53
CA ILE A 36 -3.55 3.00 15.29
C ILE A 36 -4.22 3.08 13.92
N LEU A 37 -4.76 4.23 13.59
CA LEU A 37 -5.47 4.39 12.33
C LEU A 37 -4.52 4.25 11.16
N ILE A 38 -3.37 4.91 11.23
CA ILE A 38 -2.38 4.86 10.16
C ILE A 38 -1.90 3.42 9.95
N ARG A 39 -1.77 2.65 11.04
CA ARG A 39 -1.39 1.23 10.91
C ARG A 39 -2.38 0.48 10.03
N GLN A 40 -3.67 0.75 10.20
CA GLN A 40 -4.69 0.11 9.36
C GLN A 40 -4.62 0.62 7.93
N LEU A 41 -4.46 1.92 7.77
CA LEU A 41 -4.45 2.52 6.44
C LEU A 41 -3.30 1.99 5.59
N GLN A 42 -2.13 1.83 6.19
CA GLN A 42 -0.96 1.36 5.47
C GLN A 42 -1.13 -0.08 4.96
N GLU A 43 -1.77 -0.92 5.76
CA GLU A 43 -1.96 -2.31 5.39
C GLU A 43 -3.03 -2.43 4.33
N GLN A 44 -4.14 -1.74 4.53
CA GLN A 44 -5.28 -1.77 3.61
C GLN A 44 -4.90 -1.22 2.23
N HIS A 45 -4.07 -0.19 2.21
CA HIS A 45 -3.60 0.38 0.95
C HIS A 45 -2.75 -0.63 0.21
N TYR A 46 -1.95 -1.40 0.95
CA TYR A 46 -1.14 -2.44 0.30
C TYR A 46 -2.01 -3.50 -0.35
N GLN A 47 -3.19 -3.75 0.20
CA GLN A 47 -4.10 -4.72 -0.41
C GLN A 47 -4.59 -4.20 -1.76
N GLN A 48 -4.87 -2.90 -1.83
CA GLN A 48 -5.29 -2.25 -3.08
C GLN A 48 -4.17 -2.30 -4.10
N TYR A 49 -2.97 -1.95 -3.66
CA TYR A 49 -1.82 -1.94 -4.54
C TYR A 49 -1.58 -3.35 -5.12
N MET A 50 -1.78 -4.38 -4.32
CA MET A 50 -1.60 -5.75 -4.79
C MET A 50 -2.76 -6.18 -5.72
N GLN A 51 -3.96 -5.77 -5.42
CA GLN A 51 -5.11 -6.09 -6.29
C GLN A 51 -4.93 -5.50 -7.70
N GLN A 52 -4.54 -4.22 -7.77
CA GLN A 52 -4.35 -3.57 -9.08
C GLN A 52 -3.21 -4.26 -9.81
N LEU A 53 -2.16 -4.64 -9.11
CA LEU A 53 -1.06 -5.36 -9.76
C LEU A 53 -1.48 -6.73 -10.28
N TYR A 54 -2.37 -7.38 -9.56
CA TYR A 54 -2.91 -8.66 -9.97
C TYR A 54 -3.65 -8.53 -11.31
N GLN A 55 -4.41 -7.45 -11.47
CA GLN A 55 -5.14 -7.25 -12.73
C GLN A 55 -4.21 -6.91 -13.88
N VAL A 56 -3.10 -6.23 -13.58
CA VAL A 56 -2.15 -5.90 -14.64
C VAL A 56 -1.41 -7.14 -15.11
N GLN A 57 -1.04 -8.03 -14.19
CA GLN A 57 -0.40 -9.27 -14.56
C GLN A 57 -1.28 -10.09 -15.50
N LEU A 58 -2.55 -10.18 -15.14
CA LEU A 58 -3.51 -10.86 -15.97
C LEU A 58 -3.72 -10.18 -17.30
N ALA A 59 -3.75 -8.84 -17.30
CA ALA A 59 -3.93 -8.11 -18.55
C ALA A 59 -2.79 -8.40 -19.50
N GLN A 60 -1.58 -8.41 -18.98
CA GLN A 60 -0.41 -8.68 -19.80
C GLN A 60 -0.40 -10.11 -20.33
N GLN A 61 -0.80 -11.08 -19.51
CA GLN A 61 -0.76 -12.46 -19.97
C GLN A 61 -1.75 -12.75 -21.07
N GLN A 62 -2.95 -12.16 -21.00
CA GLN A 62 -3.92 -12.40 -22.08
C GLN A 62 -3.53 -11.72 -23.41
N ALA A 63 -2.79 -10.62 -23.32
CA ALA A 63 -2.29 -9.90 -24.51
C ALA A 63 -1.27 -10.77 -25.23
N ALA A 64 -0.58 -11.62 -24.48
CA ALA A 64 0.38 -12.54 -25.06
C ALA A 64 -0.30 -13.82 -25.53
N LEU A 65 -1.28 -14.30 -24.78
CA LEU A 65 -1.91 -15.57 -25.09
C LEU A 65 -2.83 -15.48 -26.29
N GLN A 66 -3.52 -14.35 -26.42
CA GLN A 66 -4.45 -14.09 -27.53
C GLN A 66 -5.40 -15.25 -27.81
N LYS A 67 -5.85 -15.90 -26.74
CA LYS A 67 -6.83 -17.00 -26.79
C LYS A 67 -8.25 -16.45 -27.00
N GLN A 68 -8.33 -15.34 -27.70
CA GLN A 68 -9.59 -14.66 -27.97
C GLN A 68 -9.80 -14.45 -29.47
N GLN A 69 -10.17 -15.54 -30.16
CA GLN A 69 -10.50 -15.43 -31.56
C GLN A 69 -11.90 -14.85 -31.69
N MET A 1 16.44 -13.39 5.75
CA MET A 1 15.76 -12.36 4.88
C MET A 1 14.32 -12.11 5.25
N GLN A 2 13.95 -10.83 5.19
CA GLN A 2 12.57 -10.40 5.30
C GLN A 2 12.09 -10.04 3.91
N GLN A 3 10.82 -10.31 3.63
CA GLN A 3 10.24 -10.05 2.31
C GLN A 3 8.78 -9.64 2.46
N LYS A 4 8.25 -9.01 1.41
CA LYS A 4 6.90 -8.41 1.36
C LYS A 4 6.70 -7.22 2.30
N GLN A 5 7.13 -7.36 3.54
CA GLN A 5 7.13 -6.26 4.51
C GLN A 5 8.13 -5.16 4.09
N GLN A 6 9.12 -5.53 3.26
CA GLN A 6 10.04 -4.59 2.66
C GLN A 6 9.27 -3.56 1.85
N ILE A 7 8.25 -4.06 1.16
CA ILE A 7 7.42 -3.23 0.28
C ILE A 7 6.53 -2.36 1.18
N MET A 8 6.08 -2.89 2.31
CA MET A 8 5.28 -2.11 3.23
C MET A 8 6.06 -0.96 3.82
N ALA A 9 7.30 -1.19 4.21
CA ALA A 9 8.14 -0.16 4.74
C ALA A 9 8.30 0.98 3.70
N ALA A 10 8.52 0.63 2.44
CA ALA A 10 8.69 1.62 1.39
C ALA A 10 7.39 2.46 1.23
N LEU A 11 6.25 1.77 1.18
CA LEU A 11 4.97 2.45 1.00
C LEU A 11 4.62 3.30 2.20
N ASN A 12 4.95 2.81 3.38
CA ASN A 12 4.65 3.54 4.60
C ASN A 12 5.45 4.84 4.66
N SER A 13 6.70 4.77 4.21
CA SER A 13 7.55 5.95 4.15
C SER A 13 6.96 6.99 3.20
N GLN A 14 6.52 6.54 2.04
CA GLN A 14 5.95 7.43 1.01
C GLN A 14 4.65 8.10 1.44
N THR A 15 3.93 7.49 2.37
CA THR A 15 2.61 8.01 2.78
C THR A 15 2.56 8.48 4.22
N ALA A 16 3.70 8.50 4.90
CA ALA A 16 3.74 8.83 6.34
C ALA A 16 2.96 10.11 6.69
N VAL A 17 3.46 11.25 6.23
CA VAL A 17 2.83 12.54 6.54
C VAL A 17 1.49 12.67 5.81
N GLN A 18 1.37 11.99 4.68
CA GLN A 18 0.15 12.06 3.88
C GLN A 18 -1.06 11.52 4.64
N PHE A 19 -0.92 10.34 5.22
CA PHE A 19 -1.98 9.75 6.00
C PHE A 19 -1.98 10.33 7.42
N GLN A 20 -0.87 10.90 7.86
CA GLN A 20 -0.84 11.55 9.17
C GLN A 20 -1.85 12.69 9.29
N GLN A 21 -2.00 13.51 8.25
CA GLN A 21 -2.96 14.62 8.29
C GLN A 21 -4.40 14.12 8.26
N TYR A 22 -4.64 13.04 7.56
CA TYR A 22 -5.97 12.44 7.55
C TYR A 22 -6.31 11.87 8.92
N ALA A 23 -5.31 11.25 9.54
CA ALA A 23 -5.49 10.68 10.87
C ALA A 23 -5.82 11.82 11.88
N ALA A 24 -5.19 12.96 11.70
CA ALA A 24 -5.43 14.12 12.56
C ALA A 24 -6.87 14.64 12.38
N GLN A 25 -7.44 14.42 11.21
CA GLN A 25 -8.83 14.88 10.91
C GLN A 25 -9.89 13.91 11.44
N GLN A 26 -9.43 12.74 11.87
CA GLN A 26 -10.30 11.70 12.44
C GLN A 26 -10.16 11.67 13.98
N TYR A 27 -8.92 11.66 14.44
CA TYR A 27 -8.63 11.60 15.89
C TYR A 27 -7.79 12.81 16.32
N PRO A 28 -8.36 14.03 16.25
CA PRO A 28 -7.52 15.15 16.68
C PRO A 28 -7.25 15.11 18.17
N GLY A 29 -6.03 15.41 18.56
CA GLY A 29 -5.66 15.40 19.98
C GLY A 29 -5.15 14.07 20.49
N ASN A 30 -5.24 13.00 19.69
CA ASN A 30 -4.80 11.68 20.13
C ASN A 30 -3.69 11.12 19.23
N TYR A 31 -2.44 11.50 19.47
CA TYR A 31 -1.32 11.00 18.66
C TYR A 31 -1.30 9.48 18.55
N GLU A 32 -1.49 8.77 19.65
CA GLU A 32 -1.42 7.31 19.62
C GLU A 32 -2.54 6.69 18.76
N GLN A 33 -3.77 7.18 18.89
CA GLN A 33 -4.88 6.67 18.09
C GLN A 33 -4.71 7.02 16.61
N GLN A 34 -4.12 8.21 16.36
CA GLN A 34 -3.79 8.60 15.00
C GLN A 34 -2.84 7.58 14.36
N GLN A 35 -1.91 7.04 15.13
CA GLN A 35 -0.92 6.11 14.59
C GLN A 35 -1.58 4.77 14.33
N ILE A 36 -2.51 4.38 15.21
CA ILE A 36 -3.25 3.14 15.04
C ILE A 36 -4.09 3.21 13.76
N LEU A 37 -4.71 4.36 13.51
CA LEU A 37 -5.55 4.51 12.30
C LEU A 37 -4.71 4.31 11.04
N ILE A 38 -3.54 4.93 11.00
CA ILE A 38 -2.60 4.74 9.88
C ILE A 38 -2.14 3.30 9.69
N ARG A 39 -1.89 2.62 10.79
CA ARG A 39 -1.51 1.22 10.76
C ARG A 39 -2.56 0.41 10.02
N GLN A 40 -3.82 0.71 10.23
CA GLN A 40 -4.88 -0.01 9.53
C GLN A 40 -5.07 0.46 8.08
N LEU A 41 -4.87 1.74 7.83
CA LEU A 41 -5.02 2.26 6.46
C LEU A 41 -3.97 1.65 5.53
N GLN A 42 -2.74 1.56 6.00
CA GLN A 42 -1.65 1.09 5.17
C GLN A 42 -1.83 -0.40 4.82
N GLU A 43 -2.49 -1.13 5.70
CA GLU A 43 -2.81 -2.52 5.45
C GLU A 43 -3.74 -2.65 4.24
N GLN A 44 -4.76 -1.79 4.18
CA GLN A 44 -5.72 -1.87 3.09
C GLN A 44 -5.12 -1.32 1.79
N HIS A 45 -4.29 -0.28 1.89
CA HIS A 45 -3.65 0.30 0.68
C HIS A 45 -2.61 -0.66 0.10
N TYR A 46 -2.09 -1.57 0.92
CA TYR A 46 -1.14 -2.58 0.46
C TYR A 46 -1.80 -3.48 -0.57
N GLN A 47 -3.10 -3.73 -0.35
CA GLN A 47 -3.86 -4.56 -1.29
C GLN A 47 -3.96 -3.89 -2.64
N GLN A 48 -4.21 -2.59 -2.68
CA GLN A 48 -4.32 -1.84 -3.93
C GLN A 48 -2.98 -1.89 -4.70
N TYR A 49 -1.89 -1.76 -3.95
CA TYR A 49 -0.56 -1.80 -4.57
C TYR A 49 -0.28 -3.20 -5.13
N MET A 50 -0.72 -4.21 -4.40
CA MET A 50 -0.58 -5.60 -4.89
C MET A 50 -1.42 -5.80 -6.16
N GLN A 51 -2.59 -5.17 -6.21
CA GLN A 51 -3.49 -5.26 -7.37
C GLN A 51 -2.81 -4.64 -8.58
N GLN A 52 -2.16 -3.49 -8.40
CA GLN A 52 -1.50 -2.82 -9.49
C GLN A 52 -0.31 -3.62 -10.00
N LEU A 53 0.44 -4.24 -9.09
CA LEU A 53 1.59 -5.05 -9.43
C LEU A 53 1.20 -6.26 -10.26
N TYR A 54 0.01 -6.78 -10.02
CA TYR A 54 -0.46 -7.99 -10.74
C TYR A 54 -0.75 -7.64 -12.19
N GLN A 55 -1.26 -6.43 -12.43
CA GLN A 55 -1.52 -5.99 -13.80
C GLN A 55 -0.18 -5.81 -14.54
N VAL A 56 0.82 -5.32 -13.82
CA VAL A 56 2.16 -5.11 -14.38
C VAL A 56 2.80 -6.47 -14.66
N GLN A 57 2.60 -7.43 -13.77
CA GLN A 57 3.12 -8.79 -13.99
C GLN A 57 2.57 -9.36 -15.28
N LEU A 58 1.26 -9.33 -15.47
CA LEU A 58 0.67 -9.87 -16.68
C LEU A 58 1.14 -9.10 -17.92
N ALA A 59 1.25 -7.79 -17.79
CA ALA A 59 1.71 -6.96 -18.90
C ALA A 59 3.07 -7.43 -19.38
N GLN A 60 3.96 -7.74 -18.44
CA GLN A 60 5.28 -8.22 -18.78
C GLN A 60 5.25 -9.66 -19.36
N GLN A 61 4.29 -10.48 -18.97
CA GLN A 61 4.11 -11.78 -19.61
C GLN A 61 3.65 -11.59 -21.05
N GLN A 62 2.76 -10.64 -21.32
CA GLN A 62 2.32 -10.38 -22.69
C GLN A 62 3.49 -9.84 -23.52
N ALA A 63 4.33 -9.05 -22.87
CA ALA A 63 5.51 -8.45 -23.48
C ALA A 63 6.53 -9.55 -23.86
N ALA A 64 6.58 -10.62 -23.08
CA ALA A 64 7.51 -11.72 -23.37
C ALA A 64 6.90 -12.64 -24.43
N LEU A 65 5.58 -12.67 -24.53
CA LEU A 65 4.92 -13.56 -25.46
C LEU A 65 4.90 -13.02 -26.87
N GLN A 66 4.59 -11.73 -26.99
CA GLN A 66 4.49 -11.03 -28.28
C GLN A 66 3.62 -11.78 -29.29
N LYS A 67 2.66 -12.55 -28.79
CA LYS A 67 1.79 -13.39 -29.65
C LYS A 67 0.32 -12.97 -29.46
N GLN A 68 0.13 -11.77 -28.94
CA GLN A 68 -1.20 -11.27 -28.62
C GLN A 68 -1.41 -9.89 -29.26
N GLN A 69 -1.39 -9.85 -30.61
CA GLN A 69 -1.55 -8.61 -31.40
C GLN A 69 -0.51 -7.52 -30.97
N MET A 1 9.90 -11.55 -3.74
CA MET A 1 9.80 -12.99 -3.31
C MET A 1 9.14 -13.22 -1.95
N GLN A 2 7.83 -12.85 -1.84
CA GLN A 2 7.06 -12.94 -0.59
C GLN A 2 7.70 -12.16 0.60
N GLN A 3 8.54 -11.17 0.32
CA GLN A 3 9.11 -10.35 1.34
C GLN A 3 8.14 -9.17 1.68
N LYS A 4 6.98 -9.51 2.20
CA LYS A 4 5.93 -8.52 2.55
C LYS A 4 6.43 -7.38 3.40
N GLN A 5 7.27 -7.67 4.38
CA GLN A 5 7.68 -6.63 5.33
C GLN A 5 8.55 -5.58 4.61
N GLN A 6 9.30 -5.99 3.60
CA GLN A 6 10.14 -5.02 2.84
C GLN A 6 9.29 -4.13 1.98
N ILE A 7 8.24 -4.69 1.40
CA ILE A 7 7.29 -3.93 0.57
C ILE A 7 6.55 -2.95 1.44
N MET A 8 6.17 -3.38 2.60
CA MET A 8 5.41 -2.54 3.54
C MET A 8 6.26 -1.38 4.06
N ALA A 9 7.54 -1.62 4.28
CA ALA A 9 8.41 -0.52 4.73
C ALA A 9 8.37 0.61 3.68
N ALA A 10 8.39 0.22 2.41
CA ALA A 10 8.37 1.17 1.28
C ALA A 10 7.04 1.89 1.18
N LEU A 11 5.95 1.13 1.20
CA LEU A 11 4.60 1.71 1.15
C LEU A 11 4.36 2.60 2.38
N ASN A 12 4.91 2.25 3.55
CA ASN A 12 4.72 3.06 4.78
C ASN A 12 5.46 4.38 4.62
N SER A 13 6.56 4.33 3.91
CA SER A 13 7.40 5.55 3.70
C SER A 13 6.64 6.48 2.82
N GLN A 14 6.05 5.94 1.78
CA GLN A 14 5.30 6.70 0.76
C GLN A 14 3.98 7.29 1.27
N THR A 15 3.46 6.77 2.39
CA THR A 15 2.14 7.20 2.90
C THR A 15 2.11 7.78 4.30
N ALA A 16 3.26 7.82 4.96
CA ALA A 16 3.31 8.27 6.38
C ALA A 16 2.66 9.63 6.64
N VAL A 17 3.21 10.69 6.05
CA VAL A 17 2.67 12.02 6.30
C VAL A 17 1.33 12.19 5.57
N GLN A 18 1.09 11.46 4.50
CA GLN A 18 -0.15 11.64 3.74
C GLN A 18 -1.35 11.17 4.59
N PHE A 19 -1.16 10.10 5.30
CA PHE A 19 -2.21 9.52 6.16
C PHE A 19 -2.23 10.20 7.51
N GLN A 20 -1.17 10.83 7.87
CA GLN A 20 -1.12 11.51 9.16
C GLN A 20 -2.10 12.67 9.14
N GLN A 21 -2.17 13.40 8.02
CA GLN A 21 -3.05 14.57 7.97
C GLN A 21 -4.49 14.08 8.11
N TYR A 22 -4.79 12.93 7.52
CA TYR A 22 -6.13 12.34 7.65
C TYR A 22 -6.40 11.85 9.07
N ALA A 23 -5.43 11.19 9.68
CA ALA A 23 -5.61 10.68 11.03
C ALA A 23 -5.80 11.84 11.99
N ALA A 24 -5.11 12.94 11.79
CA ALA A 24 -5.35 14.10 12.66
C ALA A 24 -6.73 14.70 12.48
N GLN A 25 -7.36 14.49 11.32
CA GLN A 25 -8.68 15.06 11.08
C GLN A 25 -9.74 14.15 11.73
N GLN A 26 -9.41 12.86 11.86
CA GLN A 26 -10.31 11.83 12.50
C GLN A 26 -10.18 11.75 14.03
N TYR A 27 -8.95 11.66 14.53
CA TYR A 27 -8.71 11.58 15.98
C TYR A 27 -7.84 12.79 16.38
N PRO A 28 -8.42 14.00 16.32
CA PRO A 28 -7.54 15.17 16.50
C PRO A 28 -7.03 15.26 17.94
N GLY A 29 -5.77 15.61 18.11
CA GLY A 29 -5.15 15.61 19.41
C GLY A 29 -4.65 14.29 19.93
N ASN A 30 -5.20 13.15 19.49
CA ASN A 30 -4.85 11.85 20.07
C ASN A 30 -3.78 11.11 19.28
N TYR A 31 -2.54 11.45 19.55
CA TYR A 31 -1.39 10.92 18.80
C TYR A 31 -1.42 9.37 18.79
N GLU A 32 -1.59 8.70 19.92
CA GLU A 32 -1.60 7.23 19.95
C GLU A 32 -2.69 6.65 19.01
N GLN A 33 -3.90 7.21 19.04
CA GLN A 33 -4.96 6.76 18.13
C GLN A 33 -4.72 7.08 16.65
N GLN A 34 -4.14 8.24 16.40
CA GLN A 34 -3.78 8.61 15.04
C GLN A 34 -2.86 7.56 14.45
N GLN A 35 -1.96 7.04 15.27
CA GLN A 35 -0.97 6.11 14.77
C GLN A 35 -1.66 4.79 14.41
N ILE A 36 -2.60 4.32 15.25
CA ILE A 36 -3.29 3.04 15.04
C ILE A 36 -4.06 3.08 13.66
N LEU A 37 -4.72 4.20 13.39
CA LEU A 37 -5.46 4.40 12.19
C LEU A 37 -4.59 4.36 10.94
N ILE A 38 -3.50 5.10 10.99
CA ILE A 38 -2.53 5.16 9.92
C ILE A 38 -2.05 3.73 9.62
N ARG A 39 -1.80 2.93 10.64
CA ARG A 39 -1.31 1.55 10.41
C ARG A 39 -2.38 0.74 9.68
N GLN A 40 -3.61 0.94 10.01
CA GLN A 40 -4.72 0.26 9.31
C GLN A 40 -4.78 0.66 7.85
N LEU A 41 -4.71 1.97 7.56
CA LEU A 41 -4.74 2.46 6.19
C LEU A 41 -3.57 1.97 5.30
N GLN A 42 -2.46 1.69 5.95
CA GLN A 42 -1.30 1.18 5.25
C GLN A 42 -1.50 -0.31 4.83
N GLU A 43 -2.17 -1.08 5.69
CA GLU A 43 -2.56 -2.48 5.35
C GLU A 43 -3.55 -2.51 4.15
N GLN A 44 -4.46 -1.54 4.11
CA GLN A 44 -5.40 -1.33 3.00
C GLN A 44 -4.64 -0.96 1.72
N HIS A 45 -3.69 -0.04 1.86
CA HIS A 45 -2.86 0.34 0.75
C HIS A 45 -2.05 -0.84 0.17
N TYR A 46 -1.71 -1.84 0.97
CA TYR A 46 -0.94 -3.02 0.45
C TYR A 46 -1.77 -3.76 -0.57
N GLN A 47 -3.07 -3.77 -0.34
CA GLN A 47 -4.04 -4.35 -1.25
C GLN A 47 -4.06 -3.58 -2.56
N GLN A 48 -3.98 -2.25 -2.55
CA GLN A 48 -4.01 -1.56 -3.82
C GLN A 48 -2.72 -1.82 -4.58
N TYR A 49 -1.62 -1.92 -3.84
CA TYR A 49 -0.33 -2.27 -4.42
C TYR A 49 -0.33 -3.63 -5.12
N MET A 50 -0.98 -4.63 -4.53
CA MET A 50 -1.10 -5.93 -5.19
C MET A 50 -1.96 -5.84 -6.44
N GLN A 51 -2.99 -5.01 -6.37
CA GLN A 51 -3.86 -4.81 -7.50
C GLN A 51 -3.11 -4.13 -8.62
N GLN A 52 -2.25 -3.21 -8.28
CA GLN A 52 -1.38 -2.57 -9.29
C GLN A 52 -0.33 -3.57 -9.81
N LEU A 53 0.34 -4.32 -8.95
CA LEU A 53 1.35 -5.24 -9.43
C LEU A 53 0.76 -6.23 -10.42
N TYR A 54 -0.47 -6.65 -10.22
CA TYR A 54 -1.10 -7.62 -11.10
C TYR A 54 -1.10 -7.09 -12.56
N GLN A 55 -1.41 -5.83 -12.71
CA GLN A 55 -1.41 -5.17 -14.02
C GLN A 55 0.02 -4.98 -14.54
N VAL A 56 0.98 -4.76 -13.66
CA VAL A 56 2.40 -4.62 -14.08
C VAL A 56 2.93 -5.99 -14.56
N GLN A 57 2.47 -7.07 -13.97
CA GLN A 57 2.89 -8.41 -14.34
C GLN A 57 2.34 -8.69 -15.76
N LEU A 58 1.09 -8.36 -15.98
CA LEU A 58 0.50 -8.55 -17.27
C LEU A 58 1.15 -7.59 -18.31
N ALA A 59 1.55 -6.42 -17.90
CA ALA A 59 2.29 -5.50 -18.75
C ALA A 59 3.61 -6.13 -19.21
N GLN A 60 4.26 -6.85 -18.30
CA GLN A 60 5.53 -7.52 -18.63
C GLN A 60 5.27 -8.68 -19.57
N GLN A 61 4.10 -9.30 -19.43
CA GLN A 61 3.78 -10.45 -20.26
C GLN A 61 3.54 -10.03 -21.71
N GLN A 62 2.77 -9.01 -21.90
CA GLN A 62 2.54 -8.52 -23.25
C GLN A 62 3.84 -7.89 -23.86
N ALA A 63 4.75 -7.37 -23.02
CA ALA A 63 6.03 -6.74 -23.49
C ALA A 63 7.04 -7.82 -23.95
N ALA A 64 6.82 -9.03 -23.45
CA ALA A 64 7.62 -10.20 -23.87
C ALA A 64 7.01 -10.81 -25.15
N LEU A 65 5.70 -10.67 -25.31
CA LEU A 65 5.03 -11.22 -26.51
C LEU A 65 5.08 -10.29 -27.71
N GLN A 66 4.69 -9.01 -27.55
CA GLN A 66 4.60 -8.05 -28.65
C GLN A 66 3.87 -8.60 -29.89
N LYS A 67 2.71 -9.24 -29.58
CA LYS A 67 1.84 -9.77 -30.63
C LYS A 67 0.54 -8.96 -30.79
N GLN A 68 0.43 -7.89 -30.02
CA GLN A 68 -0.72 -6.95 -30.16
C GLN A 68 -0.20 -5.53 -30.39
N GLN A 69 -0.16 -5.09 -31.65
CA GLN A 69 0.29 -3.71 -31.93
C GLN A 69 -0.41 -3.13 -33.16
N MET A 1 10.85 -17.31 2.85
CA MET A 1 10.06 -16.51 1.87
C MET A 1 9.19 -15.39 2.50
N GLN A 2 9.88 -14.45 3.10
CA GLN A 2 9.23 -13.36 3.85
C GLN A 2 9.75 -11.99 3.35
N GLN A 3 9.89 -11.86 2.05
CA GLN A 3 10.38 -10.64 1.44
C GLN A 3 9.16 -9.71 1.17
N LYS A 4 8.81 -8.87 2.14
CA LYS A 4 7.59 -8.07 2.07
C LYS A 4 7.58 -6.73 2.76
N GLN A 5 8.25 -6.59 3.89
CA GLN A 5 8.26 -5.30 4.59
C GLN A 5 8.87 -4.17 3.79
N GLN A 6 9.79 -4.48 2.84
CA GLN A 6 10.39 -3.45 2.00
C GLN A 6 9.33 -2.84 1.12
N ILE A 7 8.44 -3.67 0.60
CA ILE A 7 7.38 -3.22 -0.30
C ILE A 7 6.47 -2.29 0.52
N MET A 8 6.06 -2.70 1.72
CA MET A 8 5.20 -1.87 2.51
C MET A 8 5.87 -0.51 2.80
N ALA A 9 7.11 -0.55 3.20
CA ALA A 9 7.82 0.68 3.53
C ALA A 9 7.93 1.68 2.35
N ALA A 10 8.14 1.15 1.15
CA ALA A 10 8.20 1.98 -0.08
C ALA A 10 6.87 2.59 -0.36
N LEU A 11 5.83 1.81 -0.24
CA LEU A 11 4.50 2.27 -0.53
C LEU A 11 4.06 3.29 0.50
N ASN A 12 4.39 3.02 1.77
CA ASN A 12 3.96 3.88 2.86
C ASN A 12 4.67 5.21 2.80
N SER A 13 5.86 5.24 2.24
CA SER A 13 6.64 6.49 2.18
C SER A 13 5.99 7.53 1.25
N GLN A 14 5.16 7.07 0.31
CA GLN A 14 4.42 7.99 -0.54
C GLN A 14 3.24 8.67 0.19
N THR A 15 2.78 8.06 1.28
CA THR A 15 1.58 8.50 1.93
C THR A 15 1.79 8.80 3.44
N ALA A 16 3.06 8.86 3.86
CA ALA A 16 3.43 9.06 5.27
C ALA A 16 2.75 10.28 5.87
N VAL A 17 3.09 11.45 5.35
CA VAL A 17 2.51 12.66 5.90
C VAL A 17 1.05 12.82 5.47
N GLN A 18 0.71 12.22 4.32
CA GLN A 18 -0.65 12.30 3.81
C GLN A 18 -1.65 11.65 4.76
N PHE A 19 -1.27 10.51 5.29
CA PHE A 19 -2.09 9.78 6.27
C PHE A 19 -1.97 10.41 7.63
N GLN A 20 -0.85 11.10 7.93
CA GLN A 20 -0.68 11.74 9.23
C GLN A 20 -1.67 12.90 9.36
N GLN A 21 -1.76 13.67 8.29
CA GLN A 21 -2.69 14.78 8.25
C GLN A 21 -4.12 14.26 8.32
N TYR A 22 -4.39 13.17 7.60
CA TYR A 22 -5.74 12.58 7.66
C TYR A 22 -6.08 12.08 9.05
N ALA A 23 -5.13 11.43 9.69
CA ALA A 23 -5.34 10.85 10.99
C ALA A 23 -5.74 11.92 12.00
N ALA A 24 -5.08 13.05 11.90
CA ALA A 24 -5.33 14.15 12.84
C ALA A 24 -6.71 14.76 12.63
N GLN A 25 -7.25 14.62 11.40
CA GLN A 25 -8.54 15.15 11.03
C GLN A 25 -9.67 14.26 11.62
N GLN A 26 -9.35 13.00 11.87
CA GLN A 26 -10.27 12.02 12.43
C GLN A 26 -10.15 11.85 13.98
N TYR A 27 -8.94 11.80 14.50
CA TYR A 27 -8.75 11.63 15.94
C TYR A 27 -7.84 12.73 16.51
N PRO A 28 -8.33 13.98 16.53
CA PRO A 28 -7.42 15.04 16.98
C PRO A 28 -7.15 15.00 18.49
N GLY A 29 -5.91 15.32 18.86
CA GLY A 29 -5.53 15.23 20.27
C GLY A 29 -5.26 13.80 20.76
N ASN A 30 -5.46 12.81 19.89
CA ASN A 30 -5.15 11.42 20.27
C ASN A 30 -4.06 10.84 19.38
N TYR A 31 -2.80 11.10 19.74
CA TYR A 31 -1.64 10.55 18.99
C TYR A 31 -1.68 9.04 18.85
N GLU A 32 -2.00 8.35 19.92
CA GLU A 32 -2.04 6.87 19.88
C GLU A 32 -3.08 6.30 18.91
N GLN A 33 -4.28 6.89 18.92
CA GLN A 33 -5.33 6.50 17.98
C GLN A 33 -4.96 6.86 16.55
N GLN A 34 -4.27 7.96 16.38
CA GLN A 34 -3.82 8.40 15.06
C GLN A 34 -2.85 7.38 14.45
N GLN A 35 -2.01 6.77 15.30
CA GLN A 35 -1.04 5.76 14.82
C GLN A 35 -1.83 4.50 14.40
N ILE A 36 -2.81 4.12 15.21
CA ILE A 36 -3.59 2.92 14.94
C ILE A 36 -4.29 3.04 13.60
N LEU A 37 -4.79 4.26 13.33
CA LEU A 37 -5.51 4.52 12.12
C LEU A 37 -4.62 4.39 10.89
N ILE A 38 -3.50 5.08 10.91
CA ILE A 38 -2.50 5.02 9.85
C ILE A 38 -2.07 3.56 9.59
N ARG A 39 -1.88 2.78 10.64
CA ARG A 39 -1.53 1.37 10.49
C ARG A 39 -2.54 0.66 9.62
N GLN A 40 -3.81 0.91 9.88
CA GLN A 40 -4.90 0.32 9.08
C GLN A 40 -4.93 0.81 7.64
N LEU A 41 -4.70 2.09 7.42
CA LEU A 41 -4.73 2.60 6.03
C LEU A 41 -3.55 1.96 5.23
N GLN A 42 -2.41 1.85 5.87
CA GLN A 42 -1.27 1.18 5.25
C GLN A 42 -1.57 -0.27 4.91
N GLU A 43 -2.37 -0.96 5.70
CA GLU A 43 -2.74 -2.33 5.40
C GLU A 43 -3.61 -2.45 4.17
N GLN A 44 -4.58 -1.53 4.04
CA GLN A 44 -5.47 -1.49 2.87
C GLN A 44 -4.64 -1.23 1.60
N HIS A 45 -3.76 -0.20 1.66
CA HIS A 45 -2.94 0.15 0.49
C HIS A 45 -1.99 -0.99 0.13
N TYR A 46 -1.40 -1.68 1.11
CA TYR A 46 -0.55 -2.83 0.81
C TYR A 46 -1.28 -3.97 0.16
N GLN A 47 -2.50 -4.27 0.64
CA GLN A 47 -3.30 -5.33 0.03
C GLN A 47 -3.69 -4.99 -1.41
N GLN A 48 -3.94 -3.74 -1.70
CA GLN A 48 -4.28 -3.35 -3.07
C GLN A 48 -3.12 -3.69 -4.03
N TYR A 49 -1.89 -3.42 -3.58
CA TYR A 49 -0.70 -3.65 -4.39
C TYR A 49 -0.42 -5.14 -4.52
N MET A 50 -0.65 -5.86 -3.43
CA MET A 50 -0.55 -7.32 -3.45
C MET A 50 -1.53 -7.92 -4.45
N GLN A 51 -2.71 -7.32 -4.66
CA GLN A 51 -3.67 -7.96 -5.56
C GLN A 51 -3.14 -7.94 -7.02
N GLN A 52 -2.53 -6.85 -7.42
CA GLN A 52 -1.87 -6.72 -8.71
C GLN A 52 -0.77 -7.80 -8.83
N LEU A 53 0.14 -7.85 -7.86
CA LEU A 53 1.31 -8.72 -7.94
C LEU A 53 0.89 -10.17 -7.96
N TYR A 54 -0.26 -10.48 -7.37
CA TYR A 54 -0.80 -11.83 -7.40
C TYR A 54 -1.05 -12.24 -8.87
N GLN A 55 -1.63 -11.32 -9.65
CA GLN A 55 -1.97 -11.57 -11.05
C GLN A 55 -0.70 -11.63 -11.87
N VAL A 56 0.23 -10.73 -11.56
CA VAL A 56 1.57 -10.78 -12.18
C VAL A 56 2.27 -12.10 -11.87
N GLN A 57 2.14 -12.65 -10.65
CA GLN A 57 2.80 -13.92 -10.32
C GLN A 57 2.25 -15.02 -11.17
N LEU A 58 0.94 -15.04 -11.37
CA LEU A 58 0.33 -16.05 -12.21
C LEU A 58 0.81 -15.87 -13.64
N ALA A 59 0.79 -14.65 -14.15
CA ALA A 59 1.32 -14.37 -15.48
C ALA A 59 2.70 -14.96 -15.69
N GLN A 60 3.59 -14.67 -14.77
CA GLN A 60 4.97 -15.17 -14.88
C GLN A 60 5.08 -16.70 -14.74
N GLN A 61 4.25 -17.35 -13.96
CA GLN A 61 4.29 -18.80 -13.88
C GLN A 61 3.73 -19.46 -15.16
N GLN A 62 2.70 -18.90 -15.79
CA GLN A 62 2.20 -19.44 -17.07
C GLN A 62 3.20 -19.24 -18.16
N ALA A 63 3.94 -18.13 -18.12
CA ALA A 63 5.05 -17.93 -19.06
C ALA A 63 6.10 -19.02 -18.92
N ALA A 64 6.36 -19.52 -17.70
CA ALA A 64 7.39 -20.58 -17.51
C ALA A 64 6.84 -21.96 -17.86
N LEU A 65 5.54 -22.17 -17.54
CA LEU A 65 4.91 -23.48 -17.75
C LEU A 65 4.68 -23.80 -19.21
N GLN A 66 4.61 -22.74 -20.00
CA GLN A 66 4.41 -22.90 -21.44
C GLN A 66 5.68 -22.62 -22.27
N LYS A 67 6.82 -22.92 -21.66
CA LYS A 67 8.18 -22.67 -22.20
C LYS A 67 9.00 -23.93 -22.51
N GLN A 68 8.27 -25.02 -22.77
CA GLN A 68 8.84 -26.31 -23.11
C GLN A 68 9.92 -26.75 -22.10
N GLN A 69 9.47 -26.98 -20.86
CA GLN A 69 10.28 -27.48 -19.72
C GLN A 69 10.99 -28.82 -19.95
N MET A 1 9.66 -11.30 -5.09
CA MET A 1 8.75 -12.45 -4.90
C MET A 1 8.54 -12.86 -3.44
N GLN A 2 9.68 -12.71 -2.71
CA GLN A 2 9.69 -13.05 -1.28
C GLN A 2 9.65 -11.81 -0.38
N GLN A 3 10.31 -10.75 -0.80
CA GLN A 3 10.39 -9.58 0.03
C GLN A 3 9.08 -8.81 -0.04
N LYS A 4 8.40 -8.70 1.11
CA LYS A 4 7.10 -8.01 1.20
C LYS A 4 7.12 -6.76 2.09
N GLN A 5 7.87 -6.87 3.15
CA GLN A 5 8.07 -5.75 4.07
C GLN A 5 8.83 -4.59 3.42
N GLN A 6 9.69 -4.91 2.47
CA GLN A 6 10.34 -3.88 1.67
C GLN A 6 9.31 -3.00 0.93
N ILE A 7 8.25 -3.64 0.42
CA ILE A 7 7.27 -2.94 -0.42
C ILE A 7 6.53 -2.04 0.54
N MET A 8 6.23 -2.55 1.72
CA MET A 8 5.46 -1.78 2.71
C MET A 8 6.25 -0.58 3.15
N ALA A 9 7.56 -0.78 3.26
CA ALA A 9 8.47 0.30 3.62
C ALA A 9 8.50 1.37 2.50
N ALA A 10 8.35 0.93 1.28
CA ALA A 10 8.30 1.85 0.16
C ALA A 10 7.02 2.69 0.19
N LEU A 11 5.87 2.04 0.41
CA LEU A 11 4.56 2.72 0.52
C LEU A 11 4.58 3.64 1.71
N ASN A 12 5.19 3.25 2.80
CA ASN A 12 5.26 4.08 3.99
C ASN A 12 5.96 5.40 3.70
N SER A 13 7.02 5.40 2.88
CA SER A 13 7.68 6.64 2.50
C SER A 13 6.77 7.60 1.71
N GLN A 14 5.95 7.03 0.84
CA GLN A 14 4.99 7.80 0.01
C GLN A 14 3.80 8.44 0.79
N THR A 15 3.37 7.80 1.85
CA THR A 15 2.15 8.21 2.52
C THR A 15 2.39 8.74 3.95
N ALA A 16 3.63 8.84 4.40
CA ALA A 16 3.91 9.20 5.78
C ALA A 16 3.11 10.42 6.28
N VAL A 17 3.36 11.58 5.69
CA VAL A 17 2.67 12.78 6.11
C VAL A 17 1.22 12.83 5.57
N GLN A 18 0.98 12.20 4.43
CA GLN A 18 -0.34 12.20 3.80
C GLN A 18 -1.32 11.50 4.76
N PHE A 19 -0.95 10.38 5.32
CA PHE A 19 -1.78 9.70 6.32
C PHE A 19 -1.75 10.38 7.68
N GLN A 20 -0.68 11.10 7.99
CA GLN A 20 -0.61 11.84 9.27
C GLN A 20 -1.70 12.96 9.32
N GLN A 21 -1.86 13.71 8.22
CA GLN A 21 -2.88 14.74 8.08
C GLN A 21 -4.31 14.20 8.12
N TYR A 22 -4.52 13.05 7.47
CA TYR A 22 -5.78 12.37 7.53
C TYR A 22 -6.10 11.84 8.91
N ALA A 23 -5.09 11.29 9.60
CA ALA A 23 -5.35 10.72 10.92
C ALA A 23 -5.68 11.85 11.95
N ALA A 24 -5.04 13.00 11.81
CA ALA A 24 -5.41 14.17 12.64
C ALA A 24 -6.76 14.73 12.32
N GLN A 25 -7.25 14.56 11.07
CA GLN A 25 -8.60 15.00 10.74
C GLN A 25 -9.70 14.10 11.34
N GLN A 26 -9.32 12.88 11.70
CA GLN A 26 -10.27 11.85 12.24
C GLN A 26 -10.23 11.72 13.78
N TYR A 27 -9.04 11.76 14.30
CA TYR A 27 -8.78 11.64 15.77
C TYR A 27 -7.94 12.82 16.32
N PRO A 28 -8.50 14.04 16.33
CA PRO A 28 -7.67 15.19 16.74
C PRO A 28 -7.30 15.18 18.25
N GLY A 29 -6.08 15.51 18.60
CA GLY A 29 -5.64 15.52 19.97
C GLY A 29 -5.35 14.12 20.53
N ASN A 30 -5.46 13.10 19.69
CA ASN A 30 -5.20 11.70 20.10
C ASN A 30 -4.09 11.08 19.27
N TYR A 31 -2.85 11.28 19.70
CA TYR A 31 -1.65 10.70 19.01
C TYR A 31 -1.69 9.18 18.93
N GLU A 32 -1.99 8.49 20.02
CA GLU A 32 -2.05 7.03 19.99
C GLU A 32 -3.12 6.52 19.04
N GLN A 33 -4.31 7.19 18.97
CA GLN A 33 -5.36 6.72 18.05
C GLN A 33 -5.05 6.96 16.62
N GLN A 34 -4.37 8.09 16.37
CA GLN A 34 -3.91 8.41 15.03
C GLN A 34 -2.99 7.34 14.49
N GLN A 35 -2.11 6.85 15.36
CA GLN A 35 -1.12 5.84 14.95
C GLN A 35 -1.84 4.53 14.56
N ILE A 36 -2.83 4.16 15.37
CA ILE A 36 -3.57 2.94 15.14
C ILE A 36 -4.22 3.06 13.77
N LEU A 37 -4.83 4.19 13.49
CA LEU A 37 -5.45 4.40 12.21
C LEU A 37 -4.43 4.30 11.05
N ILE A 38 -3.27 4.95 11.15
CA ILE A 38 -2.25 4.89 10.07
C ILE A 38 -1.84 3.46 9.81
N ARG A 39 -1.71 2.68 10.87
CA ARG A 39 -1.34 1.26 10.74
C ARG A 39 -2.38 0.50 9.89
N GLN A 40 -3.68 0.85 10.01
CA GLN A 40 -4.68 0.20 9.19
C GLN A 40 -4.63 0.67 7.77
N LEU A 41 -4.50 1.99 7.58
CA LEU A 41 -4.58 2.53 6.26
C LEU A 41 -3.46 1.96 5.36
N GLN A 42 -2.26 1.76 5.89
CA GLN A 42 -1.15 1.23 5.10
C GLN A 42 -1.48 -0.19 4.65
N GLU A 43 -2.08 -1.00 5.52
CA GLU A 43 -2.39 -2.41 5.18
C GLU A 43 -3.61 -2.49 4.26
N GLN A 44 -4.53 -1.55 4.38
CA GLN A 44 -5.75 -1.53 3.52
C GLN A 44 -5.32 -1.22 2.10
N HIS A 45 -4.43 -0.25 1.95
CA HIS A 45 -3.84 0.04 0.64
C HIS A 45 -3.03 -1.13 0.14
N TYR A 46 -2.27 -1.76 1.04
CA TYR A 46 -1.39 -2.86 0.64
C TYR A 46 -2.13 -4.04 0.03
N GLN A 47 -3.33 -4.32 0.47
CA GLN A 47 -4.07 -5.49 -0.11
C GLN A 47 -4.44 -5.19 -1.58
N GLN A 48 -4.92 -3.98 -1.83
CA GLN A 48 -5.27 -3.55 -3.18
C GLN A 48 -4.01 -3.48 -4.05
N TYR A 49 -2.89 -3.04 -3.46
CA TYR A 49 -1.59 -2.99 -4.14
C TYR A 49 -1.17 -4.41 -4.55
N MET A 50 -1.25 -5.37 -3.65
CA MET A 50 -0.91 -6.77 -3.96
C MET A 50 -1.82 -7.33 -5.05
N GLN A 51 -3.09 -7.01 -5.00
CA GLN A 51 -4.05 -7.50 -5.97
C GLN A 51 -3.79 -6.82 -7.34
N GLN A 52 -3.43 -5.56 -7.34
CA GLN A 52 -3.16 -4.89 -8.60
C GLN A 52 -1.93 -5.53 -9.23
N LEU A 53 -0.89 -5.77 -8.43
CA LEU A 53 0.31 -6.43 -8.94
C LEU A 53 0.05 -7.84 -9.53
N TYR A 54 -0.99 -8.51 -9.03
CA TYR A 54 -1.38 -9.84 -9.51
C TYR A 54 -1.91 -9.72 -10.94
N GLN A 55 -2.67 -8.67 -11.24
CA GLN A 55 -3.21 -8.41 -12.58
C GLN A 55 -2.13 -8.00 -13.53
N VAL A 56 -1.16 -7.28 -12.99
CA VAL A 56 0.02 -6.83 -13.78
C VAL A 56 0.88 -8.03 -14.18
N GLN A 57 1.05 -8.96 -13.26
CA GLN A 57 1.76 -10.20 -13.56
C GLN A 57 1.09 -10.93 -14.65
N LEU A 58 -0.25 -10.99 -14.62
CA LEU A 58 -0.96 -11.68 -15.69
C LEU A 58 -0.83 -10.93 -17.02
N ALA A 59 -0.82 -9.61 -16.98
CA ALA A 59 -0.62 -8.78 -18.20
C ALA A 59 0.75 -9.09 -18.78
N GLN A 60 1.73 -9.33 -17.93
CA GLN A 60 3.08 -9.63 -18.44
C GLN A 60 3.14 -11.03 -19.00
N GLN A 61 2.45 -11.95 -18.35
CA GLN A 61 2.39 -13.34 -18.84
C GLN A 61 1.69 -13.40 -20.18
N GLN A 62 0.55 -12.73 -20.30
CA GLN A 62 -0.17 -12.79 -21.57
C GLN A 62 0.60 -12.14 -22.73
N ALA A 63 1.38 -11.09 -22.45
CA ALA A 63 2.20 -10.45 -23.48
C ALA A 63 3.32 -11.39 -23.98
N ALA A 64 3.77 -12.32 -23.14
CA ALA A 64 4.74 -13.32 -23.57
C ALA A 64 4.02 -14.47 -24.34
N LEU A 65 2.80 -14.81 -23.92
CA LEU A 65 2.07 -15.98 -24.49
C LEU A 65 1.41 -15.67 -25.82
N GLN A 66 0.86 -14.49 -25.98
CA GLN A 66 0.14 -14.09 -27.20
C GLN A 66 -0.79 -15.18 -27.70
N LYS A 67 -1.58 -15.68 -26.77
CA LYS A 67 -2.54 -16.74 -27.09
C LYS A 67 -3.97 -16.41 -26.63
N GLN A 68 -4.42 -15.13 -26.76
CA GLN A 68 -5.77 -14.80 -26.39
C GLN A 68 -6.67 -15.11 -27.61
N GLN A 69 -6.89 -16.42 -27.81
CA GLN A 69 -7.59 -16.96 -28.99
C GLN A 69 -8.80 -17.76 -28.55
N MET A 1 14.97 -9.97 -1.23
CA MET A 1 14.15 -10.08 0.02
C MET A 1 12.66 -10.32 -0.16
N GLN A 2 12.29 -11.63 0.00
CA GLN A 2 10.92 -12.07 -0.19
C GLN A 2 9.98 -11.57 0.93
N GLN A 3 10.56 -11.06 2.00
CA GLN A 3 9.77 -10.58 3.12
C GLN A 3 8.84 -9.43 2.73
N LYS A 4 7.57 -9.57 3.05
CA LYS A 4 6.58 -8.55 2.83
C LYS A 4 6.77 -7.31 3.69
N GLN A 5 7.27 -7.49 4.90
CA GLN A 5 7.36 -6.43 5.87
C GLN A 5 8.33 -5.34 5.43
N GLN A 6 9.33 -5.72 4.65
CA GLN A 6 10.28 -4.78 4.06
C GLN A 6 9.60 -3.78 3.13
N ILE A 7 8.59 -4.22 2.40
CA ILE A 7 7.82 -3.37 1.54
C ILE A 7 6.96 -2.42 2.38
N MET A 8 6.33 -2.99 3.39
CA MET A 8 5.43 -2.24 4.25
C MET A 8 6.18 -1.18 5.05
N ALA A 9 7.42 -1.46 5.40
CA ALA A 9 8.28 -0.50 6.09
C ALA A 9 8.55 0.68 5.16
N ALA A 10 8.74 0.42 3.86
CA ALA A 10 9.04 1.48 2.90
C ALA A 10 7.79 2.35 2.74
N LEU A 11 6.62 1.74 2.60
CA LEU A 11 5.35 2.50 2.47
C LEU A 11 5.09 3.32 3.73
N ASN A 12 5.42 2.79 4.89
CA ASN A 12 5.34 3.55 6.15
C ASN A 12 6.14 4.84 6.06
N SER A 13 7.30 4.78 5.42
CA SER A 13 8.15 5.97 5.37
C SER A 13 7.55 6.97 4.36
N GLN A 14 7.15 6.46 3.23
CA GLN A 14 6.68 7.32 2.11
C GLN A 14 5.37 8.03 2.43
N THR A 15 4.47 7.34 3.12
CA THR A 15 3.12 7.86 3.41
C THR A 15 2.87 8.32 4.82
N ALA A 16 3.94 8.42 5.61
CA ALA A 16 3.78 8.88 7.01
C ALA A 16 2.96 10.19 7.15
N VAL A 17 3.52 11.31 6.72
CA VAL A 17 2.87 12.58 6.92
C VAL A 17 1.64 12.71 6.02
N GLN A 18 1.72 11.99 4.90
CA GLN A 18 0.69 12.03 3.87
C GLN A 18 -0.63 11.51 4.51
N PHE A 19 -0.61 10.40 5.19
CA PHE A 19 -1.86 9.86 5.81
C PHE A 19 -2.18 10.52 7.16
N GLN A 20 -1.17 11.09 7.79
CA GLN A 20 -1.39 11.72 9.12
C GLN A 20 -2.40 12.92 9.09
N GLN A 21 -2.52 13.61 7.93
CA GLN A 21 -3.48 14.72 7.77
C GLN A 21 -4.93 14.25 8.00
N TYR A 22 -5.27 13.08 7.49
CA TYR A 22 -6.58 12.41 7.74
C TYR A 22 -6.69 11.81 9.13
N ALA A 23 -5.60 11.29 9.67
CA ALA A 23 -5.63 10.68 11.00
C ALA A 23 -5.97 11.73 12.06
N ALA A 24 -5.38 12.91 11.88
CA ALA A 24 -5.58 14.05 12.81
C ALA A 24 -6.97 14.68 12.63
N GLN A 25 -7.54 14.52 11.47
CA GLN A 25 -8.88 14.98 11.23
C GLN A 25 -9.90 14.08 12.00
N GLN A 26 -9.53 12.85 12.26
CA GLN A 26 -10.38 11.90 12.95
C GLN A 26 -10.09 11.82 14.44
N TYR A 27 -8.83 11.74 14.80
CA TYR A 27 -8.42 11.66 16.20
C TYR A 27 -7.47 12.84 16.59
N PRO A 28 -7.99 14.10 16.70
CA PRO A 28 -7.10 15.22 17.01
C PRO A 28 -6.50 15.17 18.44
N GLY A 29 -5.20 15.48 18.53
CA GLY A 29 -4.44 15.41 19.79
C GLY A 29 -4.03 13.97 20.25
N ASN A 30 -4.59 12.94 19.67
CA ASN A 30 -4.30 11.58 20.09
C ASN A 30 -3.30 10.96 19.15
N TYR A 31 -2.04 11.18 19.38
CA TYR A 31 -0.98 10.52 18.58
C TYR A 31 -1.11 9.00 18.50
N GLU A 32 -1.31 8.30 19.61
CA GLU A 32 -1.39 6.85 19.52
C GLU A 32 -2.55 6.38 18.64
N GLN A 33 -3.70 7.01 18.76
CA GLN A 33 -4.87 6.60 17.97
C GLN A 33 -4.66 6.92 16.48
N GLN A 34 -3.99 8.05 16.22
CA GLN A 34 -3.62 8.44 14.86
C GLN A 34 -2.73 7.39 14.26
N GLN A 35 -1.85 6.79 15.05
CA GLN A 35 -0.91 5.79 14.48
C GLN A 35 -1.70 4.56 14.10
N ILE A 36 -2.67 4.16 14.92
CA ILE A 36 -3.49 2.94 14.69
C ILE A 36 -4.25 3.09 13.38
N LEU A 37 -4.78 4.28 13.17
CA LEU A 37 -5.57 4.56 12.00
C LEU A 37 -4.69 4.52 10.72
N ILE A 38 -3.56 5.21 10.79
CA ILE A 38 -2.55 5.22 9.71
C ILE A 38 -2.13 3.79 9.36
N ARG A 39 -1.83 2.98 10.38
CA ARG A 39 -1.50 1.55 10.12
C ARG A 39 -2.67 0.85 9.42
N GLN A 40 -3.93 1.12 9.79
CA GLN A 40 -5.03 0.51 9.05
C GLN A 40 -5.05 0.93 7.57
N LEU A 41 -4.91 2.19 7.31
CA LEU A 41 -4.89 2.70 5.92
C LEU A 41 -3.79 2.09 5.07
N GLN A 42 -2.61 1.98 5.67
CA GLN A 42 -1.51 1.33 4.98
C GLN A 42 -1.77 -0.14 4.74
N GLU A 43 -2.44 -0.84 5.67
CA GLU A 43 -2.65 -2.28 5.47
C GLU A 43 -3.71 -2.50 4.37
N GLN A 44 -4.68 -1.59 4.29
CA GLN A 44 -5.65 -1.65 3.22
C GLN A 44 -4.96 -1.37 1.87
N HIS A 45 -4.02 -0.44 1.87
CA HIS A 45 -3.30 -0.09 0.65
C HIS A 45 -2.42 -1.23 0.17
N TYR A 46 -1.75 -1.91 1.13
CA TYR A 46 -0.89 -3.04 0.80
C TYR A 46 -1.69 -4.11 0.04
N GLN A 47 -2.96 -4.23 0.31
CA GLN A 47 -3.79 -5.20 -0.44
C GLN A 47 -3.85 -4.81 -1.93
N GLN A 48 -4.05 -3.54 -2.25
CA GLN A 48 -4.10 -3.08 -3.63
C GLN A 48 -2.69 -3.17 -4.24
N TYR A 49 -1.68 -2.97 -3.43
CA TYR A 49 -0.31 -3.11 -3.84
C TYR A 49 0.01 -4.54 -4.24
N MET A 50 -0.56 -5.46 -3.49
CA MET A 50 -0.40 -6.89 -3.82
C MET A 50 -1.19 -7.29 -5.03
N GLN A 51 -2.36 -6.69 -5.15
CA GLN A 51 -3.31 -6.98 -6.25
C GLN A 51 -2.68 -6.54 -7.59
N GLN A 52 -2.10 -5.35 -7.63
CA GLN A 52 -1.45 -4.84 -8.83
C GLN A 52 -0.29 -5.75 -9.22
N LEU A 53 0.50 -6.19 -8.23
CA LEU A 53 1.60 -7.08 -8.50
C LEU A 53 1.15 -8.42 -9.07
N TYR A 54 -0.01 -8.90 -8.66
CA TYR A 54 -0.56 -10.16 -9.18
C TYR A 54 -0.83 -10.05 -10.67
N GLN A 55 -1.33 -8.88 -11.10
CA GLN A 55 -1.55 -8.65 -12.54
C GLN A 55 -0.21 -8.53 -13.25
N VAL A 56 0.79 -8.00 -12.59
CA VAL A 56 2.09 -7.73 -13.25
C VAL A 56 2.77 -9.08 -13.47
N GLN A 57 2.59 -9.96 -12.51
CA GLN A 57 3.14 -11.30 -12.63
C GLN A 57 2.51 -12.03 -13.77
N LEU A 58 1.22 -11.99 -13.85
CA LEU A 58 0.53 -12.60 -14.97
C LEU A 58 0.87 -11.98 -16.28
N ALA A 59 1.18 -10.70 -16.28
CA ALA A 59 1.66 -10.04 -17.48
C ALA A 59 2.96 -10.66 -17.92
N GLN A 60 3.85 -10.91 -16.97
CA GLN A 60 5.14 -11.50 -17.36
C GLN A 60 4.94 -12.92 -17.82
N GLN A 61 4.06 -13.65 -17.13
CA GLN A 61 3.77 -15.05 -17.52
C GLN A 61 3.22 -15.10 -18.92
N GLN A 62 2.19 -14.32 -19.20
CA GLN A 62 1.57 -14.38 -20.54
C GLN A 62 2.47 -13.94 -21.68
N ALA A 63 3.39 -13.06 -21.40
CA ALA A 63 4.36 -12.60 -22.38
C ALA A 63 5.38 -13.70 -22.69
N ALA A 64 5.62 -14.59 -21.73
CA ALA A 64 6.48 -15.73 -22.00
C ALA A 64 5.69 -16.75 -22.82
N LEU A 65 4.42 -16.99 -22.44
CA LEU A 65 3.60 -18.03 -23.10
C LEU A 65 3.16 -17.70 -24.54
N GLN A 66 2.96 -16.40 -24.78
CA GLN A 66 2.50 -15.81 -26.08
C GLN A 66 1.61 -16.73 -26.87
N LYS A 67 0.62 -17.26 -26.19
CA LYS A 67 -0.34 -18.21 -26.77
C LYS A 67 -1.50 -17.54 -27.44
N GLN A 68 -1.31 -16.28 -27.84
CA GLN A 68 -2.39 -15.52 -28.49
C GLN A 68 -1.82 -15.01 -29.80
N GLN A 69 -2.03 -15.86 -30.82
CA GLN A 69 -1.55 -15.60 -32.19
C GLN A 69 -2.17 -14.33 -32.73
N MET A 1 13.47 -11.94 -1.32
CA MET A 1 12.26 -11.77 -2.26
C MET A 1 10.95 -12.41 -1.79
N GLN A 2 10.89 -12.83 -0.52
CA GLN A 2 9.69 -13.51 0.02
C GLN A 2 9.15 -12.84 1.30
N GLN A 3 9.24 -11.53 1.40
CA GLN A 3 8.85 -10.81 2.62
C GLN A 3 8.02 -9.54 2.34
N LYS A 4 6.70 -9.65 2.57
CA LYS A 4 5.79 -8.56 2.36
C LYS A 4 6.13 -7.29 3.16
N GLN A 5 6.78 -7.44 4.30
CA GLN A 5 7.12 -6.30 5.15
C GLN A 5 8.14 -5.41 4.51
N GLN A 6 8.98 -5.95 3.64
CA GLN A 6 9.93 -5.13 2.91
C GLN A 6 9.17 -4.10 2.01
N ILE A 7 8.12 -4.56 1.41
CA ILE A 7 7.28 -3.74 0.53
C ILE A 7 6.45 -2.77 1.34
N MET A 8 6.01 -3.20 2.51
CA MET A 8 5.25 -2.28 3.39
C MET A 8 6.11 -1.13 3.88
N ALA A 9 7.41 -1.40 4.14
CA ALA A 9 8.36 -0.38 4.59
C ALA A 9 8.54 0.67 3.50
N ALA A 10 8.52 0.24 2.25
CA ALA A 10 8.64 1.18 1.13
C ALA A 10 7.40 2.08 1.07
N LEU A 11 6.21 1.47 1.12
CA LEU A 11 4.94 2.21 1.10
C LEU A 11 4.78 3.16 2.28
N ASN A 12 5.39 2.79 3.41
CA ASN A 12 5.29 3.59 4.65
C ASN A 12 5.94 4.93 4.41
N SER A 13 7.04 4.95 3.67
CA SER A 13 7.77 6.18 3.41
C SER A 13 7.00 7.12 2.52
N GLN A 14 6.25 6.60 1.55
CA GLN A 14 5.49 7.42 0.62
C GLN A 14 4.27 8.08 1.25
N THR A 15 3.58 7.37 2.12
CA THR A 15 2.29 7.83 2.62
C THR A 15 2.28 8.26 4.09
N ALA A 16 3.44 8.41 4.71
CA ALA A 16 3.52 8.71 6.14
C ALA A 16 2.77 10.04 6.49
N VAL A 17 3.27 11.14 5.97
CA VAL A 17 2.67 12.44 6.24
C VAL A 17 1.31 12.56 5.52
N GLN A 18 1.12 11.80 4.47
CA GLN A 18 -0.13 11.76 3.72
C GLN A 18 -1.27 11.22 4.58
N PHE A 19 -1.03 10.13 5.29
CA PHE A 19 -2.04 9.56 6.19
C PHE A 19 -2.07 10.23 7.57
N GLN A 20 -0.96 10.83 7.99
CA GLN A 20 -0.89 11.54 9.28
C GLN A 20 -1.87 12.72 9.35
N GLN A 21 -1.98 13.50 8.27
CA GLN A 21 -2.89 14.60 8.24
C GLN A 21 -4.34 14.16 8.19
N TYR A 22 -4.61 13.01 7.54
CA TYR A 22 -5.97 12.46 7.53
C TYR A 22 -6.28 11.89 8.93
N ALA A 23 -5.29 11.31 9.59
CA ALA A 23 -5.52 10.74 10.91
C ALA A 23 -5.86 11.86 11.84
N ALA A 24 -5.28 13.03 11.65
CA ALA A 24 -5.54 14.15 12.53
C ALA A 24 -7.00 14.64 12.44
N GLN A 25 -7.63 14.42 11.31
CA GLN A 25 -9.01 14.79 11.11
C GLN A 25 -10.01 13.81 11.69
N GLN A 26 -9.54 12.63 12.03
CA GLN A 26 -10.39 11.58 12.58
C GLN A 26 -10.17 11.46 14.10
N TYR A 27 -8.93 11.62 14.53
CA TYR A 27 -8.59 11.58 15.95
C TYR A 27 -7.75 12.78 16.34
N PRO A 28 -8.36 14.00 16.38
CA PRO A 28 -7.47 15.11 16.71
C PRO A 28 -6.95 15.05 18.14
N GLY A 29 -5.73 15.47 18.34
CA GLY A 29 -5.12 15.44 19.68
C GLY A 29 -4.56 14.11 20.09
N ASN A 30 -5.13 13.01 19.58
CA ASN A 30 -4.77 11.69 20.07
C ASN A 30 -3.77 11.03 19.19
N TYR A 31 -2.51 11.34 19.45
CA TYR A 31 -1.39 10.78 18.70
C TYR A 31 -1.42 9.27 18.68
N GLU A 32 -1.69 8.65 19.83
CA GLU A 32 -1.72 7.18 19.88
C GLU A 32 -2.79 6.63 18.95
N GLN A 33 -3.96 7.25 18.96
CA GLN A 33 -5.07 6.80 18.12
C GLN A 33 -4.83 7.09 16.65
N GLN A 34 -4.21 8.23 16.38
CA GLN A 34 -3.81 8.58 15.01
C GLN A 34 -2.90 7.50 14.41
N GLN A 35 -2.04 6.95 15.23
CA GLN A 35 -1.06 5.97 14.73
C GLN A 35 -1.69 4.62 14.46
N ILE A 36 -2.62 4.24 15.32
CA ILE A 36 -3.39 2.99 15.12
C ILE A 36 -4.12 3.09 13.78
N LEU A 37 -4.68 4.27 13.47
CA LEU A 37 -5.40 4.46 12.23
C LEU A 37 -4.48 4.37 11.00
N ILE A 38 -3.34 5.05 11.05
CA ILE A 38 -2.37 5.02 9.94
C ILE A 38 -1.94 3.56 9.70
N ARG A 39 -1.77 2.76 10.74
CA ARG A 39 -1.43 1.35 10.58
C ARG A 39 -2.45 0.65 9.67
N GLN A 40 -3.75 0.85 9.93
CA GLN A 40 -4.81 0.22 9.12
C GLN A 40 -4.81 0.73 7.69
N LEU A 41 -4.66 2.05 7.50
CA LEU A 41 -4.74 2.64 6.14
C LEU A 41 -3.65 2.01 5.27
N GLN A 42 -2.47 1.84 5.84
CA GLN A 42 -1.34 1.27 5.10
C GLN A 42 -1.59 -0.21 4.80
N GLU A 43 -2.30 -0.89 5.68
CA GLU A 43 -2.61 -2.29 5.47
C GLU A 43 -3.58 -2.46 4.31
N GLN A 44 -4.55 -1.54 4.21
CA GLN A 44 -5.51 -1.57 3.10
C GLN A 44 -4.87 -1.10 1.77
N HIS A 45 -4.00 -0.09 1.85
CA HIS A 45 -3.27 0.39 0.67
C HIS A 45 -2.37 -0.75 0.12
N TYR A 46 -1.88 -1.62 0.99
CA TYR A 46 -1.08 -2.78 0.56
C TYR A 46 -1.89 -3.69 -0.34
N GLN A 47 -3.17 -3.84 -0.06
CA GLN A 47 -4.02 -4.74 -0.90
C GLN A 47 -4.28 -4.12 -2.28
N GLN A 48 -4.49 -2.79 -2.34
CA GLN A 48 -4.66 -2.10 -3.60
C GLN A 48 -3.35 -2.18 -4.41
N TYR A 49 -2.25 -2.03 -3.74
CA TYR A 49 -0.95 -2.12 -4.40
C TYR A 49 -0.70 -3.53 -4.91
N MET A 50 -1.02 -4.55 -4.12
CA MET A 50 -0.81 -5.92 -4.55
C MET A 50 -1.68 -6.20 -5.76
N GLN A 51 -2.93 -5.71 -5.71
CA GLN A 51 -3.82 -5.95 -6.84
C GLN A 51 -3.26 -5.34 -8.13
N GLN A 52 -2.75 -4.12 -8.10
CA GLN A 52 -2.20 -3.52 -9.30
C GLN A 52 -0.99 -4.32 -9.78
N LEU A 53 -0.16 -4.78 -8.87
CA LEU A 53 1.03 -5.53 -9.26
C LEU A 53 0.71 -6.87 -9.91
N TYR A 54 -0.42 -7.49 -9.61
CA TYR A 54 -0.82 -8.70 -10.28
C TYR A 54 -1.14 -8.39 -11.70
N GLN A 55 -1.74 -7.22 -11.95
CA GLN A 55 -2.03 -6.82 -13.34
C GLN A 55 -0.71 -6.43 -14.06
N VAL A 56 0.23 -5.84 -13.35
CA VAL A 56 1.50 -5.48 -13.93
C VAL A 56 2.27 -6.76 -14.29
N GLN A 57 2.24 -7.78 -13.43
CA GLN A 57 2.89 -9.05 -13.71
C GLN A 57 2.36 -9.63 -15.03
N LEU A 58 1.05 -9.62 -15.19
CA LEU A 58 0.45 -10.17 -16.39
C LEU A 58 0.82 -9.34 -17.63
N ALA A 59 1.00 -8.05 -17.46
CA ALA A 59 1.44 -7.21 -18.56
C ALA A 59 2.88 -7.59 -18.98
N GLN A 60 3.68 -8.01 -18.03
CA GLN A 60 5.05 -8.41 -18.33
C GLN A 60 5.12 -9.81 -18.94
N GLN A 61 4.17 -10.68 -18.56
CA GLN A 61 4.10 -11.99 -19.16
C GLN A 61 3.66 -11.90 -20.61
N GLN A 62 2.71 -11.03 -20.93
CA GLN A 62 2.26 -10.92 -22.31
C GLN A 62 3.29 -10.30 -23.19
N ALA A 63 4.19 -9.50 -22.58
CA ALA A 63 5.23 -8.82 -23.33
C ALA A 63 6.32 -9.81 -23.72
N ALA A 64 6.33 -10.94 -23.05
CA ALA A 64 7.24 -12.00 -23.37
C ALA A 64 6.59 -13.00 -24.32
N LEU A 65 5.28 -13.17 -24.24
CA LEU A 65 4.55 -14.11 -25.07
C LEU A 65 4.39 -13.56 -26.46
N GLN A 66 4.26 -12.23 -26.57
CA GLN A 66 4.10 -11.51 -27.83
C GLN A 66 3.06 -12.12 -28.79
N LYS A 67 2.05 -12.75 -28.19
CA LYS A 67 0.96 -13.46 -28.89
C LYS A 67 1.46 -14.47 -29.92
N GLN A 68 2.60 -15.09 -29.67
CA GLN A 68 3.15 -16.07 -30.56
C GLN A 68 2.45 -17.42 -30.35
N GLN A 69 1.25 -17.53 -30.97
CA GLN A 69 0.38 -18.70 -30.86
C GLN A 69 0.05 -19.35 -32.19
N MET A 1 4.88 -13.48 -2.14
CA MET A 1 4.92 -14.53 -1.11
C MET A 1 5.97 -14.30 -0.06
N GLN A 2 7.11 -13.85 -0.57
CA GLN A 2 8.35 -13.56 0.19
C GLN A 2 8.92 -12.15 -0.03
N GLN A 3 9.60 -11.62 0.98
CA GLN A 3 10.18 -10.25 0.96
C GLN A 3 9.12 -9.20 0.69
N LYS A 4 7.93 -9.47 1.25
CA LYS A 4 6.75 -8.61 1.12
C LYS A 4 6.77 -7.39 2.05
N GLN A 5 7.49 -7.51 3.18
CA GLN A 5 7.58 -6.45 4.14
C GLN A 5 8.42 -5.27 3.61
N GLN A 6 9.39 -5.55 2.75
CA GLN A 6 10.21 -4.49 2.10
C GLN A 6 9.37 -3.54 1.30
N ILE A 7 8.39 -4.08 0.59
CA ILE A 7 7.50 -3.26 -0.18
C ILE A 7 6.66 -2.38 0.78
N MET A 8 6.23 -2.92 1.93
CA MET A 8 5.40 -2.16 2.87
C MET A 8 6.18 -0.99 3.49
N ALA A 9 7.46 -1.21 3.75
CA ALA A 9 8.30 -0.18 4.29
C ALA A 9 8.38 1.01 3.28
N ALA A 10 8.53 0.72 1.98
CA ALA A 10 8.54 1.78 0.98
C ALA A 10 7.21 2.56 0.91
N LEU A 11 6.08 1.83 0.85
CA LEU A 11 4.76 2.47 0.78
C LEU A 11 4.53 3.27 2.07
N ASN A 12 5.01 2.79 3.20
CA ASN A 12 4.71 3.45 4.45
C ASN A 12 5.46 4.77 4.51
N SER A 13 6.64 4.78 3.87
CA SER A 13 7.51 5.97 3.92
C SER A 13 6.84 7.14 3.14
N GLN A 14 6.34 6.85 1.94
CA GLN A 14 5.76 7.86 1.06
C GLN A 14 4.35 8.35 1.44
N THR A 15 3.75 7.67 2.39
CA THR A 15 2.44 8.05 2.90
C THR A 15 2.44 8.38 4.41
N ALA A 16 3.60 8.45 5.02
CA ALA A 16 3.70 8.68 6.46
C ALA A 16 3.01 9.97 6.88
N VAL A 17 3.51 11.09 6.38
CA VAL A 17 2.93 12.42 6.68
C VAL A 17 1.54 12.58 6.05
N GLN A 18 1.33 12.03 4.85
CA GLN A 18 0.08 12.17 4.11
C GLN A 18 -1.05 11.53 4.91
N PHE A 19 -0.81 10.37 5.44
CA PHE A 19 -1.86 9.69 6.19
C PHE A 19 -1.96 10.32 7.57
N GLN A 20 -0.89 10.89 8.08
CA GLN A 20 -0.93 11.58 9.38
C GLN A 20 -1.92 12.75 9.28
N GLN A 21 -1.89 13.48 8.17
CA GLN A 21 -2.79 14.63 7.99
C GLN A 21 -4.26 14.16 8.03
N TYR A 22 -4.57 13.04 7.37
CA TYR A 22 -5.92 12.45 7.48
C TYR A 22 -6.26 11.84 8.85
N ALA A 23 -5.25 11.30 9.54
CA ALA A 23 -5.51 10.64 10.80
C ALA A 23 -5.85 11.72 11.86
N ALA A 24 -5.27 12.92 11.73
CA ALA A 24 -5.56 14.05 12.60
C ALA A 24 -6.98 14.58 12.35
N GLN A 25 -7.55 14.29 11.21
CA GLN A 25 -8.86 14.78 10.82
C GLN A 25 -9.92 13.83 11.37
N GLN A 26 -9.46 12.68 11.88
CA GLN A 26 -10.35 11.70 12.49
C GLN A 26 -10.18 11.71 14.01
N TYR A 27 -8.94 11.69 14.46
CA TYR A 27 -8.67 11.70 15.88
C TYR A 27 -7.82 12.94 16.26
N PRO A 28 -8.42 14.17 16.27
CA PRO A 28 -7.57 15.28 16.61
C PRO A 28 -7.08 15.20 18.06
N GLY A 29 -5.86 15.66 18.32
CA GLY A 29 -5.34 15.75 19.68
C GLY A 29 -4.94 14.44 20.33
N ASN A 30 -4.98 13.37 19.54
CA ASN A 30 -4.68 12.03 20.00
C ASN A 30 -3.70 11.38 19.04
N TYR A 31 -2.45 11.76 19.17
CA TYR A 31 -1.39 11.17 18.32
C TYR A 31 -1.45 9.62 18.47
N GLU A 32 -1.62 9.11 19.68
CA GLU A 32 -1.68 7.64 19.90
C GLU A 32 -2.76 6.98 19.06
N GLN A 33 -3.98 7.54 19.05
CA GLN A 33 -5.03 6.97 18.24
C GLN A 33 -4.81 7.18 16.73
N GLN A 34 -4.23 8.29 16.36
CA GLN A 34 -3.87 8.50 15.00
C GLN A 34 -2.93 7.38 14.49
N GLN A 35 -2.03 6.94 15.35
CA GLN A 35 -0.99 5.98 14.89
C GLN A 35 -1.59 4.60 14.60
N ILE A 36 -2.62 4.30 15.36
CA ILE A 36 -3.31 3.04 15.23
C ILE A 36 -4.06 3.02 13.88
N LEU A 37 -4.67 4.14 13.57
CA LEU A 37 -5.47 4.30 12.36
C LEU A 37 -4.62 4.20 11.07
N ILE A 38 -3.49 4.88 11.07
CA ILE A 38 -2.50 4.78 9.97
C ILE A 38 -2.04 3.35 9.79
N ARG A 39 -2.01 2.58 10.86
CA ARG A 39 -1.58 1.22 10.72
C ARG A 39 -2.47 0.49 9.76
N GLN A 40 -3.79 0.71 9.90
CA GLN A 40 -4.78 0.02 9.10
C GLN A 40 -4.84 0.59 7.70
N LEU A 41 -4.72 1.91 7.63
CA LEU A 41 -4.72 2.59 6.33
C LEU A 41 -3.66 1.97 5.41
N GLN A 42 -2.48 1.72 5.98
CA GLN A 42 -1.38 1.17 5.23
C GLN A 42 -1.65 -0.30 4.80
N GLU A 43 -2.26 -1.08 5.68
CA GLU A 43 -2.64 -2.48 5.32
C GLU A 43 -3.62 -2.53 4.13
N GLN A 44 -4.61 -1.66 4.14
CA GLN A 44 -5.57 -1.57 3.04
C GLN A 44 -4.90 -1.05 1.77
N HIS A 45 -3.99 -0.09 1.93
CA HIS A 45 -3.25 0.38 0.79
C HIS A 45 -2.37 -0.75 0.18
N TYR A 46 -1.84 -1.63 1.01
CA TYR A 46 -1.06 -2.76 0.52
C TYR A 46 -1.85 -3.66 -0.42
N GLN A 47 -3.13 -3.86 -0.15
CA GLN A 47 -4.01 -4.69 -0.98
C GLN A 47 -4.21 -4.00 -2.35
N GLN A 48 -4.36 -2.68 -2.30
CA GLN A 48 -4.57 -1.88 -3.53
C GLN A 48 -3.30 -1.95 -4.40
N TYR A 49 -2.17 -1.88 -3.77
CA TYR A 49 -0.90 -1.90 -4.52
C TYR A 49 -0.75 -3.27 -5.14
N MET A 50 -1.06 -4.29 -4.34
CA MET A 50 -1.04 -5.69 -4.82
C MET A 50 -1.96 -5.94 -5.95
N GLN A 51 -3.12 -5.25 -5.91
CA GLN A 51 -4.07 -5.37 -6.99
C GLN A 51 -3.49 -4.77 -8.30
N GLN A 52 -2.93 -3.56 -8.22
CA GLN A 52 -2.35 -2.88 -9.39
C GLN A 52 -1.25 -3.74 -10.03
N LEU A 53 -0.35 -4.23 -9.18
CA LEU A 53 0.76 -5.02 -9.64
C LEU A 53 0.26 -6.26 -10.36
N TYR A 54 -0.92 -6.78 -9.98
CA TYR A 54 -1.48 -7.95 -10.68
C TYR A 54 -1.88 -7.56 -12.11
N GLN A 55 -2.43 -6.37 -12.26
CA GLN A 55 -2.77 -5.87 -13.57
C GLN A 55 -1.54 -5.59 -14.42
N VAL A 56 -0.49 -5.06 -13.81
CA VAL A 56 0.79 -4.80 -14.53
C VAL A 56 1.44 -6.14 -14.95
N GLN A 57 1.39 -7.14 -14.09
CA GLN A 57 1.92 -8.47 -14.45
C GLN A 57 1.26 -8.96 -15.70
N LEU A 58 -0.03 -8.86 -15.75
CA LEU A 58 -0.81 -9.28 -16.93
C LEU A 58 -0.44 -8.45 -18.16
N ALA A 59 -0.19 -7.17 -17.92
CA ALA A 59 0.16 -6.25 -19.00
C ALA A 59 1.47 -6.65 -19.68
N GLN A 60 2.41 -7.08 -18.87
CA GLN A 60 3.65 -7.56 -19.40
C GLN A 60 3.55 -8.94 -19.99
N GLN A 61 2.64 -9.76 -19.43
CA GLN A 61 2.39 -11.10 -19.99
C GLN A 61 1.81 -11.03 -21.38
N GLN A 62 0.82 -10.18 -21.60
CA GLN A 62 0.24 -10.08 -22.93
C GLN A 62 1.24 -9.45 -23.93
N ALA A 63 2.14 -8.62 -23.45
CA ALA A 63 3.13 -8.04 -24.29
C ALA A 63 4.15 -9.06 -24.76
N ALA A 64 4.42 -10.04 -23.90
CA ALA A 64 5.33 -11.10 -24.25
C ALA A 64 4.66 -12.08 -25.17
N LEU A 65 3.35 -12.30 -24.95
CA LEU A 65 2.61 -13.28 -25.75
C LEU A 65 2.43 -12.81 -27.20
N GLN A 66 2.08 -11.53 -27.34
CA GLN A 66 1.74 -10.89 -28.66
C GLN A 66 1.05 -11.92 -29.56
N LYS A 67 0.01 -12.58 -29.01
CA LYS A 67 -0.70 -13.64 -29.71
C LYS A 67 -2.19 -13.34 -29.97
N GLN A 68 -2.63 -12.11 -29.88
CA GLN A 68 -4.01 -11.78 -30.15
C GLN A 68 -4.09 -11.58 -31.67
N GLN A 69 -4.38 -12.64 -32.40
CA GLN A 69 -4.54 -12.53 -33.91
C GLN A 69 -5.86 -13.06 -34.50
#